data_6GFZ
#
_entry.id   6GFZ
#
_cell.length_a   93.609
_cell.length_b   93.609
_cell.length_c   364.511
_cell.angle_alpha   90.000
_cell.angle_beta   90.000
_cell.angle_gamma   90.000
#
_symmetry.space_group_name_H-M   'P 41 2 2'
#
loop_
_entity.id
_entity.type
_entity.pdbx_description
1 polymer Elongin-B
2 polymer Elongin-C
3 polymer 'von Hippel-Lindau disease tumor suppressor'
4 non-polymer (2~{R},3~{S},4~{S})-1-[(2~{S})-2-acetamido-3,3-dimethyl-butanoyl]-3-fluoranyl-~{N}-[[4-(4-methyl-1,3-thiazol-5-yl)phenyl]methyl]-4-oxidanyl-pyrrolidine-2-carboxamide
5 water water
#
loop_
_entity_poly.entity_id
_entity_poly.type
_entity_poly.pdbx_seq_one_letter_code
_entity_poly.pdbx_strand_id
1 'polypeptide(L)'
;MDVFLMIRRHKTTIFTDAKESSTVFELKRIVEGILKRPPDEQRLYKDDQLLDDGKTLGE(CAS)GFTSQTARPQAPATVG
LAFRADDTFEAL(CAS)IEPFSSPPELPDVMK
;
A,D,G,J
2 'polypeptide(L)'
;MMYVKLISSDGHEFIVKREHALTSGTIKAMLSGPGQFAENETNEVNFREIPSHVLSKVCMYFTYKVRYTNSSTEIPEFPI
APEIALELLMAANFLDC
;
B,E,H,K
3 'polypeptide(L)'
;GSMEAGRPRPVLRSVNSREPSQVIF(CAS)NRSPRVVLPVWLNFDGEPQPYPTLPPGTGRRIHSYRGHLWLFRDAGTHDG
LLVNQTELFVPSLNVDGQPIFANITLPVYTLKERCLQVVRSLVKPENYRRLDIVRSLYEDLEDHPNVQKDLERLTQERIA
HQRMGD
;
C,F,I,L
#
# COMPACT_ATOMS: atom_id res chain seq x y z
N MET A 1 -34.27 -3.79 23.83
CA MET A 1 -32.84 -4.17 23.68
C MET A 1 -32.19 -4.26 25.05
N ASP A 2 -31.34 -5.28 25.22
CA ASP A 2 -30.60 -5.48 26.46
C ASP A 2 -29.37 -4.60 26.53
N VAL A 3 -29.11 -4.05 27.71
CA VAL A 3 -27.87 -3.36 27.98
C VAL A 3 -27.17 -4.15 29.07
N PHE A 4 -25.85 -4.23 28.98
CA PHE A 4 -25.03 -5.01 29.91
C PHE A 4 -24.18 -4.11 30.76
N LEU A 5 -24.26 -4.34 32.07
CA LEU A 5 -23.77 -3.39 33.05
C LEU A 5 -22.90 -4.04 34.10
N MET A 6 -22.02 -3.20 34.63
CA MET A 6 -21.37 -3.41 35.91
C MET A 6 -21.86 -2.31 36.87
N ILE A 7 -22.48 -2.71 37.96
CA ILE A 7 -22.94 -1.75 38.94
C ILE A 7 -21.92 -1.73 40.07
N ARG A 8 -21.24 -0.60 40.28
CA ARG A 8 -20.03 -0.60 41.10
C ARG A 8 -20.07 0.34 42.27
N ARG A 9 -19.62 -0.17 43.41
CA ARG A 9 -19.46 0.64 44.61
C ARG A 9 -18.33 0.09 45.44
N HIS A 10 -17.40 0.96 45.87
CA HIS A 10 -16.27 0.55 46.70
C HIS A 10 -15.60 -0.67 46.03
N LYS A 11 -15.59 -1.83 46.68
CA LYS A 11 -14.99 -3.05 46.12
C LYS A 11 -16.05 -4.06 45.69
N THR A 12 -17.26 -3.58 45.41
CA THR A 12 -18.36 -4.43 44.96
C THR A 12 -18.67 -4.11 43.48
N THR A 13 -18.90 -5.14 42.68
CA THR A 13 -19.25 -5.00 41.27
C THR A 13 -20.32 -6.06 40.92
N ILE A 14 -21.53 -5.61 40.55
CA ILE A 14 -22.58 -6.53 40.11
C ILE A 14 -22.56 -6.57 38.58
N PHE A 15 -22.49 -7.76 37.99
CA PHE A 15 -22.70 -7.90 36.54
C PHE A 15 -24.15 -8.25 36.33
N THR A 16 -24.86 -7.42 35.58
CA THR A 16 -26.23 -7.74 35.23
C THR A 16 -26.59 -7.06 33.91
N ASP A 17 -27.76 -7.40 33.39
CA ASP A 17 -28.30 -6.73 32.21
C ASP A 17 -29.67 -6.17 32.54
N ALA A 18 -30.13 -5.26 31.70
CA ALA A 18 -31.47 -4.65 31.85
C ALA A 18 -31.94 -4.17 30.50
N LYS A 19 -33.20 -3.82 30.38
CA LYS A 19 -33.70 -3.23 29.14
C LYS A 19 -33.32 -1.79 29.04
N GLU A 20 -33.06 -1.37 27.81
CA GLU A 20 -32.84 0.03 27.51
C GLU A 20 -34.04 0.88 27.96
N SER A 21 -35.23 0.29 27.91
CA SER A 21 -36.47 1.00 28.25
C SER A 21 -36.77 0.98 29.75
N SER A 22 -36.01 0.18 30.50
CA SER A 22 -36.23 0.09 31.95
C SER A 22 -35.72 1.34 32.64
N THR A 23 -36.17 1.58 33.85
CA THR A 23 -35.84 2.83 34.53
C THR A 23 -34.73 2.65 35.55
N VAL A 24 -34.18 3.80 35.95
CA VAL A 24 -33.18 3.89 36.97
C VAL A 24 -33.72 3.27 38.26
N PHE A 25 -34.97 3.62 38.61
CA PHE A 25 -35.61 3.05 39.77
C PHE A 25 -35.68 1.55 39.68
N GLU A 26 -36.04 1.03 38.50
CA GLU A 26 -36.05 -0.42 38.30
C GLU A 26 -34.67 -1.06 38.50
N LEU A 27 -33.60 -0.38 38.09
CA LEU A 27 -32.26 -0.88 38.39
C LEU A 27 -32.01 -0.91 39.90
N LYS A 28 -32.43 0.13 40.63
CA LYS A 28 -32.32 0.13 42.10
C LYS A 28 -33.03 -1.06 42.75
N ARG A 29 -34.17 -1.49 42.17
CA ARG A 29 -34.89 -2.66 42.68
C ARG A 29 -34.04 -3.91 42.43
N ILE A 30 -33.33 -3.94 41.31
CA ILE A 30 -32.42 -5.05 41.04
C ILE A 30 -31.34 -5.08 42.11
N VAL A 31 -30.66 -3.96 42.32
CA VAL A 31 -29.64 -3.87 43.36
C VAL A 31 -30.22 -4.24 44.71
N GLU A 32 -31.45 -3.81 44.99
CA GLU A 32 -32.09 -4.15 46.26
C GLU A 32 -32.15 -5.66 46.48
N GLY A 33 -32.60 -6.39 45.45
CA GLY A 33 -32.67 -7.86 45.52
C GLY A 33 -31.34 -8.52 45.86
N ILE A 34 -30.24 -7.91 45.38
CA ILE A 34 -28.88 -8.47 45.55
C ILE A 34 -28.19 -8.01 46.83
N LEU A 35 -28.18 -6.70 47.08
CA LEU A 35 -27.43 -6.12 48.20
C LEU A 35 -28.27 -5.82 49.42
N LYS A 36 -29.57 -6.11 49.35
CA LYS A 36 -30.49 -5.92 50.48
C LYS A 36 -30.56 -4.48 51.02
N ARG A 37 -30.61 -3.52 50.10
CA ARG A 37 -30.77 -2.11 50.46
C ARG A 37 -31.85 -1.51 49.58
N PRO A 38 -32.81 -0.78 50.19
CA PRO A 38 -33.93 -0.30 49.39
C PRO A 38 -33.55 0.91 48.50
N PRO A 39 -34.38 1.22 47.48
CA PRO A 39 -34.08 2.29 46.53
C PRO A 39 -33.81 3.66 47.16
N ASP A 40 -34.58 4.03 48.18
CA ASP A 40 -34.37 5.31 48.89
C ASP A 40 -33.00 5.43 49.57
N GLU A 41 -32.29 4.30 49.75
CA GLU A 41 -30.94 4.33 50.33
C GLU A 41 -29.84 4.19 49.27
N GLN A 42 -30.23 4.36 48.00
CA GLN A 42 -29.36 4.17 46.84
C GLN A 42 -29.29 5.43 45.99
N ARG A 43 -28.08 5.72 45.50
CA ARG A 43 -27.90 6.68 44.43
C ARG A 43 -27.12 6.01 43.30
N LEU A 44 -27.68 6.07 42.09
CA LEU A 44 -26.99 5.58 40.89
C LEU A 44 -26.42 6.75 40.07
N TYR A 45 -25.25 6.50 39.46
CA TYR A 45 -24.53 7.52 38.69
C TYR A 45 -24.06 6.99 37.34
N LYS A 46 -23.99 7.90 36.37
CA LYS A 46 -23.20 7.67 35.19
C LYS A 46 -22.07 8.66 35.34
N ASP A 47 -20.85 8.13 35.55
CA ASP A 47 -19.71 8.93 35.89
C ASP A 47 -20.06 9.72 37.15
N ASP A 48 -20.00 11.04 37.13
CA ASP A 48 -20.31 11.83 38.30
C ASP A 48 -21.76 12.33 38.32
N GLN A 49 -22.53 11.99 37.29
CA GLN A 49 -23.89 12.47 37.20
C GLN A 49 -24.87 11.58 37.94
N LEU A 50 -25.56 12.16 38.92
CA LEU A 50 -26.60 11.47 39.66
C LEU A 50 -27.77 11.20 38.75
N LEU A 51 -28.26 9.96 38.75
CA LEU A 51 -29.32 9.55 37.85
C LEU A 51 -30.73 9.67 38.46
N ASP A 52 -31.66 10.27 37.71
CA ASP A 52 -33.08 10.39 38.10
C ASP A 52 -33.87 9.07 37.94
N ASP A 53 -34.60 8.72 38.98
CA ASP A 53 -35.37 7.48 39.08
C ASP A 53 -36.28 7.18 37.91
N GLY A 54 -36.92 8.21 37.38
CA GLY A 54 -37.96 8.04 36.36
C GLY A 54 -37.43 7.85 34.96
N LYS A 55 -36.14 8.10 34.77
CA LYS A 55 -35.55 8.07 33.44
C LYS A 55 -35.19 6.66 33.04
N THR A 56 -35.23 6.42 31.74
CA THR A 56 -34.79 5.14 31.23
C THR A 56 -33.26 5.13 31.15
N LEU A 57 -32.71 3.92 31.12
CA LEU A 57 -31.28 3.71 31.04
C LEU A 57 -30.80 4.26 29.70
N GLY A 58 -31.63 4.07 28.67
CA GLY A 58 -31.44 4.66 27.35
C GLY A 58 -31.30 6.17 27.36
N GLU A 59 -32.22 6.86 28.04
CA GLU A 59 -32.15 8.32 28.19
C GLU A 59 -30.87 8.77 28.88
N GLY A 61 -28.13 7.25 28.58
CA GLY A 61 -26.99 6.90 27.72
C GLY A 61 -26.45 5.48 27.83
N PHE A 62 -27.20 4.58 28.46
CA PHE A 62 -26.84 3.16 28.43
C PHE A 62 -27.59 2.51 27.31
N THR A 63 -26.88 2.30 26.19
CA THR A 63 -27.51 1.78 24.98
C THR A 63 -26.93 0.43 24.61
N SER A 64 -27.71 -0.35 23.86
CA SER A 64 -27.33 -1.72 23.52
C SER A 64 -25.96 -1.79 22.87
N GLN A 65 -25.61 -0.76 22.13
CA GLN A 65 -24.36 -0.75 21.41
C GLN A 65 -23.18 -0.16 22.18
N THR A 66 -23.43 0.43 23.34
CA THR A 66 -22.32 0.87 24.19
C THR A 66 -22.20 0.02 25.46
N ALA A 67 -23.30 -0.58 25.88
CA ALA A 67 -23.27 -1.42 27.05
C ALA A 67 -23.33 -2.88 26.60
N ARG A 68 -22.19 -3.37 26.14
CA ARG A 68 -22.07 -4.67 25.47
C ARG A 68 -21.71 -5.78 26.47
N PRO A 69 -22.08 -7.04 26.17
CA PRO A 69 -21.76 -8.19 27.03
C PRO A 69 -20.27 -8.32 27.36
N GLN A 70 -19.43 -8.11 26.36
CA GLN A 70 -17.98 -8.26 26.52
C GLN A 70 -17.28 -6.98 26.93
N ALA A 71 -18.06 -5.91 27.09
CA ALA A 71 -17.53 -4.59 27.50
C ALA A 71 -18.67 -3.80 28.13
N PRO A 72 -19.11 -4.21 29.31
CA PRO A 72 -20.29 -3.61 29.91
C PRO A 72 -20.04 -2.18 30.37
N ALA A 73 -21.10 -1.39 30.40
CA ALA A 73 -21.02 0.00 30.87
C ALA A 73 -21.13 0.00 32.40
N THR A 74 -20.51 0.98 33.03
CA THR A 74 -20.43 1.08 34.48
C THR A 74 -21.49 2.05 35.04
N VAL A 75 -22.24 1.56 36.02
CA VAL A 75 -23.15 2.37 36.79
C VAL A 75 -22.59 2.51 38.19
N GLY A 76 -22.42 3.75 38.64
CA GLY A 76 -21.90 4.02 39.98
C GLY A 76 -23.00 3.88 40.99
N LEU A 77 -22.66 3.46 42.20
CA LEU A 77 -23.64 3.22 43.26
C LEU A 77 -23.13 3.76 44.57
N ALA A 78 -24.00 4.48 45.28
CA ALA A 78 -23.70 4.97 46.65
C ALA A 78 -24.86 4.67 47.61
N PHE A 79 -24.50 4.34 48.86
CA PHE A 79 -25.49 4.09 49.91
C PHE A 79 -25.62 5.22 50.92
N ARG A 80 -26.84 5.37 51.44
CA ARG A 80 -27.09 6.24 52.57
C ARG A 80 -26.68 5.52 53.84
N ALA A 81 -25.90 6.19 54.66
CA ALA A 81 -25.64 5.75 56.04
C ALA A 81 -26.34 6.75 56.95
N ASP A 82 -27.32 6.27 57.72
CA ASP A 82 -28.14 7.10 58.62
C ASP A 82 -28.90 8.21 57.85
N ASP A 83 -28.56 9.48 58.12
CA ASP A 83 -29.23 10.62 57.50
C ASP A 83 -28.71 10.91 56.08
N THR A 84 -27.39 10.76 55.87
CA THR A 84 -26.71 11.31 54.70
C THR A 84 -26.06 10.24 53.80
N PHE A 85 -25.82 10.61 52.54
CA PHE A 85 -25.19 9.70 51.58
C PHE A 85 -23.69 9.85 51.61
N GLU A 86 -23.01 8.72 51.62
CA GLU A 86 -21.58 8.67 51.34
C GLU A 86 -21.33 9.23 49.95
N ALA A 87 -20.11 9.68 49.73
CA ALA A 87 -19.68 10.14 48.41
C ALA A 87 -19.57 8.93 47.51
N LEU A 88 -19.62 9.15 46.21
CA LEU A 88 -19.40 8.07 45.25
C LEU A 88 -17.94 7.64 45.29
N ILE A 90 -15.49 4.44 43.96
CA ILE A 90 -15.29 3.17 43.22
C ILE A 90 -13.82 2.78 43.25
N GLU A 91 -13.51 1.68 43.93
CA GLU A 91 -12.14 1.18 43.96
C GLU A 91 -11.73 0.69 42.57
N PRO A 92 -10.62 1.22 42.02
CA PRO A 92 -10.18 0.69 40.73
C PRO A 92 -9.76 -0.78 40.81
N PHE A 93 -9.80 -1.48 39.69
CA PHE A 93 -9.24 -2.84 39.65
C PHE A 93 -7.73 -2.77 39.76
N SER A 94 -7.13 -3.91 40.03
CA SER A 94 -5.69 -3.99 40.13
C SER A 94 -5.02 -3.63 38.78
N SER A 95 -3.73 -3.30 38.85
CA SER A 95 -2.94 -2.94 37.69
C SER A 95 -2.23 -4.15 37.10
N PRO A 96 -2.34 -4.33 35.77
CA PRO A 96 -1.53 -5.36 35.12
C PRO A 96 -0.05 -5.08 35.31
N PRO A 97 0.77 -6.14 35.38
CA PRO A 97 2.20 -5.99 35.50
C PRO A 97 2.77 -5.61 34.15
N GLU A 98 4.07 -5.32 34.09
CA GLU A 98 4.72 -5.02 32.81
C GLU A 98 4.68 -6.24 31.89
N LEU A 99 4.43 -5.99 30.61
CA LEU A 99 4.56 -7.02 29.58
C LEU A 99 5.95 -7.64 29.65
N PRO A 100 6.03 -8.98 29.74
CA PRO A 100 7.33 -9.64 29.66
C PRO A 100 8.05 -9.26 28.37
N ASP A 101 9.39 -9.38 28.38
CA ASP A 101 10.19 -9.01 27.21
C ASP A 101 9.66 -9.63 25.93
N VAL A 102 9.34 -10.92 26.01
CA VAL A 102 8.98 -11.70 24.83
C VAL A 102 7.60 -11.37 24.26
N MET A 103 6.86 -10.46 24.88
CA MET A 103 5.57 -9.99 24.35
C MET A 103 5.67 -8.58 23.74
N LYS A 104 6.87 -8.00 23.77
CA LYS A 104 7.14 -6.75 23.07
C LYS A 104 7.76 -7.04 21.70
N MET B 1 -33.77 -13.87 40.98
CA MET B 1 -32.59 -14.48 40.29
C MET B 1 -31.48 -14.80 41.30
N MET B 2 -30.85 -15.97 41.12
CA MET B 2 -29.81 -16.43 42.02
C MET B 2 -28.45 -15.90 41.55
N TYR B 3 -27.71 -15.31 42.48
CA TYR B 3 -26.41 -14.75 42.20
C TYR B 3 -25.37 -15.44 43.09
N VAL B 4 -24.11 -15.41 42.65
CA VAL B 4 -23.00 -15.91 43.45
C VAL B 4 -21.97 -14.83 43.49
N LYS B 5 -21.11 -14.88 44.50
CA LYS B 5 -20.05 -13.91 44.66
C LYS B 5 -18.69 -14.56 44.43
N LEU B 6 -17.93 -13.98 43.51
CA LEU B 6 -16.57 -14.41 43.19
C LEU B 6 -15.61 -13.33 43.68
N ILE B 7 -14.66 -13.71 44.52
CA ILE B 7 -13.80 -12.73 45.19
C ILE B 7 -12.36 -12.84 44.72
N SER B 8 -11.81 -11.73 44.25
CA SER B 8 -10.48 -11.70 43.66
C SER B 8 -9.42 -11.68 44.75
N SER B 9 -8.19 -11.94 44.36
CA SER B 9 -7.12 -12.06 45.34
C SER B 9 -6.94 -10.76 46.13
N ASP B 10 -7.20 -9.64 45.46
CA ASP B 10 -7.10 -8.31 46.06
C ASP B 10 -8.41 -7.80 46.67
N GLY B 11 -9.38 -8.68 46.91
CA GLY B 11 -10.57 -8.30 47.65
C GLY B 11 -11.76 -7.73 46.88
N HIS B 12 -11.67 -7.59 45.55
CA HIS B 12 -12.86 -7.14 44.79
C HIS B 12 -13.87 -8.26 44.75
N GLU B 13 -15.13 -7.90 45.01
CA GLU B 13 -16.24 -8.84 45.04
C GLU B 13 -17.11 -8.67 43.80
N PHE B 14 -17.16 -9.72 43.01
CA PHE B 14 -17.89 -9.74 41.75
C PHE B 14 -19.12 -10.59 41.95
N ILE B 15 -20.28 -10.00 41.67
CA ILE B 15 -21.55 -10.67 41.85
C ILE B 15 -22.17 -10.94 40.49
N VAL B 16 -22.27 -12.23 40.14
CA VAL B 16 -22.72 -12.65 38.82
C VAL B 16 -23.82 -13.66 38.98
N LYS B 17 -24.64 -13.82 37.95
CA LYS B 17 -25.70 -14.84 37.98
C LYS B 17 -25.09 -16.21 38.20
N ARG B 18 -25.74 -17.04 39.00
CA ARG B 18 -25.26 -18.40 39.27
C ARG B 18 -25.03 -19.19 37.97
N GLU B 19 -26.02 -19.11 37.07
CA GLU B 19 -25.96 -19.76 35.76
C GLU B 19 -24.67 -19.41 35.04
N HIS B 20 -24.27 -18.14 35.10
CA HIS B 20 -23.07 -17.69 34.40
C HIS B 20 -21.80 -18.26 35.01
N ALA B 21 -21.72 -18.26 36.34
CA ALA B 21 -20.56 -18.79 37.03
C ALA B 21 -20.37 -20.28 36.73
N LEU B 22 -21.48 -21.02 36.58
CA LEU B 22 -21.41 -22.45 36.27
C LEU B 22 -20.88 -22.75 34.87
N THR B 23 -20.69 -21.73 34.04
CA THR B 23 -19.84 -21.86 32.86
C THR B 23 -18.54 -22.60 33.23
N SER B 24 -18.03 -22.35 34.43
CA SER B 24 -16.79 -22.97 34.90
C SER B 24 -17.04 -24.19 35.76
N GLY B 25 -16.56 -25.32 35.28
CA GLY B 25 -16.66 -26.58 36.01
C GLY B 25 -15.93 -26.49 37.34
N THR B 26 -14.83 -25.73 37.36
CA THR B 26 -14.07 -25.51 38.59
C THR B 26 -14.90 -24.77 39.64
N ILE B 27 -15.61 -23.73 39.20
CA ILE B 27 -16.44 -22.94 40.10
C ILE B 27 -17.63 -23.75 40.57
N LYS B 28 -18.24 -24.51 39.65
CA LYS B 28 -19.32 -25.41 40.04
C LYS B 28 -18.90 -26.31 41.18
N ALA B 29 -17.66 -26.80 41.14
CA ALA B 29 -17.13 -27.67 42.19
C ALA B 29 -16.84 -26.93 43.50
N MET B 30 -16.33 -25.71 43.41
CA MET B 30 -16.11 -24.90 44.60
C MET B 30 -17.42 -24.51 45.30
N LEU B 31 -18.49 -24.32 44.54
CA LEU B 31 -19.82 -24.09 45.08
C LEU B 31 -20.47 -25.41 45.53
N SER B 32 -20.47 -26.41 44.65
CA SER B 32 -21.02 -27.76 44.95
C SER B 32 -19.93 -28.74 45.40
N ASN B 43 -22.38 -19.69 48.66
CA ASN B 43 -22.52 -18.83 47.49
C ASN B 43 -21.35 -17.84 47.30
N GLU B 44 -20.20 -18.11 47.90
CA GLU B 44 -19.02 -17.27 47.69
C GLU B 44 -17.80 -18.15 47.43
N VAL B 45 -16.97 -17.76 46.48
CA VAL B 45 -15.68 -18.39 46.25
C VAL B 45 -14.59 -17.34 46.25
N ASN B 46 -13.50 -17.63 46.96
CA ASN B 46 -12.32 -16.78 46.98
C ASN B 46 -11.26 -17.34 46.04
N PHE B 47 -10.72 -16.48 45.19
CA PHE B 47 -9.64 -16.85 44.31
C PHE B 47 -8.36 -16.16 44.74
N ARG B 48 -7.48 -16.90 45.39
CA ARG B 48 -6.24 -16.35 45.90
C ARG B 48 -5.22 -15.99 44.85
N GLU B 49 -5.34 -16.51 43.64
CA GLU B 49 -4.35 -16.22 42.62
C GLU B 49 -4.84 -15.30 41.49
N ILE B 50 -6.11 -14.93 41.51
CA ILE B 50 -6.70 -14.19 40.38
C ILE B 50 -7.01 -12.78 40.83
N PRO B 51 -6.22 -11.80 40.38
CA PRO B 51 -6.50 -10.41 40.70
C PRO B 51 -7.70 -9.84 39.90
N SER B 52 -8.24 -8.74 40.41
CA SER B 52 -9.48 -8.16 39.93
C SER B 52 -9.42 -7.80 38.45
N HIS B 53 -8.28 -7.30 37.97
CA HIS B 53 -8.18 -6.99 36.55
C HIS B 53 -8.29 -8.23 35.66
N VAL B 54 -8.11 -9.42 36.21
CA VAL B 54 -8.30 -10.66 35.48
C VAL B 54 -9.69 -11.23 35.73
N LEU B 55 -10.12 -11.27 36.98
CA LEU B 55 -11.43 -11.83 37.31
C LEU B 55 -12.62 -11.03 36.73
N SER B 56 -12.48 -9.71 36.65
CA SER B 56 -13.50 -8.88 35.96
C SER B 56 -13.69 -9.33 34.51
N LYS B 57 -12.59 -9.52 33.81
CA LYS B 57 -12.62 -10.05 32.44
C LYS B 57 -13.24 -11.44 32.34
N VAL B 58 -12.89 -12.30 33.29
CA VAL B 58 -13.53 -13.61 33.34
C VAL B 58 -15.05 -13.46 33.36
N CYS B 59 -15.55 -12.57 34.22
CA CYS B 59 -17.01 -12.31 34.33
C CYS B 59 -17.58 -11.77 33.03
N MET B 60 -16.84 -10.87 32.38
CA MET B 60 -17.27 -10.36 31.07
C MET B 60 -17.40 -11.51 30.08
N TYR B 61 -16.48 -12.48 30.15
CA TYR B 61 -16.52 -13.60 29.25
C TYR B 61 -17.79 -14.43 29.50
N PHE B 62 -18.12 -14.68 30.75
CA PHE B 62 -19.37 -15.42 31.05
C PHE B 62 -20.54 -14.74 30.38
N THR B 63 -20.61 -13.40 30.51
CA THR B 63 -21.74 -12.67 29.94
C THR B 63 -21.79 -12.84 28.43
N TYR B 64 -20.62 -12.75 27.82
CA TYR B 64 -20.42 -12.85 26.39
C TYR B 64 -20.79 -14.21 25.86
N LYS B 65 -20.33 -15.26 26.55
CA LYS B 65 -20.57 -16.62 26.13
C LYS B 65 -22.04 -16.98 26.21
N VAL B 66 -22.69 -16.60 27.31
CA VAL B 66 -24.12 -16.91 27.49
C VAL B 66 -24.93 -16.17 26.42
N ARG B 67 -24.57 -14.91 26.16
CA ARG B 67 -25.29 -14.10 25.19
C ARG B 67 -25.15 -14.63 23.77
N TYR B 68 -23.94 -15.03 23.37
CA TYR B 68 -23.68 -15.40 21.98
C TYR B 68 -23.67 -16.91 21.70
N THR B 69 -23.72 -17.76 22.70
CA THR B 69 -23.84 -19.21 22.43
C THR B 69 -25.20 -19.50 21.78
N ASN B 70 -25.19 -20.34 20.74
CA ASN B 70 -26.41 -20.67 19.99
C ASN B 70 -27.23 -19.42 19.62
N SER B 71 -26.56 -18.46 18.98
CA SER B 71 -27.21 -17.26 18.47
C SER B 71 -26.61 -16.95 17.09
N SER B 72 -27.46 -16.54 16.14
CA SER B 72 -27.04 -16.30 14.75
C SER B 72 -26.72 -14.82 14.46
N THR B 73 -27.12 -13.90 15.35
CA THR B 73 -26.65 -12.51 15.30
C THR B 73 -25.12 -12.52 15.29
N GLU B 74 -24.52 -11.90 14.28
CA GLU B 74 -23.08 -11.94 14.06
C GLU B 74 -22.33 -11.77 15.38
N ILE B 75 -21.30 -12.58 15.55
CA ILE B 75 -20.62 -12.71 16.82
C ILE B 75 -19.38 -11.80 16.80
N PRO B 76 -19.25 -10.89 17.77
CA PRO B 76 -18.07 -10.06 17.75
C PRO B 76 -16.91 -10.74 18.46
N GLU B 77 -15.72 -10.22 18.24
CA GLU B 77 -14.51 -10.73 18.84
C GLU B 77 -14.52 -10.46 20.35
N PHE B 78 -14.16 -11.44 21.16
CA PHE B 78 -13.92 -11.18 22.56
C PHE B 78 -12.56 -10.50 22.73
N PRO B 79 -12.53 -9.26 23.25
CA PRO B 79 -11.29 -8.50 23.28
C PRO B 79 -10.43 -8.81 24.52
N ILE B 80 -9.13 -8.92 24.34
CA ILE B 80 -8.24 -9.16 25.47
C ILE B 80 -6.99 -8.32 25.26
N ALA B 81 -6.78 -7.37 26.16
CA ALA B 81 -5.61 -6.49 26.08
C ALA B 81 -4.36 -7.33 26.26
N PRO B 82 -3.30 -7.00 25.52
CA PRO B 82 -2.00 -7.71 25.65
C PRO B 82 -1.49 -7.87 27.07
N GLU B 83 -1.68 -6.86 27.90
CA GLU B 83 -1.07 -6.84 29.24
C GLU B 83 -1.71 -7.85 30.19
N ILE B 84 -2.96 -8.20 29.93
CA ILE B 84 -3.67 -9.17 30.78
C ILE B 84 -3.71 -10.59 30.19
N ALA B 85 -3.23 -10.74 28.96
CA ALA B 85 -3.47 -11.97 28.22
C ALA B 85 -2.85 -13.19 28.91
N LEU B 86 -1.63 -13.04 29.39
CA LEU B 86 -0.93 -14.16 30.03
C LEU B 86 -1.64 -14.60 31.32
N GLU B 87 -1.97 -13.66 32.18
CA GLU B 87 -2.67 -13.98 33.43
C GLU B 87 -4.10 -14.52 33.17
N LEU B 88 -4.77 -13.99 32.16
CA LEU B 88 -6.10 -14.49 31.77
C LEU B 88 -5.98 -15.94 31.29
N LEU B 89 -4.89 -16.25 30.57
CA LEU B 89 -4.67 -17.60 30.08
C LEU B 89 -4.62 -18.56 31.25
N MET B 90 -3.78 -18.23 32.22
CA MET B 90 -3.64 -19.08 33.39
C MET B 90 -4.98 -19.24 34.12
N ALA B 91 -5.75 -18.16 34.28
CA ALA B 91 -7.07 -18.24 34.94
C ALA B 91 -8.02 -19.15 34.17
N ALA B 92 -8.07 -18.96 32.86
CA ALA B 92 -8.89 -19.77 31.98
C ALA B 92 -8.53 -21.24 32.10
N ASN B 93 -7.25 -21.52 32.21
CA ASN B 93 -6.79 -22.88 32.32
C ASN B 93 -7.19 -23.50 33.65
N PHE B 94 -7.03 -22.76 34.75
CA PHE B 94 -7.45 -23.23 36.08
C PHE B 94 -8.94 -23.50 36.14
N LEU B 95 -9.73 -22.56 35.58
CA LEU B 95 -11.18 -22.59 35.62
C LEU B 95 -11.79 -23.48 34.52
N ASP B 96 -10.97 -23.96 33.59
CA ASP B 96 -11.45 -24.79 32.49
C ASP B 96 -12.58 -24.11 31.72
N CYS B 97 -12.36 -22.88 31.25
CA CYS B 97 -13.40 -22.14 30.52
C CYS B 97 -12.92 -21.50 29.20
N VAL C 11 -11.80 -40.62 3.73
CA VAL C 11 -13.23 -40.59 4.18
C VAL C 11 -13.88 -39.24 3.90
N LEU C 12 -13.31 -38.18 4.48
CA LEU C 12 -13.78 -36.82 4.22
C LEU C 12 -13.19 -36.30 2.92
N ARG C 13 -14.04 -36.21 1.91
CA ARG C 13 -13.62 -35.81 0.58
C ARG C 13 -14.84 -35.32 -0.19
N SER C 14 -14.59 -34.48 -1.19
CA SER C 14 -15.67 -34.04 -2.05
C SER C 14 -16.07 -35.19 -2.95
N VAL C 15 -17.31 -35.18 -3.40
CA VAL C 15 -17.79 -36.12 -4.40
C VAL C 15 -17.66 -35.46 -5.79
N ASN C 16 -17.20 -36.21 -6.79
CA ASN C 16 -17.04 -35.68 -8.14
C ASN C 16 -18.37 -35.75 -8.91
N SER C 17 -19.28 -34.85 -8.53
CA SER C 17 -20.66 -34.88 -9.03
C SER C 17 -20.80 -34.24 -10.38
N ARG C 18 -19.97 -33.22 -10.63
CA ARG C 18 -20.06 -32.38 -11.81
C ARG C 18 -21.38 -31.61 -11.91
N GLU C 19 -22.16 -31.53 -10.84
CA GLU C 19 -23.41 -30.79 -10.86
C GLU C 19 -23.19 -29.38 -10.26
N PRO C 20 -23.16 -28.34 -11.10
CA PRO C 20 -22.81 -26.99 -10.61
C PRO C 20 -23.66 -26.54 -9.45
N SER C 21 -23.04 -25.80 -8.54
CA SER C 21 -23.75 -25.15 -7.44
C SER C 21 -23.07 -23.82 -7.20
N GLN C 22 -23.82 -22.75 -7.41
CA GLN C 22 -23.37 -21.38 -7.21
C GLN C 22 -23.51 -21.05 -5.72
N VAL C 23 -22.54 -20.34 -5.17
CA VAL C 23 -22.47 -20.12 -3.74
C VAL C 23 -21.93 -18.74 -3.47
N ILE C 24 -22.44 -18.09 -2.43
CA ILE C 24 -21.90 -16.86 -1.90
C ILE C 24 -21.14 -17.17 -0.62
N PHE C 25 -19.84 -16.93 -0.62
CA PHE C 25 -19.07 -16.97 0.62
C PHE C 25 -19.21 -15.59 1.24
N ASN C 27 -18.16 -13.40 4.48
CA ASN C 27 -17.31 -13.32 5.65
C ASN C 27 -17.89 -12.32 6.67
N ARG C 28 -18.63 -12.85 7.63
CA ARG C 28 -19.19 -12.05 8.72
C ARG C 28 -18.35 -12.21 9.96
N SER C 29 -17.04 -12.16 9.80
CA SER C 29 -16.11 -12.28 10.87
C SER C 29 -15.17 -11.11 10.71
N PRO C 30 -14.39 -10.80 11.75
CA PRO C 30 -13.36 -9.79 11.63
C PRO C 30 -11.99 -10.39 11.19
N ARG C 31 -11.98 -11.65 10.74
CA ARG C 31 -10.73 -12.26 10.27
C ARG C 31 -10.62 -12.23 8.76
N VAL C 32 -9.40 -12.33 8.26
CA VAL C 32 -9.17 -12.67 6.87
C VAL C 32 -9.48 -14.15 6.72
N VAL C 33 -10.41 -14.50 5.85
CA VAL C 33 -10.85 -15.90 5.76
C VAL C 33 -10.11 -16.65 4.64
N LEU C 34 -9.64 -17.84 4.96
CA LEU C 34 -9.10 -18.78 3.98
C LEU C 34 -10.15 -19.86 3.75
N PRO C 35 -10.75 -19.89 2.54
CA PRO C 35 -11.61 -21.02 2.25
C PRO C 35 -10.75 -22.21 1.88
N VAL C 36 -11.15 -23.40 2.31
CA VAL C 36 -10.42 -24.63 2.02
C VAL C 36 -11.39 -25.64 1.42
N TRP C 37 -11.07 -26.11 0.21
CA TRP C 37 -11.86 -27.12 -0.48
C TRP C 37 -11.20 -28.46 -0.24
N LEU C 38 -11.98 -29.47 0.14
CA LEU C 38 -11.47 -30.82 0.27
C LEU C 38 -11.59 -31.53 -1.07
N ASN C 39 -10.46 -31.85 -1.68
CA ASN C 39 -10.49 -32.37 -3.05
C ASN C 39 -10.91 -33.83 -3.07
N PHE C 40 -10.83 -34.48 -4.20
CA PHE C 40 -11.39 -35.84 -4.36
C PHE C 40 -10.61 -36.93 -3.62
N ASP C 41 -9.37 -36.63 -3.23
CA ASP C 41 -8.58 -37.50 -2.37
C ASP C 41 -8.54 -36.99 -0.94
N GLY C 42 -9.31 -35.95 -0.64
CA GLY C 42 -9.42 -35.47 0.72
C GLY C 42 -8.31 -34.51 1.12
N GLU C 43 -7.43 -34.17 0.18
CA GLU C 43 -6.40 -33.17 0.45
C GLU C 43 -7.06 -31.79 0.54
N PRO C 44 -6.66 -30.99 1.54
CA PRO C 44 -7.17 -29.62 1.57
C PRO C 44 -6.53 -28.78 0.49
N GLN C 45 -7.35 -28.07 -0.28
CA GLN C 45 -6.88 -27.12 -1.27
C GLN C 45 -7.28 -25.71 -0.87
N PRO C 46 -6.30 -24.84 -0.62
CA PRO C 46 -6.60 -23.47 -0.23
C PRO C 46 -7.07 -22.65 -1.40
N TYR C 47 -7.99 -21.71 -1.17
CA TYR C 47 -8.51 -20.82 -2.22
C TYR C 47 -8.26 -19.37 -1.81
N PRO C 48 -8.47 -18.40 -2.73
CA PRO C 48 -8.19 -17.00 -2.39
C PRO C 48 -8.88 -16.55 -1.13
N THR C 49 -8.26 -15.62 -0.41
CA THR C 49 -8.76 -15.23 0.90
C THR C 49 -9.86 -14.19 0.76
N LEU C 50 -10.67 -14.04 1.81
CA LEU C 50 -11.70 -12.97 1.87
C LEU C 50 -11.41 -12.00 2.99
N PRO C 51 -11.27 -10.70 2.68
CA PRO C 51 -11.14 -9.75 3.78
C PRO C 51 -12.40 -9.71 4.67
N PRO C 52 -12.26 -9.21 5.92
CA PRO C 52 -13.38 -9.07 6.86
C PRO C 52 -14.55 -8.31 6.27
N GLY C 53 -15.75 -8.82 6.49
CA GLY C 53 -16.97 -8.16 6.02
C GLY C 53 -17.31 -8.30 4.55
N THR C 54 -16.48 -9.00 3.78
CA THR C 54 -16.63 -9.07 2.32
C THR C 54 -17.27 -10.36 1.80
N GLY C 55 -17.71 -10.32 0.55
CA GLY C 55 -18.36 -11.45 -0.08
C GLY C 55 -17.77 -11.82 -1.44
N ARG C 56 -17.99 -13.07 -1.85
CA ARG C 56 -17.62 -13.48 -3.20
C ARG C 56 -18.65 -14.48 -3.70
N ARG C 57 -19.08 -14.32 -4.93
CA ARG C 57 -19.92 -15.32 -5.55
C ARG C 57 -18.98 -16.26 -6.25
N ILE C 58 -19.06 -17.54 -5.90
CA ILE C 58 -18.14 -18.54 -6.45
C ILE C 58 -18.91 -19.74 -6.98
N HIS C 59 -18.29 -20.39 -7.95
CA HIS C 59 -18.85 -21.58 -8.58
C HIS C 59 -18.28 -22.80 -7.89
N SER C 60 -19.17 -23.63 -7.36
CA SER C 60 -18.75 -24.90 -6.78
C SER C 60 -19.66 -25.98 -7.33
N TYR C 61 -19.79 -27.10 -6.63
CA TYR C 61 -20.54 -28.25 -7.12
C TYR C 61 -21.25 -28.94 -5.97
N ARG C 62 -22.37 -29.60 -6.27
CA ARG C 62 -23.08 -30.38 -5.24
C ARG C 62 -22.19 -31.49 -4.71
N GLY C 63 -22.29 -31.76 -3.42
CA GLY C 63 -21.51 -32.79 -2.78
C GLY C 63 -20.08 -32.38 -2.41
N HIS C 64 -19.66 -31.16 -2.75
CA HIS C 64 -18.32 -30.71 -2.43
C HIS C 64 -18.22 -30.22 -0.99
N LEU C 65 -17.07 -30.40 -0.36
CA LEU C 65 -16.89 -30.06 1.06
C LEU C 65 -15.97 -28.87 1.20
N TRP C 66 -16.37 -27.91 2.04
CA TRP C 66 -15.59 -26.71 2.33
C TRP C 66 -15.45 -26.49 3.83
N LEU C 67 -14.34 -25.91 4.24
CA LEU C 67 -14.23 -25.39 5.60
C LEU C 67 -13.50 -24.07 5.54
N PHE C 68 -13.48 -23.32 6.64
CA PHE C 68 -13.02 -21.93 6.58
C PHE C 68 -12.19 -21.64 7.81
N ARG C 69 -11.04 -21.00 7.58
CA ARG C 69 -10.05 -20.73 8.60
C ARG C 69 -9.64 -19.26 8.57
N ASP C 70 -9.11 -18.76 9.68
CA ASP C 70 -8.39 -17.50 9.70
C ASP C 70 -7.14 -17.73 8.88
N ALA C 71 -6.98 -16.96 7.82
CA ALA C 71 -5.88 -17.18 6.88
C ALA C 71 -4.52 -17.00 7.51
N GLY C 72 -4.42 -16.18 8.56
CA GLY C 72 -3.14 -15.85 9.15
C GLY C 72 -2.71 -16.82 10.23
N THR C 73 -3.67 -17.29 11.01
CA THR C 73 -3.42 -18.14 12.18
C THR C 73 -3.98 -19.55 12.05
N HIS C 74 -4.84 -19.78 11.07
CA HIS C 74 -5.58 -21.03 10.91
C HIS C 74 -6.56 -21.31 12.03
N ASP C 75 -6.89 -20.32 12.86
CA ASP C 75 -7.95 -20.54 13.83
C ASP C 75 -9.19 -21.00 13.07
N GLY C 76 -9.99 -21.84 13.74
CA GLY C 76 -11.22 -22.37 13.15
C GLY C 76 -12.34 -21.34 13.09
N LEU C 77 -13.13 -21.40 12.02
CA LEU C 77 -14.31 -20.57 11.86
C LEU C 77 -15.49 -21.47 11.59
N LEU C 78 -16.69 -20.91 11.74
CA LEU C 78 -17.91 -21.64 11.44
C LEU C 78 -18.50 -21.15 10.14
N VAL C 79 -19.25 -22.04 9.50
CA VAL C 79 -19.98 -21.72 8.30
C VAL C 79 -21.36 -22.28 8.50
N ASN C 80 -22.36 -21.43 8.30
CA ASN C 80 -23.74 -21.70 8.70
C ASN C 80 -23.84 -22.47 10.02
N GLN C 81 -23.08 -22.00 11.01
CA GLN C 81 -23.12 -22.50 12.39
C GLN C 81 -22.51 -23.88 12.55
N THR C 82 -21.73 -24.33 11.58
CA THR C 82 -21.11 -25.63 11.72
C THR C 82 -19.74 -25.66 11.05
N GLU C 83 -19.11 -26.82 11.05
CA GLU C 83 -17.70 -26.91 10.65
C GLU C 83 -17.53 -27.01 9.14
N LEU C 84 -18.40 -27.81 8.51
CA LEU C 84 -18.31 -28.10 7.09
C LEU C 84 -19.50 -27.52 6.34
N PHE C 85 -19.23 -27.07 5.12
CA PHE C 85 -20.24 -26.57 4.22
C PHE C 85 -20.20 -27.38 2.94
N VAL C 86 -21.36 -27.94 2.59
CA VAL C 86 -21.55 -28.71 1.38
C VAL C 86 -22.59 -27.99 0.51
N PRO C 87 -22.17 -27.42 -0.64
CA PRO C 87 -23.16 -26.82 -1.55
C PRO C 87 -24.26 -27.78 -1.96
N SER C 88 -25.50 -27.29 -1.97
CA SER C 88 -26.66 -28.09 -2.37
C SER C 88 -27.28 -27.64 -3.72
N LEU C 89 -28.33 -28.34 -4.13
CA LEU C 89 -29.12 -27.96 -5.31
C LEU C 89 -29.63 -26.51 -5.19
N ASN C 90 -29.38 -25.70 -6.22
CA ASN C 90 -29.93 -24.33 -6.26
C ASN C 90 -31.43 -24.35 -6.60
N VAL C 91 -32.23 -23.68 -5.78
CA VAL C 91 -33.67 -23.60 -5.98
C VAL C 91 -34.02 -22.27 -6.66
N ASP C 92 -34.65 -22.36 -7.82
CA ASP C 92 -35.08 -21.18 -8.59
C ASP C 92 -33.91 -20.29 -9.06
N GLY C 93 -32.77 -20.92 -9.38
CA GLY C 93 -31.55 -20.20 -9.78
C GLY C 93 -30.87 -19.37 -8.69
N GLN C 94 -31.22 -19.57 -7.42
CA GLN C 94 -30.67 -18.78 -6.32
C GLN C 94 -29.39 -19.44 -5.75
N PRO C 95 -28.38 -18.62 -5.43
CA PRO C 95 -27.16 -19.21 -4.86
C PRO C 95 -27.39 -19.60 -3.41
N ILE C 96 -26.56 -20.52 -2.92
CA ILE C 96 -26.61 -20.92 -1.52
C ILE C 96 -25.71 -19.97 -0.74
N PHE C 97 -26.12 -19.67 0.47
CA PHE C 97 -25.40 -18.71 1.27
C PHE C 97 -24.49 -19.43 2.25
N ALA C 98 -23.20 -19.12 2.21
CA ALA C 98 -22.25 -19.61 3.20
C ALA C 98 -21.83 -18.49 4.16
N ASN C 99 -22.56 -18.38 5.27
CA ASN C 99 -22.25 -17.39 6.31
C ASN C 99 -21.14 -17.83 7.24
N ILE C 100 -20.01 -17.14 7.13
CA ILE C 100 -18.80 -17.48 7.83
C ILE C 100 -18.66 -16.55 9.04
N THR C 101 -18.58 -17.14 10.24
CA THR C 101 -18.60 -16.38 11.49
C THR C 101 -17.55 -16.89 12.47
N LEU C 102 -17.18 -16.03 13.43
CA LEU C 102 -16.38 -16.50 14.56
C LEU C 102 -17.22 -17.46 15.35
N PRO C 103 -16.59 -18.55 15.82
CA PRO C 103 -17.21 -19.28 16.90
C PRO C 103 -17.08 -18.52 18.22
N VAL C 104 -17.87 -18.92 19.21
CA VAL C 104 -17.60 -18.54 20.57
C VAL C 104 -16.46 -19.43 21.02
N TYR C 105 -15.23 -18.96 20.93
CA TYR C 105 -14.10 -19.71 21.46
C TYR C 105 -14.19 -19.75 22.97
N THR C 106 -13.62 -20.80 23.54
CA THR C 106 -13.41 -20.87 24.96
C THR C 106 -12.51 -19.70 25.33
N LEU C 107 -12.63 -19.22 26.56
CA LEU C 107 -11.74 -18.18 27.02
C LEU C 107 -10.29 -18.65 26.88
N LYS C 108 -10.04 -19.94 27.15
CA LYS C 108 -8.68 -20.49 27.05
C LYS C 108 -8.15 -20.40 25.63
N GLU C 109 -8.92 -20.88 24.67
CA GLU C 109 -8.45 -20.84 23.30
C GLU C 109 -8.28 -19.40 22.85
N ARG C 110 -9.23 -18.53 23.19
CA ARG C 110 -9.09 -17.12 22.86
C ARG C 110 -7.79 -16.50 23.45
N CYS C 111 -7.45 -16.83 24.70
CA CYS C 111 -6.20 -16.35 25.30
C CYS C 111 -4.96 -16.90 24.56
N LEU C 112 -4.98 -18.19 24.20
CA LEU C 112 -3.90 -18.78 23.37
C LEU C 112 -3.75 -18.03 22.05
N GLN C 113 -4.87 -17.67 21.42
CA GLN C 113 -4.79 -16.93 20.16
C GLN C 113 -4.03 -15.64 20.39
N VAL C 114 -4.42 -14.90 21.42
CA VAL C 114 -3.81 -13.60 21.67
C VAL C 114 -2.35 -13.74 22.08
N VAL C 115 -2.05 -14.70 22.94
CA VAL C 115 -0.67 -14.93 23.36
C VAL C 115 0.19 -15.32 22.16
N ARG C 116 -0.34 -16.16 21.28
CA ARG C 116 0.40 -16.56 20.07
C ARG C 116 0.71 -15.37 19.17
N SER C 117 -0.24 -14.44 19.03
CA SER C 117 -0.02 -13.25 18.19
C SER C 117 1.00 -12.28 18.77
N LEU C 118 1.40 -12.45 20.03
CA LEU C 118 2.34 -11.55 20.67
C LEU C 118 3.71 -12.15 20.92
N VAL C 119 3.80 -13.48 20.88
CA VAL C 119 5.04 -14.17 21.23
C VAL C 119 5.48 -15.04 20.07
N LYS C 120 6.72 -14.85 19.64
CA LYS C 120 7.28 -15.66 18.56
C LYS C 120 7.40 -17.09 19.10
N PRO C 121 7.17 -18.10 18.26
CA PRO C 121 7.20 -19.47 18.76
C PRO C 121 8.48 -19.91 19.49
N GLU C 122 9.62 -19.28 19.20
CA GLU C 122 10.89 -19.62 19.86
C GLU C 122 10.84 -19.27 21.34
N ASN C 123 9.93 -18.37 21.71
CA ASN C 123 9.90 -17.82 23.04
C ASN C 123 8.74 -18.31 23.92
N TYR C 124 7.91 -19.21 23.39
CA TYR C 124 6.86 -19.82 24.19
C TYR C 124 7.42 -20.44 25.47
N ARG C 125 8.53 -21.18 25.33
CA ARG C 125 9.17 -21.86 26.46
C ARG C 125 9.63 -20.87 27.53
N ARG C 126 9.97 -19.65 27.14
CA ARG C 126 10.42 -18.62 28.08
C ARG C 126 9.29 -18.03 28.93
N LEU C 127 8.04 -18.29 28.55
CA LEU C 127 6.90 -17.82 29.32
C LEU C 127 6.79 -18.53 30.67
N ASP C 128 6.42 -17.77 31.71
CA ASP C 128 6.36 -18.36 33.04
C ASP C 128 4.98 -18.95 33.30
N ILE C 129 4.79 -20.15 32.76
CA ILE C 129 3.53 -20.85 32.83
C ILE C 129 3.86 -22.33 32.90
N VAL C 130 2.91 -23.15 33.36
CA VAL C 130 3.11 -24.61 33.40
C VAL C 130 3.40 -25.21 32.00
N ARG C 131 4.22 -26.26 31.99
CA ARG C 131 4.63 -26.91 30.75
C ARG C 131 3.46 -27.18 29.82
N SER C 132 2.32 -27.62 30.36
CA SER C 132 1.19 -28.01 29.52
C SER C 132 0.59 -26.84 28.73
N LEU C 133 0.82 -25.61 29.18
CA LEU C 133 0.39 -24.41 28.42
C LEU C 133 1.36 -24.05 27.29
N TYR C 134 2.66 -24.30 27.51
CA TYR C 134 3.64 -24.24 26.42
C TYR C 134 3.17 -25.21 25.33
N GLU C 135 2.88 -26.44 25.72
CA GLU C 135 2.36 -27.43 24.78
C GLU C 135 1.07 -26.95 24.09
N ASP C 136 0.16 -26.33 24.83
CA ASP C 136 -1.11 -25.87 24.24
C ASP C 136 -0.85 -24.79 23.21
N LEU C 137 0.05 -23.85 23.51
CA LEU C 137 0.50 -22.83 22.54
C LEU C 137 1.18 -23.39 21.30
N GLU C 138 2.14 -24.30 21.49
CA GLU C 138 2.85 -24.92 20.38
C GLU C 138 1.87 -25.67 19.50
N ASP C 139 0.86 -26.29 20.08
CA ASP C 139 -0.09 -27.10 19.32
C ASP C 139 -1.16 -26.21 18.66
N HIS C 140 -0.70 -25.35 17.76
CA HIS C 140 -1.57 -24.36 17.16
C HIS C 140 -2.56 -24.96 16.14
N PRO C 141 -3.64 -24.23 15.84
CA PRO C 141 -4.62 -24.82 14.94
C PRO C 141 -4.03 -25.16 13.60
N ASN C 142 -4.55 -26.23 13.00
CA ASN C 142 -4.08 -26.71 11.70
C ASN C 142 -5.17 -27.58 11.08
N VAL C 143 -5.33 -27.49 9.76
CA VAL C 143 -6.43 -28.17 9.09
C VAL C 143 -6.28 -29.70 9.13
N GLN C 144 -5.08 -30.19 8.88
CA GLN C 144 -4.80 -31.62 8.98
C GLN C 144 -5.34 -32.22 10.27
N LYS C 145 -4.93 -31.65 11.40
CA LYS C 145 -5.33 -32.16 12.72
C LYS C 145 -6.85 -32.22 12.84
N ASP C 146 -7.51 -31.15 12.37
CA ASP C 146 -8.96 -31.11 12.50
C ASP C 146 -9.64 -32.14 11.62
N LEU C 147 -9.09 -32.41 10.44
CA LEU C 147 -9.65 -33.45 9.56
C LEU C 147 -9.55 -34.81 10.21
N GLU C 148 -8.45 -35.07 10.93
CA GLU C 148 -8.33 -36.31 11.68
C GLU C 148 -9.39 -36.35 12.79
N ARG C 149 -9.55 -35.23 13.50
CA ARG C 149 -10.60 -35.11 14.52
C ARG C 149 -11.94 -35.46 13.88
N LEU C 150 -12.39 -34.64 12.93
CA LEU C 150 -13.70 -34.78 12.26
C LEU C 150 -13.95 -36.15 11.61
N THR C 151 -12.94 -37.01 11.58
CA THR C 151 -13.11 -38.42 11.22
C THR C 151 -12.99 -39.29 12.48
N MET D 1 10.92 10.40 16.61
CA MET D 1 12.40 10.23 16.54
C MET D 1 12.97 10.16 17.94
N ASP D 2 13.86 9.21 18.18
CA ASP D 2 14.47 9.02 19.49
C ASP D 2 15.71 9.89 19.68
N VAL D 3 15.93 10.33 20.91
CA VAL D 3 17.16 11.00 21.28
C VAL D 3 17.77 10.14 22.35
N PHE D 4 19.10 10.07 22.37
CA PHE D 4 19.84 9.23 23.29
C PHE D 4 20.69 10.11 24.17
N LEU D 5 20.49 9.99 25.47
CA LEU D 5 20.98 10.96 26.43
C LEU D 5 21.83 10.36 27.53
N MET D 6 22.72 11.21 28.04
CA MET D 6 23.37 11.03 29.33
C MET D 6 22.87 12.13 30.28
N ILE D 7 22.24 11.73 31.38
CA ILE D 7 21.83 12.67 32.40
C ILE D 7 22.84 12.63 33.55
N ARG D 8 23.61 13.70 33.72
CA ARG D 8 24.79 13.67 34.57
C ARG D 8 24.72 14.67 35.73
N ARG D 9 25.23 14.21 36.89
CA ARG D 9 25.33 15.00 38.10
C ARG D 9 26.49 14.42 38.90
N HIS D 10 27.39 15.29 39.36
CA HIS D 10 28.53 14.88 40.17
C HIS D 10 29.18 13.65 39.52
N LYS D 11 29.03 12.47 40.14
CA LYS D 11 29.63 11.23 39.66
C LYS D 11 28.58 10.18 39.23
N THR D 12 27.34 10.62 39.02
CA THR D 12 26.28 9.76 38.47
C THR D 12 26.00 10.11 36.99
N THR D 13 25.93 9.08 36.15
CA THR D 13 25.52 9.23 34.75
C THR D 13 24.47 8.18 34.39
N ILE D 14 23.27 8.64 34.02
CA ILE D 14 22.19 7.77 33.55
C ILE D 14 22.13 7.74 32.03
N PHE D 15 22.21 6.54 31.46
CA PHE D 15 22.02 6.36 30.04
C PHE D 15 20.57 6.02 29.77
N THR D 16 19.90 6.82 28.97
CA THR D 16 18.53 6.53 28.56
C THR D 16 18.18 7.24 27.25
N ASP D 17 16.98 6.97 26.77
CA ASP D 17 16.47 7.60 25.55
C ASP D 17 15.08 8.12 25.80
N ALA D 18 14.69 9.10 24.99
CA ALA D 18 13.34 9.67 25.00
C ALA D 18 13.03 10.10 23.59
N LYS D 19 11.81 10.59 23.37
CA LYS D 19 11.42 11.13 22.08
C LYS D 19 11.74 12.64 21.99
N GLU D 20 11.98 13.13 20.78
CA GLU D 20 12.14 14.57 20.58
C GLU D 20 10.94 15.34 21.09
N SER D 21 9.75 14.76 20.91
CA SER D 21 8.50 15.39 21.28
C SER D 21 8.18 15.31 22.78
N SER D 22 8.90 14.47 23.54
CA SER D 22 8.66 14.31 24.97
C SER D 22 9.10 15.56 25.70
N THR D 23 8.41 15.92 26.78
CA THR D 23 8.68 17.16 27.49
C THR D 23 9.82 16.97 28.47
N VAL D 24 10.38 18.10 28.90
CA VAL D 24 11.40 18.13 29.95
C VAL D 24 10.82 17.52 31.23
N PHE D 25 9.56 17.82 31.50
CA PHE D 25 8.88 17.30 32.67
C PHE D 25 8.80 15.78 32.65
N GLU D 26 8.44 15.23 31.50
CA GLU D 26 8.38 13.76 31.34
C GLU D 26 9.74 13.11 31.51
N LEU D 27 10.80 13.84 31.20
CA LEU D 27 12.17 13.38 31.47
C LEU D 27 12.46 13.38 32.96
N LYS D 28 11.97 14.40 33.68
CA LYS D 28 12.11 14.45 35.14
C LYS D 28 11.47 13.24 35.81
N ARG D 29 10.33 12.78 35.28
CA ARG D 29 9.65 11.57 35.77
C ARG D 29 10.51 10.31 35.61
N ILE D 30 11.25 10.23 34.50
CA ILE D 30 12.15 9.12 34.27
C ILE D 30 13.29 9.10 35.29
N VAL D 31 13.91 10.26 35.51
CA VAL D 31 14.91 10.42 36.57
C VAL D 31 14.38 10.02 37.95
N GLU D 32 13.14 10.41 38.25
CA GLU D 32 12.49 10.05 39.53
C GLU D 32 12.42 8.54 39.71
N GLY D 33 12.03 7.85 38.63
CA GLY D 33 12.04 6.39 38.59
C GLY D 33 13.37 5.80 39.05
N ILE D 34 14.46 6.37 38.52
CA ILE D 34 15.81 5.89 38.81
C ILE D 34 16.39 6.38 40.15
N LEU D 35 16.47 7.69 40.34
CA LEU D 35 17.19 8.25 41.50
C LEU D 35 16.31 8.65 42.69
N LYS D 36 15.00 8.38 42.60
CA LYS D 36 14.08 8.57 43.73
C LYS D 36 14.03 10.00 44.24
N ARG D 37 14.03 10.96 43.34
CA ARG D 37 13.85 12.37 43.69
C ARG D 37 12.73 12.93 42.83
N PRO D 38 11.73 13.60 43.43
CA PRO D 38 10.60 14.10 42.63
C PRO D 38 11.00 15.24 41.68
N PRO D 39 10.21 15.45 40.61
CA PRO D 39 10.46 16.50 39.61
C PRO D 39 10.76 17.88 40.19
N ASP D 40 9.98 18.28 41.20
CA ASP D 40 10.14 19.61 41.83
C ASP D 40 11.44 19.75 42.66
N GLU D 41 12.12 18.63 42.92
CA GLU D 41 13.46 18.65 43.53
C GLU D 41 14.58 18.50 42.49
N GLN D 42 14.22 18.54 41.20
CA GLN D 42 15.18 18.43 40.09
C GLN D 42 15.25 19.70 39.23
N ARG D 43 16.46 20.03 38.77
CA ARG D 43 16.65 20.98 37.68
C ARG D 43 17.47 20.32 36.58
N LEU D 44 16.97 20.38 35.35
CA LEU D 44 17.68 19.86 34.20
C LEU D 44 18.27 20.99 33.37
N TYR D 45 19.46 20.75 32.83
CA TYR D 45 20.18 21.76 32.08
C TYR D 45 20.60 21.26 30.69
N LYS D 46 20.73 22.19 29.75
CA LYS D 46 21.55 21.98 28.57
C LYS D 46 22.72 22.96 28.64
N ASP D 47 23.91 22.42 28.91
CA ASP D 47 25.06 23.21 29.30
C ASP D 47 24.66 24.06 30.52
N ASP D 48 24.73 25.39 30.43
CA ASP D 48 24.37 26.23 31.57
C ASP D 48 22.92 26.71 31.51
N GLN D 49 22.18 26.34 30.48
CA GLN D 49 20.80 26.83 30.36
C GLN D 49 19.82 25.92 31.10
N LEU D 50 19.05 26.52 32.01
CA LEU D 50 18.00 25.80 32.73
C LEU D 50 16.84 25.46 31.80
N LEU D 51 16.36 24.22 31.88
CA LEU D 51 15.29 23.76 30.99
C LEU D 51 13.92 23.86 31.65
N ASP D 52 12.98 24.50 30.97
CA ASP D 52 11.60 24.61 31.46
C ASP D 52 10.82 23.30 31.27
N ASP D 53 10.13 22.87 32.32
CA ASP D 53 9.34 21.64 32.33
C ASP D 53 8.47 21.43 31.09
N GLY D 54 7.74 22.47 30.69
CA GLY D 54 6.76 22.35 29.59
C GLY D 54 7.33 22.18 28.18
N LYS D 55 8.62 22.42 28.01
CA LYS D 55 9.25 22.42 26.68
C LYS D 55 9.59 21.01 26.25
N THR D 56 9.64 20.81 24.94
CA THR D 56 10.03 19.53 24.38
C THR D 56 11.55 19.47 24.31
N LEU D 57 12.07 18.26 24.23
CA LEU D 57 13.49 18.03 24.12
C LEU D 57 14.01 18.60 22.82
N GLY D 58 13.22 18.44 21.74
CA GLY D 58 13.55 18.96 20.41
C GLY D 58 13.68 20.48 20.32
N GLU D 59 12.75 21.17 20.97
CA GLU D 59 12.76 22.64 21.15
C GLU D 59 14.02 23.15 21.82
N GLY D 61 16.81 21.63 21.64
CA GLY D 61 17.98 21.27 20.86
C GLY D 61 18.55 19.87 21.03
N PHE D 62 17.76 18.98 21.62
CA PHE D 62 18.08 17.56 21.63
C PHE D 62 17.38 16.97 20.44
N THR D 63 18.14 16.75 19.38
CA THR D 63 17.62 16.14 18.15
C THR D 63 18.25 14.76 17.93
N SER D 64 17.54 13.93 17.17
CA SER D 64 18.00 12.55 16.91
C SER D 64 19.37 12.51 16.22
N GLN D 65 19.66 13.51 15.42
CA GLN D 65 20.91 13.49 14.69
C GLN D 65 22.09 14.00 15.52
N THR D 66 21.83 14.58 16.68
CA THR D 66 22.90 14.98 17.60
C THR D 66 22.95 14.09 18.84
N ALA D 67 21.79 13.77 19.40
CA ALA D 67 21.73 12.86 20.53
C ALA D 67 21.72 11.41 20.00
N ARG D 68 22.90 10.93 19.61
CA ARG D 68 23.04 9.63 18.94
C ARG D 68 23.35 8.49 19.94
N PRO D 69 22.95 7.24 19.60
CA PRO D 69 23.17 6.11 20.48
C PRO D 69 24.61 5.94 20.90
N GLN D 70 25.50 6.10 19.93
CA GLN D 70 26.94 5.93 20.14
C GLN D 70 27.65 7.20 20.57
N ALA D 71 26.92 8.31 20.66
CA ALA D 71 27.46 9.60 21.13
C ALA D 71 26.34 10.42 21.74
N PRO D 72 25.84 10.00 22.91
CA PRO D 72 24.65 10.62 23.48
C PRO D 72 24.88 12.04 23.96
N ALA D 73 23.82 12.83 23.99
CA ALA D 73 23.87 14.24 24.39
C ALA D 73 23.73 14.30 25.89
N THR D 74 24.41 15.26 26.51
CA THR D 74 24.40 15.41 27.97
C THR D 74 23.29 16.35 28.47
N VAL D 75 22.49 15.87 29.41
CA VAL D 75 21.53 16.68 30.14
C VAL D 75 22.06 16.85 31.54
N GLY D 76 22.20 18.09 31.98
CA GLY D 76 22.69 18.38 33.34
C GLY D 76 21.62 18.22 34.39
N LEU D 77 22.02 17.82 35.59
CA LEU D 77 21.09 17.62 36.71
C LEU D 77 21.65 18.22 38.01
N ALA D 78 20.79 18.94 38.73
CA ALA D 78 21.07 19.40 40.09
C ALA D 78 19.88 19.07 41.00
N PHE D 79 20.18 18.73 42.26
CA PHE D 79 19.14 18.42 43.26
C PHE D 79 18.93 19.57 44.24
N ARG D 80 17.74 19.58 44.85
CA ARG D 80 17.46 20.47 45.96
C ARG D 80 17.63 19.74 47.30
N ALA D 81 18.36 20.36 48.21
CA ALA D 81 18.45 19.91 49.61
C ALA D 81 17.86 21.02 50.50
N ASP D 82 16.94 20.64 51.38
CA ASP D 82 16.22 21.60 52.22
C ASP D 82 15.70 22.76 51.35
N ASP D 83 16.00 24.00 51.73
CA ASP D 83 15.51 25.19 51.02
C ASP D 83 15.96 25.28 49.55
N THR D 84 17.28 25.21 49.31
CA THR D 84 17.87 25.68 48.05
C THR D 84 18.51 24.57 47.21
N PHE D 85 18.59 24.81 45.90
CA PHE D 85 19.29 23.90 44.99
C PHE D 85 20.79 24.03 45.13
N GLU D 86 21.49 22.94 44.83
CA GLU D 86 22.94 22.98 44.66
C GLU D 86 23.24 23.59 43.29
N ALA D 87 24.49 23.99 43.08
CA ALA D 87 24.95 24.46 41.78
C ALA D 87 25.16 23.27 40.86
N LEU D 88 25.02 23.49 39.56
CA LEU D 88 25.28 22.45 38.57
C LEU D 88 26.75 22.00 38.65
N ILE D 90 29.24 18.67 37.40
CA ILE D 90 29.44 17.41 36.68
C ILE D 90 30.92 17.09 36.70
N GLU D 91 31.28 15.99 37.35
CA GLU D 91 32.68 15.56 37.44
C GLU D 91 33.12 15.05 36.09
N PRO D 92 34.25 15.54 35.57
CA PRO D 92 34.74 15.02 34.29
C PRO D 92 35.19 13.58 34.44
N PHE D 93 35.00 12.78 33.38
CA PHE D 93 35.57 11.45 33.32
C PHE D 93 37.10 11.55 33.40
N SER D 94 37.76 10.42 33.59
CA SER D 94 39.21 10.39 33.71
C SER D 94 39.86 10.66 32.36
N SER D 95 41.16 10.92 32.41
CA SER D 95 41.94 11.24 31.22
C SER D 95 42.65 10.01 30.66
N PRO D 96 42.59 9.84 29.34
CA PRO D 96 43.36 8.76 28.72
C PRO D 96 44.86 8.99 28.86
N PRO D 97 45.65 7.92 28.84
CA PRO D 97 47.11 8.09 28.94
C PRO D 97 47.76 8.60 27.67
N GLU D 98 49.03 8.97 27.77
CA GLU D 98 49.85 9.30 26.62
C GLU D 98 49.84 8.09 25.70
N LEU D 99 49.71 8.34 24.39
CA LEU D 99 49.71 7.27 23.40
C LEU D 99 51.05 6.54 23.37
N PRO D 100 51.02 5.21 23.40
CA PRO D 100 52.29 4.48 23.31
C PRO D 100 53.02 4.75 21.99
N ASP D 101 54.34 4.62 22.01
CA ASP D 101 55.17 4.90 20.82
C ASP D 101 54.70 4.16 19.57
N VAL D 102 54.26 2.92 19.74
CA VAL D 102 53.82 2.10 18.62
C VAL D 102 52.48 2.54 18.00
N MET D 103 51.82 3.54 18.57
CA MET D 103 50.55 4.07 18.07
C MET D 103 50.68 5.52 17.59
N MET E 1 10.90 -0.16 34.15
CA MET E 1 12.14 -0.60 33.48
C MET E 1 13.25 -0.88 34.50
N MET E 2 13.91 -2.02 34.37
CA MET E 2 14.95 -2.43 35.31
C MET E 2 16.29 -1.79 34.92
N TYR E 3 16.95 -1.16 35.88
CA TYR E 3 18.26 -0.57 35.65
C TYR E 3 19.33 -1.23 36.51
N VAL E 4 20.59 -1.05 36.13
CA VAL E 4 21.72 -1.56 36.90
C VAL E 4 22.78 -0.47 36.97
N LYS E 5 23.62 -0.54 37.99
CA LYS E 5 24.69 0.43 38.19
C LYS E 5 26.02 -0.24 37.93
N LEU E 6 26.84 0.41 37.12
CA LEU E 6 28.19 -0.07 36.82
C LEU E 6 29.15 1.03 37.24
N ILE E 7 30.08 0.69 38.13
CA ILE E 7 30.95 1.68 38.77
C ILE E 7 32.38 1.51 38.28
N SER E 8 32.99 2.61 37.84
CA SER E 8 34.35 2.59 37.32
C SER E 8 35.38 2.55 38.45
N SER E 9 36.65 2.42 38.09
CA SER E 9 37.75 2.34 39.07
C SER E 9 37.94 3.66 39.82
N ASP E 10 37.71 4.78 39.13
CA ASP E 10 37.72 6.12 39.71
C ASP E 10 36.37 6.58 40.27
N GLY E 11 35.46 5.65 40.57
CA GLY E 11 34.23 5.99 41.28
C GLY E 11 33.06 6.61 40.52
N HIS E 12 33.11 6.71 39.19
CA HIS E 12 31.94 7.12 38.41
C HIS E 12 30.88 6.03 38.36
N GLU E 13 29.63 6.41 38.57
CA GLU E 13 28.51 5.49 38.64
C GLU E 13 27.60 5.61 37.41
N PHE E 14 27.65 4.60 36.56
CA PHE E 14 26.86 4.56 35.33
C PHE E 14 25.60 3.71 35.50
N ILE E 15 24.45 4.28 35.16
CA ILE E 15 23.18 3.58 35.33
C ILE E 15 22.59 3.27 33.96
N VAL E 16 22.60 1.99 33.60
CA VAL E 16 22.11 1.56 32.30
C VAL E 16 20.93 0.60 32.46
N LYS E 17 20.14 0.46 31.39
CA LYS E 17 19.08 -0.53 31.37
C LYS E 17 19.66 -1.92 31.62
N ARG E 18 19.00 -2.71 32.46
CA ARG E 18 19.42 -4.08 32.77
C ARG E 18 19.65 -4.89 31.50
N GLU E 19 18.65 -4.88 30.62
CA GLU E 19 18.74 -5.50 29.29
C GLU E 19 20.08 -5.19 28.61
N HIS E 20 20.49 -3.93 28.64
CA HIS E 20 21.70 -3.47 27.94
C HIS E 20 22.97 -4.01 28.55
N ALA E 21 23.01 -4.01 29.88
CA ALA E 21 24.16 -4.53 30.59
C ALA E 21 24.34 -6.02 30.39
N LEU E 22 23.26 -6.74 30.14
CA LEU E 22 23.31 -8.18 29.92
C LEU E 22 23.81 -8.54 28.51
N THR E 23 24.06 -7.55 27.65
CA THR E 23 24.89 -7.78 26.48
C THR E 23 26.12 -8.59 26.91
N SER E 24 26.75 -8.17 28.01
CA SER E 24 27.97 -8.82 28.51
C SER E 24 27.64 -10.00 29.39
N GLY E 25 28.02 -11.19 28.93
CA GLY E 25 27.91 -12.39 29.76
C GLY E 25 28.68 -12.30 31.07
N THR E 26 29.81 -11.59 31.07
CA THR E 26 30.57 -11.38 32.30
C THR E 26 29.75 -10.61 33.34
N ILE E 27 29.12 -9.52 32.88
CA ILE E 27 28.31 -8.67 33.76
C ILE E 27 27.14 -9.48 34.32
N LYS E 28 26.50 -10.27 33.46
CA LYS E 28 25.39 -11.14 33.87
C LYS E 28 25.79 -12.06 35.01
N ALA E 29 26.99 -12.62 34.95
CA ALA E 29 27.50 -13.49 36.02
C ALA E 29 27.73 -12.69 37.30
N MET E 30 28.16 -11.45 37.12
CA MET E 30 28.40 -10.56 38.24
C MET E 30 27.11 -10.08 38.92
N LEU E 31 25.97 -10.17 38.21
CA LEU E 31 24.66 -9.80 38.77
C LEU E 31 23.94 -10.97 39.44
N SER E 32 24.22 -12.19 38.99
CA SER E 32 23.59 -13.40 39.52
C SER E 32 24.63 -14.50 39.71
N GLY E 33 24.93 -14.84 40.97
CA GLY E 33 25.81 -15.99 41.28
C GLY E 33 27.07 -15.59 42.00
N ASN E 40 29.36 -5.57 46.46
CA ASN E 40 28.40 -5.06 45.49
C ASN E 40 26.97 -5.22 46.01
N GLU E 41 26.22 -4.11 46.05
CA GLU E 41 24.78 -4.15 46.37
C GLU E 41 24.02 -4.84 45.24
N THR E 42 22.80 -5.32 45.52
CA THR E 42 22.00 -6.01 44.50
C THR E 42 21.72 -5.05 43.35
N ASN E 43 22.16 -5.42 42.14
CA ASN E 43 22.06 -4.60 40.92
C ASN E 43 23.20 -3.59 40.74
N GLU E 44 24.36 -3.85 41.35
CA GLU E 44 25.53 -2.97 41.19
C GLU E 44 26.78 -3.80 40.98
N VAL E 45 27.67 -3.31 40.12
CA VAL E 45 28.95 -3.97 39.86
C VAL E 45 30.05 -2.93 39.83
N ASN E 46 31.16 -3.24 40.52
CA ASN E 46 32.34 -2.39 40.54
C ASN E 46 33.41 -2.99 39.65
N PHE E 47 34.09 -2.12 38.88
CA PHE E 47 35.18 -2.55 37.99
C PHE E 47 36.47 -1.87 38.39
N ARG E 48 37.35 -2.60 39.08
CA ARG E 48 38.57 -2.04 39.64
C ARG E 48 39.62 -1.66 38.59
N GLU E 49 39.48 -2.15 37.36
CA GLU E 49 40.47 -1.87 36.32
C GLU E 49 39.90 -1.10 35.15
N ILE E 50 38.64 -0.69 35.24
CA ILE E 50 38.02 0.03 34.13
C ILE E 50 37.68 1.45 34.57
N PRO E 51 38.51 2.42 34.17
CA PRO E 51 38.20 3.81 34.51
C PRO E 51 36.98 4.35 33.75
N SER E 52 36.55 5.54 34.12
CA SER E 52 35.33 6.14 33.61
C SER E 52 35.43 6.47 32.13
N HIS E 53 36.61 6.87 31.67
CA HIS E 53 36.77 7.18 30.25
C HIS E 53 36.64 5.97 29.33
N VAL E 54 36.75 4.77 29.90
CA VAL E 54 36.53 3.54 29.18
C VAL E 54 35.12 3.01 29.40
N LEU E 55 34.64 2.98 30.64
CA LEU E 55 33.34 2.37 30.95
C LEU E 55 32.15 3.13 30.36
N SER E 56 32.26 4.47 30.30
CA SER E 56 31.27 5.29 29.60
C SER E 56 31.08 4.87 28.13
N LYS E 57 32.20 4.62 27.44
CA LYS E 57 32.18 4.12 26.08
C LYS E 57 31.52 2.76 26.02
N VAL E 58 31.86 1.90 26.97
CA VAL E 58 31.22 0.59 27.01
C VAL E 58 29.71 0.76 27.04
N CYS E 59 29.22 1.66 27.89
CA CYS E 59 27.79 1.89 28.01
C CYS E 59 27.18 2.44 26.70
N MET E 60 27.96 3.26 26.00
CA MET E 60 27.53 3.81 24.71
C MET E 60 27.42 2.68 23.68
N TYR E 61 28.36 1.73 23.75
CA TYR E 61 28.32 0.58 22.89
C TYR E 61 27.04 -0.22 23.09
N PHE E 62 26.68 -0.45 24.35
CA PHE E 62 25.45 -1.15 24.67
C PHE E 62 24.28 -0.47 23.97
N THR E 63 24.23 0.86 24.06
CA THR E 63 23.14 1.62 23.45
C THR E 63 23.14 1.43 21.94
N TYR E 64 24.32 1.54 21.36
CA TYR E 64 24.53 1.36 19.92
C TYR E 64 24.09 -0.03 19.43
N LYS E 65 24.58 -1.07 20.10
CA LYS E 65 24.28 -2.45 19.70
C LYS E 65 22.81 -2.75 19.72
N VAL E 66 22.16 -2.36 20.82
CA VAL E 66 20.75 -2.63 21.02
C VAL E 66 19.95 -1.85 20.00
N ARG E 67 20.38 -0.64 19.72
CA ARG E 67 19.68 0.20 18.78
C ARG E 67 19.80 -0.34 17.36
N TYR E 68 21.01 -0.75 16.98
CA TYR E 68 21.28 -1.07 15.58
C TYR E 68 21.32 -2.55 15.21
N THR E 69 21.32 -3.43 16.20
CA THR E 69 21.26 -4.88 15.93
C THR E 69 19.90 -5.21 15.30
N ASN E 70 19.92 -6.00 14.24
CA ASN E 70 18.70 -6.40 13.53
C ASN E 70 17.86 -5.18 13.17
N SER E 71 18.44 -4.31 12.35
CA SER E 71 17.79 -3.08 11.94
C SER E 71 18.08 -2.84 10.47
N SER E 72 17.07 -2.34 9.75
CA SER E 72 17.18 -2.08 8.31
C SER E 72 17.81 -0.73 8.01
N THR E 73 17.65 0.24 8.91
CA THR E 73 18.29 1.57 8.75
C THR E 73 19.81 1.42 8.69
N GLU E 74 20.44 2.27 7.86
CA GLU E 74 21.89 2.27 7.72
C GLU E 74 22.56 2.46 9.06
N ILE E 75 23.60 1.68 9.30
CA ILE E 75 24.30 1.59 10.57
C ILE E 75 25.50 2.54 10.52
N PRO E 76 25.68 3.39 11.54
CA PRO E 76 26.89 4.24 11.57
C PRO E 76 28.06 3.51 12.22
N GLU E 77 29.26 3.96 11.93
CA GLU E 77 30.44 3.38 12.52
C GLU E 77 30.42 3.66 14.02
N PHE E 78 30.88 2.72 14.85
CA PHE E 78 31.08 3.01 16.26
C PHE E 78 32.44 3.67 16.47
N PRO E 79 32.45 4.88 17.07
CA PRO E 79 33.67 5.67 17.09
C PRO E 79 34.54 5.32 18.28
N ILE E 80 35.84 5.21 18.07
CA ILE E 80 36.77 4.90 19.15
C ILE E 80 38.04 5.71 18.99
N ALA E 81 38.24 6.74 19.82
CA ALA E 81 39.43 7.57 19.74
C ALA E 81 40.68 6.72 19.95
N PRO E 82 41.75 7.01 19.20
CA PRO E 82 43.01 6.28 19.35
C PRO E 82 43.51 6.15 20.79
N GLU E 83 43.26 7.18 21.59
CA GLU E 83 43.82 7.26 22.94
C GLU E 83 43.20 6.24 23.89
N ILE E 84 41.96 5.83 23.63
CA ILE E 84 41.23 4.93 24.53
C ILE E 84 41.10 3.52 24.00
N ALA E 85 41.65 3.28 22.80
CA ALA E 85 41.43 2.03 22.07
C ALA E 85 41.97 0.81 22.81
N LEU E 86 43.24 0.89 23.21
CA LEU E 86 43.90 -0.24 23.89
C LEU E 86 43.16 -0.67 25.14
N GLU E 87 42.84 0.29 25.98
CA GLU E 87 42.15 0.03 27.21
C GLU E 87 40.79 -0.54 26.92
N LEU E 88 40.12 0.04 25.93
CA LEU E 88 38.78 -0.40 25.60
C LEU E 88 38.81 -1.82 25.08
N LEU E 89 39.85 -2.17 24.33
CA LEU E 89 40.05 -3.54 23.86
C LEU E 89 40.12 -4.51 25.04
N MET E 90 40.91 -4.14 26.05
CA MET E 90 41.09 -4.98 27.22
C MET E 90 39.76 -5.12 27.95
N ALA E 91 39.01 -4.02 28.06
CA ALA E 91 37.69 -4.08 28.70
C ALA E 91 36.75 -5.01 27.95
N ALA E 92 36.76 -4.94 26.63
CA ALA E 92 35.86 -5.75 25.80
C ALA E 92 36.21 -7.21 25.89
N ASN E 93 37.51 -7.51 25.97
CA ASN E 93 37.98 -8.87 26.14
C ASN E 93 37.56 -9.44 27.50
N PHE E 94 37.71 -8.67 28.56
CA PHE E 94 37.26 -9.10 29.89
C PHE E 94 35.74 -9.29 29.92
N LEU E 95 34.98 -8.39 29.29
CA LEU E 95 33.51 -8.41 29.32
C LEU E 95 32.84 -9.31 28.24
N ASP E 96 33.65 -9.85 27.34
CA ASP E 96 33.16 -10.69 26.26
C ASP E 96 32.02 -10.02 25.49
N CYS E 97 32.24 -8.79 25.05
CA CYS E 97 31.25 -8.03 24.25
C CYS E 97 31.87 -7.39 22.99
N VAL F 11 32.38 -26.44 -2.25
CA VAL F 11 31.01 -26.39 -1.66
C VAL F 11 30.38 -25.04 -1.97
N LEU F 12 31.01 -23.97 -1.47
CA LEU F 12 30.60 -22.60 -1.82
C LEU F 12 31.20 -22.18 -3.16
N ARG F 13 30.35 -22.19 -4.18
CA ARG F 13 30.77 -21.89 -5.54
C ARG F 13 29.55 -21.27 -6.23
N SER F 14 29.77 -20.41 -7.23
CA SER F 14 28.68 -19.94 -8.05
C SER F 14 28.18 -21.08 -8.93
N VAL F 15 26.89 -21.05 -9.26
CA VAL F 15 26.32 -21.99 -10.22
C VAL F 15 26.46 -21.38 -11.61
N ASN F 16 26.93 -22.16 -12.57
CA ASN F 16 27.05 -21.67 -13.94
C ASN F 16 25.69 -21.69 -14.67
N SER F 17 24.80 -20.78 -14.27
CA SER F 17 23.42 -20.77 -14.74
C SER F 17 23.24 -20.11 -16.11
N ARG F 18 24.12 -19.15 -16.43
CA ARG F 18 23.99 -18.36 -17.65
C ARG F 18 22.63 -17.65 -17.72
N GLU F 19 21.97 -17.45 -16.58
CA GLU F 19 20.66 -16.83 -16.52
C GLU F 19 20.77 -15.41 -15.98
N PRO F 20 20.83 -14.41 -16.88
CA PRO F 20 21.15 -13.04 -16.41
C PRO F 20 20.30 -12.54 -15.23
N SER F 21 20.94 -11.76 -14.37
CA SER F 21 20.25 -11.12 -13.26
C SER F 21 20.95 -9.80 -12.98
N GLN F 22 20.22 -8.69 -13.10
CA GLN F 22 20.77 -7.34 -12.91
C GLN F 22 20.71 -6.96 -11.44
N VAL F 23 21.79 -6.37 -10.95
CA VAL F 23 21.90 -6.06 -9.53
C VAL F 23 22.39 -4.64 -9.33
N ILE F 24 21.93 -4.00 -8.26
CA ILE F 24 22.48 -2.73 -7.82
C ILE F 24 23.28 -2.96 -6.55
N PHE F 25 24.58 -2.77 -6.64
CA PHE F 25 25.44 -2.81 -5.47
C PHE F 25 25.33 -1.44 -4.87
N ASN F 27 26.48 0.73 -1.67
CA ASN F 27 27.35 0.81 -0.52
C ASN F 27 26.80 1.81 0.50
N ARG F 28 26.02 1.32 1.46
CA ARG F 28 25.51 2.16 2.55
C ARG F 28 26.40 2.01 3.76
N SER F 29 27.70 2.12 3.55
CA SER F 29 28.66 1.98 4.59
C SER F 29 29.67 3.08 4.40
N PRO F 30 30.49 3.37 5.43
CA PRO F 30 31.55 4.38 5.34
C PRO F 30 32.89 3.80 4.86
N ARG F 31 32.89 2.54 4.42
CA ARG F 31 34.10 1.88 3.97
C ARG F 31 34.15 1.86 2.45
N VAL F 32 35.37 1.76 1.92
CA VAL F 32 35.58 1.41 0.52
C VAL F 32 35.25 -0.04 0.43
N VAL F 33 34.31 -0.42 -0.42
CA VAL F 33 33.86 -1.80 -0.49
C VAL F 33 34.52 -2.56 -1.64
N LEU F 34 35.06 -3.73 -1.32
CA LEU F 34 35.52 -4.71 -2.31
C LEU F 34 34.45 -5.79 -2.48
N PRO F 35 33.75 -5.77 -3.64
CA PRO F 35 32.92 -6.93 -3.94
C PRO F 35 33.79 -8.10 -4.35
N VAL F 36 33.43 -9.30 -3.86
CA VAL F 36 34.15 -10.53 -4.21
C VAL F 36 33.15 -11.54 -4.76
N TRP F 37 33.39 -12.00 -5.99
CA TRP F 37 32.57 -13.01 -6.64
C TRP F 37 33.22 -14.37 -6.45
N LEU F 38 32.44 -15.35 -6.03
CA LEU F 38 32.97 -16.72 -5.90
C LEU F 38 32.79 -17.44 -7.24
N ASN F 39 33.89 -17.78 -7.89
CA ASN F 39 33.81 -18.34 -9.22
C ASN F 39 33.34 -19.79 -9.19
N PHE F 40 33.44 -20.47 -10.32
CA PHE F 40 32.87 -21.80 -10.46
C PHE F 40 33.65 -22.88 -9.71
N ASP F 41 34.95 -22.62 -9.49
CA ASP F 41 35.79 -23.45 -8.60
C ASP F 41 35.76 -22.96 -7.14
N GLY F 42 34.92 -22.00 -6.81
CA GLY F 42 34.90 -21.46 -5.45
C GLY F 42 36.07 -20.58 -5.06
N GLU F 43 36.87 -20.12 -6.03
CA GLU F 43 37.90 -19.13 -5.74
C GLU F 43 37.30 -17.73 -5.67
N PRO F 44 37.67 -16.96 -4.64
CA PRO F 44 37.21 -15.57 -4.57
C PRO F 44 37.83 -14.73 -5.66
N GLN F 45 37.00 -14.11 -6.50
CA GLN F 45 37.50 -13.19 -7.52
C GLN F 45 37.13 -11.75 -7.15
N PRO F 46 38.13 -10.91 -6.92
CA PRO F 46 37.82 -9.50 -6.57
C PRO F 46 37.32 -8.70 -7.76
N TYR F 47 36.36 -7.81 -7.52
CA TYR F 47 35.83 -6.92 -8.55
C TYR F 47 36.11 -5.47 -8.14
N PRO F 48 35.86 -4.49 -9.03
CA PRO F 48 36.17 -3.08 -8.75
C PRO F 48 35.54 -2.53 -7.45
N THR F 49 36.28 -1.66 -6.76
CA THR F 49 35.84 -1.16 -5.44
C THR F 49 34.70 -0.15 -5.56
N LEU F 50 33.93 0.02 -4.48
CA LEU F 50 32.91 1.06 -4.39
C LEU F 50 33.23 2.04 -3.27
N PRO F 51 33.36 3.34 -3.60
CA PRO F 51 33.55 4.31 -2.54
C PRO F 51 32.31 4.38 -1.62
N PRO F 52 32.47 4.92 -0.41
CA PRO F 52 31.37 5.05 0.55
C PRO F 52 30.18 5.80 -0.04
N GLY F 53 28.98 5.27 0.16
CA GLY F 53 27.76 5.94 -0.27
C GLY F 53 27.46 5.92 -1.75
N THR F 54 28.21 5.12 -2.51
CA THR F 54 28.01 5.04 -3.95
C THR F 54 27.33 3.74 -4.35
N GLY F 55 26.79 3.75 -5.55
CA GLY F 55 26.09 2.61 -6.12
C GLY F 55 26.55 2.34 -7.54
N ARG F 56 26.34 1.10 -8.00
CA ARG F 56 26.63 0.69 -9.37
C ARG F 56 25.63 -0.38 -9.78
N ARG F 57 25.07 -0.23 -10.98
CA ARG F 57 24.20 -1.24 -11.58
C ARG F 57 25.10 -2.21 -12.32
N ILE F 58 25.11 -3.49 -11.90
CA ILE F 58 25.99 -4.49 -12.47
C ILE F 58 25.28 -5.75 -13.01
N HIS F 59 25.89 -6.36 -14.02
CA HIS F 59 25.36 -7.58 -14.64
C HIS F 59 25.89 -8.84 -13.94
N SER F 60 24.98 -9.63 -13.41
CA SER F 60 25.34 -10.91 -12.82
C SER F 60 24.40 -12.00 -13.30
N TYR F 61 24.42 -13.14 -12.62
CA TYR F 61 23.58 -14.29 -13.02
C TYR F 61 22.94 -14.95 -11.80
N ARG F 62 21.83 -15.64 -12.06
CA ARG F 62 21.11 -16.34 -11.00
C ARG F 62 21.98 -17.43 -10.43
N GLY F 63 21.96 -17.59 -9.11
CA GLY F 63 22.75 -18.62 -8.44
C GLY F 63 24.23 -18.28 -8.21
N HIS F 64 24.67 -17.09 -8.61
CA HIS F 64 26.05 -16.65 -8.35
C HIS F 64 26.20 -16.12 -6.92
N LEU F 65 27.38 -16.30 -6.34
CA LEU F 65 27.61 -15.97 -4.94
C LEU F 65 28.58 -14.82 -4.80
N TRP F 66 28.17 -13.84 -3.99
CA TRP F 66 28.93 -12.63 -3.75
C TRP F 66 29.08 -12.40 -2.26
N LEU F 67 30.20 -11.79 -1.88
CA LEU F 67 30.35 -11.24 -0.53
C LEU F 67 31.11 -9.93 -0.67
N PHE F 68 31.16 -9.19 0.42
CA PHE F 68 31.67 -7.82 0.41
C PHE F 68 32.54 -7.57 1.63
N ARG F 69 33.66 -6.90 1.40
CA ARG F 69 34.61 -6.58 2.45
C ARG F 69 35.05 -5.15 2.36
N ASP F 70 35.65 -4.66 3.43
CA ASP F 70 36.40 -3.43 3.41
C ASP F 70 37.62 -3.69 2.55
N ALA F 71 37.84 -2.85 1.54
CA ALA F 71 38.92 -3.06 0.57
C ALA F 71 40.34 -2.94 1.16
N GLY F 72 40.50 -2.16 2.22
CA GLY F 72 41.81 -1.95 2.80
C GLY F 72 42.17 -3.00 3.82
N THR F 73 41.19 -3.33 4.65
CA THR F 73 41.41 -4.19 5.82
C THR F 73 40.79 -5.57 5.70
N HIS F 74 39.92 -5.77 4.70
CA HIS F 74 39.18 -7.01 4.54
C HIS F 74 38.22 -7.31 5.68
N ASP F 75 37.92 -6.33 6.54
CA ASP F 75 36.83 -6.47 7.51
C ASP F 75 35.57 -6.97 6.79
N GLY F 76 34.80 -7.83 7.45
CA GLY F 76 33.56 -8.35 6.88
C GLY F 76 32.47 -7.30 6.87
N LEU F 77 31.68 -7.28 5.79
CA LEU F 77 30.50 -6.45 5.70
C LEU F 77 29.27 -7.28 5.44
N LEU F 78 28.11 -6.65 5.56
CA LEU F 78 26.83 -7.32 5.34
C LEU F 78 26.23 -6.88 4.03
N VAL F 79 25.41 -7.76 3.45
CA VAL F 79 24.66 -7.44 2.25
C VAL F 79 23.26 -8.01 2.49
N ASN F 80 22.27 -7.13 2.42
CA ASN F 80 20.90 -7.43 2.85
C ASN F 80 20.86 -8.23 4.14
N GLN F 81 21.62 -7.78 5.12
CA GLN F 81 21.56 -8.27 6.49
C GLN F 81 22.26 -9.59 6.71
N THR F 82 22.99 -10.07 5.71
CA THR F 82 23.62 -11.36 5.85
C THR F 82 24.94 -11.39 5.08
N GLU F 83 25.61 -12.55 5.06
CA GLU F 83 27.00 -12.65 4.61
C GLU F 83 27.11 -12.76 3.11
N LEU F 84 26.27 -13.61 2.55
CA LEU F 84 26.30 -13.89 1.13
C LEU F 84 25.13 -13.24 0.42
N PHE F 85 25.38 -12.80 -0.81
CA PHE F 85 24.36 -12.35 -1.73
C PHE F 85 24.28 -13.24 -2.96
N VAL F 86 23.06 -13.68 -3.26
CA VAL F 86 22.78 -14.54 -4.39
C VAL F 86 21.73 -13.85 -5.24
N PRO F 87 22.13 -13.31 -6.42
CA PRO F 87 21.15 -12.64 -7.30
C PRO F 87 19.99 -13.58 -7.62
N SER F 88 18.78 -13.04 -7.53
CA SER F 88 17.56 -13.81 -7.85
C SER F 88 16.85 -13.22 -9.07
N LEU F 89 15.75 -13.85 -9.44
CA LEU F 89 14.93 -13.45 -10.57
C LEU F 89 14.47 -11.98 -10.50
N ASN F 90 14.74 -11.24 -11.59
CA ASN F 90 14.33 -9.84 -11.71
C ASN F 90 12.86 -9.75 -12.08
N VAL F 91 12.03 -9.46 -11.10
CA VAL F 91 10.59 -9.42 -11.34
C VAL F 91 10.21 -8.12 -12.10
N ASP F 92 9.50 -8.29 -13.21
CA ASP F 92 9.11 -7.20 -14.11
C ASP F 92 10.30 -6.30 -14.55
N GLY F 93 11.46 -6.90 -14.80
CA GLY F 93 12.66 -6.17 -15.22
C GLY F 93 13.41 -5.43 -14.11
N GLN F 94 12.89 -5.48 -12.88
CA GLN F 94 13.47 -4.71 -11.75
C GLN F 94 14.76 -5.37 -11.26
N PRO F 95 15.86 -4.57 -11.18
CA PRO F 95 17.13 -5.11 -10.70
C PRO F 95 17.01 -5.42 -9.23
N ILE F 96 17.79 -6.39 -8.76
CA ILE F 96 17.82 -6.73 -7.33
C ILE F 96 18.74 -5.75 -6.62
N PHE F 97 18.33 -5.30 -5.44
CA PHE F 97 19.12 -4.37 -4.68
C PHE F 97 19.98 -5.12 -3.67
N ALA F 98 21.29 -4.92 -3.74
CA ALA F 98 22.22 -5.44 -2.75
C ALA F 98 22.67 -4.31 -1.83
N ASN F 99 21.99 -4.18 -0.68
CA ASN F 99 22.35 -3.16 0.33
C ASN F 99 23.51 -3.59 1.18
N ILE F 100 24.66 -2.96 0.98
CA ILE F 100 25.88 -3.30 1.69
C ILE F 100 26.00 -2.37 2.89
N THR F 101 26.14 -2.96 4.09
CA THR F 101 26.18 -2.17 5.33
C THR F 101 27.26 -2.67 6.28
N LEU F 102 27.64 -1.82 7.23
CA LEU F 102 28.45 -2.30 8.34
C LEU F 102 27.61 -3.29 9.13
N PRO F 103 28.24 -4.37 9.60
CA PRO F 103 27.59 -5.11 10.68
C PRO F 103 27.71 -4.34 11.97
N VAL F 104 26.98 -4.78 12.97
CA VAL F 104 27.24 -4.36 14.33
C VAL F 104 28.33 -5.28 14.81
N TYR F 105 29.57 -4.82 14.70
CA TYR F 105 30.69 -5.55 15.21
C TYR F 105 30.61 -5.63 16.72
N THR F 106 31.23 -6.66 17.27
CA THR F 106 31.42 -6.75 18.70
C THR F 106 32.36 -5.60 19.04
N LEU F 107 32.31 -5.15 20.28
CA LEU F 107 33.18 -4.09 20.77
C LEU F 107 34.63 -4.52 20.64
N LYS F 108 34.89 -5.79 20.95
CA LYS F 108 36.24 -6.34 20.83
C LYS F 108 36.73 -6.25 19.40
N GLU F 109 35.94 -6.75 18.47
CA GLU F 109 36.37 -6.73 17.09
C GLU F 109 36.58 -5.32 16.60
N ARG F 110 35.67 -4.42 16.98
CA ARG F 110 35.81 -3.02 16.62
C ARG F 110 37.07 -2.42 17.21
N CYS F 111 37.38 -2.74 18.46
CA CYS F 111 38.64 -2.30 19.05
C CYS F 111 39.84 -2.81 18.29
N LEU F 112 39.81 -4.08 17.89
CA LEU F 112 40.90 -4.66 17.10
C LEU F 112 41.06 -3.95 15.75
N GLN F 113 39.95 -3.58 15.13
CA GLN F 113 40.04 -2.84 13.89
C GLN F 113 40.85 -1.57 14.10
N VAL F 114 40.56 -0.84 15.17
CA VAL F 114 41.18 0.44 15.40
C VAL F 114 42.67 0.30 15.73
N VAL F 115 43.01 -0.68 16.58
CA VAL F 115 44.41 -0.92 16.93
C VAL F 115 45.21 -1.35 15.70
N ARG F 116 44.65 -2.23 14.88
CA ARG F 116 45.31 -2.65 13.62
C ARG F 116 45.60 -1.47 12.69
N SER F 117 44.65 -0.55 12.61
CA SER F 117 44.82 0.65 11.80
C SER F 117 45.96 1.52 12.33
N LEU F 118 46.19 1.51 13.65
CA LEU F 118 47.20 2.37 14.28
C LEU F 118 48.59 1.77 14.47
N VAL F 119 48.69 0.45 14.58
CA VAL F 119 49.96 -0.20 14.90
C VAL F 119 50.41 -1.08 13.77
N LYS F 120 51.65 -0.90 13.31
CA LYS F 120 52.21 -1.74 12.24
C LYS F 120 52.35 -3.18 12.75
N PRO F 121 51.98 -4.16 11.93
CA PRO F 121 51.94 -5.55 12.40
C PRO F 121 53.18 -6.07 13.13
N GLU F 122 54.37 -5.58 12.77
CA GLU F 122 55.61 -5.96 13.48
C GLU F 122 55.56 -5.57 14.95
N ASN F 123 54.74 -4.59 15.29
CA ASN F 123 54.73 -4.03 16.63
C ASN F 123 53.54 -4.44 17.51
N TYR F 124 52.69 -5.34 17.02
CA TYR F 124 51.61 -5.89 17.84
C TYR F 124 52.20 -6.53 19.09
N ARG F 125 53.30 -7.26 18.89
CA ARG F 125 54.00 -7.94 19.98
C ARG F 125 54.58 -6.97 21.02
N ARG F 126 54.83 -5.71 20.65
CA ARG F 126 55.37 -4.72 21.60
C ARG F 126 54.27 -4.12 22.51
N LEU F 127 53.00 -4.36 22.19
CA LEU F 127 51.90 -3.82 23.00
C LEU F 127 51.77 -4.55 24.34
N ASP F 128 51.50 -3.79 25.40
CA ASP F 128 51.34 -4.35 26.74
C ASP F 128 49.92 -4.88 26.97
N ILE F 129 49.69 -6.10 26.50
CA ILE F 129 48.39 -6.75 26.56
C ILE F 129 48.63 -8.26 26.63
N VAL F 130 47.66 -9.02 27.13
CA VAL F 130 47.80 -10.49 27.20
C VAL F 130 48.11 -11.13 25.84
N ARG F 131 48.83 -12.24 25.88
CA ARG F 131 49.26 -12.93 24.65
C ARG F 131 48.11 -13.22 23.69
N SER F 132 46.96 -13.62 24.22
CA SER F 132 45.82 -13.96 23.36
C SER F 132 45.33 -12.76 22.56
N LEU F 133 45.50 -11.54 23.08
CA LEU F 133 45.17 -10.33 22.32
C LEU F 133 46.17 -10.01 21.22
N TYR F 134 47.44 -10.40 21.38
CA TYR F 134 48.39 -10.37 20.26
C TYR F 134 47.81 -11.23 19.18
N GLU F 135 47.47 -12.46 19.51
CA GLU F 135 47.01 -13.43 18.51
C GLU F 135 45.76 -12.93 17.80
N ASP F 136 44.80 -12.40 18.55
CA ASP F 136 43.57 -11.87 17.95
C ASP F 136 43.88 -10.77 16.94
N LEU F 137 44.83 -9.89 17.26
CA LEU F 137 45.29 -8.85 16.30
C LEU F 137 45.98 -9.42 15.06
N GLU F 138 46.84 -10.42 15.26
CA GLU F 138 47.57 -11.01 14.13
C GLU F 138 46.61 -11.77 13.22
N ASP F 139 45.55 -12.33 13.79
CA ASP F 139 44.61 -13.14 13.04
C ASP F 139 43.60 -12.22 12.37
N HIS F 140 44.06 -11.45 11.39
CA HIS F 140 43.22 -10.42 10.82
C HIS F 140 42.27 -10.99 9.79
N PRO F 141 41.13 -10.29 9.57
CA PRO F 141 40.11 -10.74 8.65
C PRO F 141 40.69 -11.11 7.31
N ASN F 142 40.07 -12.12 6.70
CA ASN F 142 40.60 -12.77 5.53
C ASN F 142 39.43 -13.56 4.89
N VAL F 143 39.29 -13.47 3.58
CA VAL F 143 38.15 -14.11 2.90
C VAL F 143 38.23 -15.62 2.96
N GLN F 144 39.39 -16.17 2.65
CA GLN F 144 39.61 -17.62 2.74
C GLN F 144 39.11 -18.20 4.06
N LYS F 145 39.47 -17.56 5.16
CA LYS F 145 39.09 -18.02 6.51
C LYS F 145 37.58 -18.11 6.63
N ASP F 146 36.90 -17.05 6.23
CA ASP F 146 35.44 -17.06 6.32
C ASP F 146 34.81 -18.11 5.41
N LEU F 147 35.42 -18.39 4.26
CA LEU F 147 34.91 -19.42 3.34
C LEU F 147 35.00 -20.80 3.94
N GLU F 148 36.05 -21.05 4.71
CA GLU F 148 36.17 -22.29 5.47
C GLU F 148 35.06 -22.34 6.52
N ARG F 149 35.02 -21.31 7.37
CA ARG F 149 34.05 -21.25 8.45
C ARG F 149 32.61 -21.40 7.93
N LEU F 150 32.27 -20.61 6.91
CA LEU F 150 30.91 -20.64 6.32
C LEU F 150 30.51 -22.03 5.82
N THR F 151 31.49 -22.82 5.38
CA THR F 151 31.25 -24.19 4.93
C THR F 151 30.91 -25.13 6.10
N GLN F 152 31.68 -25.07 7.19
CA GLN F 152 31.42 -25.90 8.38
C GLN F 152 29.98 -25.78 8.88
N GLU F 153 29.35 -24.62 8.66
CA GLU F 153 27.95 -24.41 8.99
C GLU F 153 27.00 -25.21 8.09
N MET G 1 -0.75 24.94 -24.71
CA MET G 1 0.72 24.85 -24.91
C MET G 1 1.43 24.67 -23.57
N ASP G 2 2.17 23.57 -23.44
CA ASP G 2 2.89 23.27 -22.21
C ASP G 2 4.18 24.07 -22.14
N VAL G 3 4.58 24.44 -20.93
CA VAL G 3 5.86 25.09 -20.71
C VAL G 3 6.60 24.33 -19.62
N PHE G 4 7.91 24.24 -19.76
CA PHE G 4 8.71 23.43 -18.86
C PHE G 4 9.69 24.31 -18.08
N LEU G 5 9.70 24.08 -16.78
CA LEU G 5 10.26 25.02 -15.83
C LEU G 5 11.18 24.38 -14.79
N MET G 6 12.17 25.16 -14.39
CA MET G 6 12.96 24.93 -13.19
C MET G 6 12.65 26.06 -12.24
N ILE G 7 12.15 25.73 -11.06
CA ILE G 7 11.84 26.72 -10.03
C ILE G 7 12.95 26.63 -8.99
N ARG G 8 13.68 27.74 -8.82
CA ARG G 8 14.97 27.70 -8.15
C ARG G 8 15.14 28.70 -7.01
N ARG G 9 15.58 28.15 -5.88
CA ARG G 9 15.87 28.92 -4.69
C ARG G 9 17.10 28.32 -3.98
N HIS G 10 18.09 29.15 -3.71
CA HIS G 10 19.32 28.76 -3.02
C HIS G 10 19.86 27.49 -3.68
N LYS G 11 19.80 26.34 -2.99
CA LYS G 11 20.26 25.05 -3.57
C LYS G 11 19.12 24.10 -3.95
N THR G 12 17.93 24.64 -4.13
CA THR G 12 16.74 23.87 -4.40
C THR G 12 16.33 24.16 -5.85
N THR G 13 16.06 23.09 -6.62
CA THR G 13 15.57 23.25 -7.99
C THR G 13 14.39 22.31 -8.22
N ILE G 14 13.19 22.86 -8.39
CA ILE G 14 12.03 22.06 -8.71
C ILE G 14 11.87 22.03 -10.23
N PHE G 15 11.74 20.84 -10.79
CA PHE G 15 11.35 20.65 -12.19
C PHE G 15 9.85 20.40 -12.26
N THR G 16 9.13 21.23 -13.00
CA THR G 16 7.74 20.94 -13.30
C THR G 16 7.30 21.70 -14.54
N ASP G 17 6.06 21.46 -14.94
CA ASP G 17 5.51 22.07 -16.14
C ASP G 17 4.11 22.58 -15.88
N ALA G 18 3.58 23.31 -16.85
CA ALA G 18 2.26 23.92 -16.78
C ALA G 18 1.84 24.42 -18.17
N LYS G 19 0.69 25.07 -18.24
CA LYS G 19 0.19 25.62 -19.50
C LYS G 19 0.61 27.08 -19.64
N GLU G 20 0.75 27.55 -20.89
CA GLU G 20 0.92 28.97 -21.15
C GLU G 20 -0.20 29.78 -20.51
N SER G 21 -1.41 29.22 -20.50
CA SER G 21 -2.59 29.94 -20.02
C SER G 21 -2.71 29.99 -18.49
N SER G 22 -1.98 29.10 -17.80
CA SER G 22 -1.99 29.07 -16.33
C SER G 22 -1.33 30.33 -15.75
N THR G 23 -1.67 30.65 -14.50
CA THR G 23 -1.21 31.86 -13.85
C THR G 23 -0.06 31.65 -12.87
N VAL G 24 0.53 32.77 -12.46
CA VAL G 24 1.63 32.78 -11.50
C VAL G 24 1.19 32.19 -10.15
N PHE G 25 -0.05 32.50 -9.74
CA PHE G 25 -0.63 31.97 -8.49
C PHE G 25 -0.80 30.45 -8.57
N GLU G 26 -1.37 29.95 -9.67
CA GLU G 26 -1.54 28.51 -9.85
C GLU G 26 -0.21 27.77 -9.74
N LEU G 27 0.85 28.46 -10.17
CA LEU G 27 2.20 27.96 -10.03
C LEU G 27 2.70 28.01 -8.57
N LYS G 28 2.32 29.06 -7.83
CA LYS G 28 2.62 29.14 -6.40
C LYS G 28 1.92 28.02 -5.61
N ARG G 29 0.72 27.61 -6.06
CA ARG G 29 0.02 26.47 -5.47
C ARG G 29 0.85 25.19 -5.60
N ILE G 30 1.44 25.01 -6.77
CA ILE G 30 2.25 23.83 -7.03
C ILE G 30 3.50 23.82 -6.12
N VAL G 31 4.12 24.98 -5.95
CA VAL G 31 5.25 25.12 -5.02
C VAL G 31 4.85 24.77 -3.58
N GLU G 32 3.63 25.18 -3.19
CA GLU G 32 3.13 24.87 -1.84
C GLU G 32 2.96 23.37 -1.62
N GLY G 33 2.48 22.68 -2.66
CA GLY G 33 2.38 21.24 -2.65
C GLY G 33 3.71 20.64 -2.28
N ILE G 34 4.77 21.19 -2.87
CA ILE G 34 6.12 20.63 -2.74
C ILE G 34 6.88 21.11 -1.50
N LEU G 35 7.04 22.44 -1.36
CA LEU G 35 7.91 22.99 -0.31
C LEU G 35 7.15 23.42 0.96
N LYS G 36 5.83 23.21 0.99
CA LYS G 36 5.00 23.41 2.19
C LYS G 36 4.98 24.87 2.70
N ARG G 37 4.87 25.81 1.78
CA ARG G 37 4.81 27.24 2.09
C ARG G 37 3.73 27.89 1.21
N PRO G 38 2.78 28.61 1.81
CA PRO G 38 1.66 29.17 1.02
C PRO G 38 2.05 30.32 0.07
N PRO G 39 1.20 30.61 -0.93
CA PRO G 39 1.45 31.66 -1.94
C PRO G 39 1.89 33.02 -1.36
N ASP G 40 1.23 33.45 -0.29
CA ASP G 40 1.55 34.75 0.32
C ASP G 40 2.96 34.82 0.94
N GLU G 41 3.60 33.67 1.16
CA GLU G 41 4.97 33.62 1.66
C GLU G 41 6.02 33.38 0.57
N GLN G 42 5.61 33.44 -0.70
CA GLN G 42 6.53 33.22 -1.83
C GLN G 42 6.52 34.38 -2.79
N ARG G 43 7.69 34.76 -3.27
CA ARG G 43 7.79 35.64 -4.45
C ARG G 43 8.39 34.85 -5.62
N LEU G 44 7.78 34.98 -6.80
CA LEU G 44 8.30 34.37 -8.02
C LEU G 44 8.81 35.41 -9.01
N TYR G 45 9.94 35.11 -9.64
CA TYR G 45 10.67 36.05 -10.49
C TYR G 45 10.99 35.45 -11.85
N LYS G 46 10.90 36.28 -12.89
CA LYS G 46 11.56 36.00 -14.15
C LYS G 46 12.77 36.93 -14.21
N ASP G 47 13.96 36.34 -14.15
CA ASP G 47 15.18 37.12 -13.89
C ASP G 47 14.93 37.98 -12.66
N ASP G 48 15.03 39.31 -12.78
CA ASP G 48 14.79 40.21 -11.64
C ASP G 48 13.36 40.70 -11.52
N GLN G 49 12.52 40.36 -12.49
CA GLN G 49 11.16 40.89 -12.52
C GLN G 49 10.23 40.08 -11.61
N LEU G 50 9.69 40.73 -10.58
CA LEU G 50 8.64 40.15 -9.77
C LEU G 50 7.40 39.85 -10.64
N LEU G 51 6.86 38.66 -10.45
CA LEU G 51 5.73 38.20 -11.26
C LEU G 51 4.43 38.41 -10.50
N ASP G 52 3.52 39.17 -11.11
CA ASP G 52 2.17 39.38 -10.56
C ASP G 52 1.33 38.11 -10.64
N ASP G 53 0.62 37.80 -9.54
CA ASP G 53 -0.23 36.60 -9.43
C ASP G 53 -1.28 36.42 -10.54
N GLY G 54 -1.96 37.49 -10.92
CA GLY G 54 -3.08 37.37 -11.85
C GLY G 54 -2.74 37.26 -13.33
N LYS G 55 -1.44 37.16 -13.64
CA LYS G 55 -0.94 37.09 -15.02
C LYS G 55 -0.65 35.66 -15.46
N THR G 56 -0.81 35.40 -16.75
CA THR G 56 -0.51 34.08 -17.30
C THR G 56 1.00 33.92 -17.52
N LEU G 57 1.47 32.68 -17.56
CA LEU G 57 2.89 32.43 -17.82
C LEU G 57 3.28 32.92 -19.22
N GLY G 58 2.38 32.81 -20.18
CA GLY G 58 2.63 33.28 -21.55
C GLY G 58 2.79 34.78 -21.62
N GLU G 59 1.92 35.51 -20.93
CA GLU G 59 2.05 36.97 -20.82
C GLU G 59 3.46 37.34 -20.36
N GLY G 61 6.08 35.75 -20.72
CA GLY G 61 7.10 35.35 -21.67
C GLY G 61 7.65 33.95 -21.50
N PHE G 62 6.94 33.10 -20.76
CA PHE G 62 7.27 31.69 -20.70
C PHE G 62 6.46 31.04 -21.80
N THR G 63 7.10 30.76 -22.93
CA THR G 63 6.43 30.19 -24.10
C THR G 63 6.99 28.81 -24.43
N SER G 64 6.18 28.00 -25.11
CA SER G 64 6.53 26.62 -25.40
C SER G 64 7.88 26.48 -26.09
N GLN G 65 8.25 27.45 -26.91
CA GLN G 65 9.52 27.39 -27.64
C GLN G 65 10.74 27.92 -26.87
N THR G 66 10.53 28.49 -25.68
CA THR G 66 11.63 28.89 -24.79
C THR G 66 11.61 28.16 -23.47
N ALA G 67 10.51 27.49 -23.16
CA ALA G 67 10.42 26.71 -21.94
C ALA G 67 10.32 25.24 -22.34
N ARG G 68 11.38 24.71 -22.93
CA ARG G 68 11.36 23.39 -23.55
C ARG G 68 11.71 22.27 -22.55
N PRO G 69 11.11 21.09 -22.71
CA PRO G 69 11.42 19.98 -21.79
C PRO G 69 12.92 19.76 -21.56
N GLN G 70 13.71 19.83 -22.63
CA GLN G 70 15.14 19.56 -22.57
C GLN G 70 15.99 20.77 -22.23
N ALA G 71 15.33 21.92 -22.09
CA ALA G 71 15.98 23.18 -21.75
C ALA G 71 14.93 24.08 -21.07
N PRO G 72 14.48 23.67 -19.88
CA PRO G 72 13.37 24.36 -19.24
C PRO G 72 13.75 25.78 -18.86
N ALA G 73 12.76 26.64 -18.67
CA ALA G 73 13.01 28.02 -18.27
C ALA G 73 13.07 28.14 -16.74
N THR G 74 13.96 29.01 -16.26
CA THR G 74 14.13 29.24 -14.83
C THR G 74 13.13 30.28 -14.30
N VAL G 75 12.40 29.88 -13.27
CA VAL G 75 11.61 30.81 -12.45
C VAL G 75 12.31 30.93 -11.09
N GLY G 76 12.55 32.16 -10.66
CA GLY G 76 13.18 32.44 -9.36
C GLY G 76 12.18 32.38 -8.21
N LEU G 77 12.68 31.99 -7.04
CA LEU G 77 11.85 31.82 -5.83
C LEU G 77 12.54 32.39 -4.58
N ALA G 78 11.80 33.21 -3.84
CA ALA G 78 12.24 33.76 -2.56
C ALA G 78 11.10 33.65 -1.56
N PHE G 79 11.41 33.21 -0.35
CA PHE G 79 10.42 32.99 0.69
C PHE G 79 10.35 34.18 1.66
N ARG G 80 9.17 34.37 2.25
CA ARG G 80 9.02 35.28 3.38
C ARG G 80 9.33 34.51 4.67
N ALA G 81 10.28 35.03 5.43
CA ALA G 81 10.65 34.44 6.70
C ALA G 81 10.33 35.48 7.76
N ASP G 82 9.36 35.15 8.60
CA ASP G 82 8.89 36.08 9.63
C ASP G 82 8.33 37.37 8.95
N ASP G 83 8.63 38.57 9.45
CA ASP G 83 7.98 39.77 8.92
C ASP G 83 8.19 40.06 7.41
N THR G 84 9.36 39.69 6.86
CA THR G 84 9.77 40.15 5.51
C THR G 84 10.36 39.07 4.58
N PHE G 85 10.48 39.41 3.31
CA PHE G 85 11.03 38.49 2.31
C PHE G 85 12.55 38.53 2.27
N GLU G 86 13.15 37.38 2.01
CA GLU G 86 14.57 37.28 1.73
C GLU G 86 14.82 37.74 0.30
N ALA G 87 16.07 38.12 0.02
CA ALA G 87 16.45 38.45 -1.34
C ALA G 87 16.44 37.19 -2.24
N LEU G 88 16.23 37.42 -3.53
CA LEU G 88 16.34 36.37 -4.53
C LEU G 88 17.80 35.87 -4.54
N ILE G 90 20.02 32.42 -5.94
CA ILE G 90 20.06 31.15 -6.64
C ILE G 90 21.52 30.71 -6.75
N GLU G 91 21.86 29.61 -6.09
CA GLU G 91 23.22 29.08 -6.14
C GLU G 91 23.41 28.43 -7.48
N PRO G 92 24.49 28.79 -8.19
CA PRO G 92 24.75 28.18 -9.49
C PRO G 92 25.19 26.71 -9.35
N PHE G 93 25.00 25.94 -10.41
CA PHE G 93 25.48 24.58 -10.45
C PHE G 93 27.01 24.56 -10.48
N SER G 94 27.58 23.40 -10.16
CA SER G 94 29.02 23.25 -10.15
C SER G 94 29.61 23.58 -11.51
N SER G 95 30.90 23.93 -11.53
CA SER G 95 31.61 24.20 -12.77
C SER G 95 32.12 22.89 -13.37
N PRO G 96 31.87 22.67 -14.67
CA PRO G 96 32.55 21.58 -15.35
C PRO G 96 34.07 21.83 -15.38
N PRO G 97 34.88 20.77 -15.34
CA PRO G 97 36.32 20.98 -15.43
C PRO G 97 36.75 21.50 -16.82
N GLU G 98 38.03 21.82 -16.95
CA GLU G 98 38.59 22.15 -18.26
C GLU G 98 38.46 20.90 -19.17
N LEU G 99 38.06 21.11 -20.42
CA LEU G 99 38.03 20.03 -21.40
C LEU G 99 39.39 19.36 -21.47
N PRO G 100 39.43 18.02 -21.34
CA PRO G 100 40.70 17.31 -21.54
C PRO G 100 41.29 17.63 -22.92
N ASP G 101 42.62 17.61 -23.02
CA ASP G 101 43.31 17.97 -24.27
C ASP G 101 42.76 17.24 -25.50
N VAL G 102 42.33 15.98 -25.32
CA VAL G 102 41.75 15.18 -26.43
C VAL G 102 40.36 15.62 -26.95
N MET G 103 39.72 16.58 -26.29
CA MET G 103 38.39 17.06 -26.69
C MET G 103 38.41 18.52 -27.14
N MET H 1 0.12 15.69 -7.19
CA MET H 1 0.88 14.51 -7.69
C MET H 1 2.26 14.42 -7.03
N MET H 2 2.81 13.21 -6.99
CA MET H 2 3.98 12.95 -6.15
C MET H 2 5.29 13.42 -6.74
N TYR H 3 6.20 13.80 -5.85
CA TYR H 3 7.55 14.21 -6.20
C TYR H 3 8.59 13.40 -5.41
N VAL H 4 9.82 13.43 -5.90
CA VAL H 4 10.95 12.83 -5.19
C VAL H 4 12.11 13.82 -5.28
N LYS H 5 13.09 13.61 -4.41
CA LYS H 5 14.23 14.52 -4.30
C LYS H 5 15.52 13.79 -4.67
N LEU H 6 16.27 14.37 -5.58
CA LEU H 6 17.55 13.84 -6.01
C LEU H 6 18.65 14.82 -5.60
N ILE H 7 19.62 14.39 -4.81
CA ILE H 7 20.61 15.31 -4.28
C ILE H 7 21.96 15.03 -4.90
N SER H 8 22.60 16.07 -5.44
CA SER H 8 23.90 15.95 -6.08
C SER H 8 25.02 15.89 -5.04
N SER H 9 26.24 15.60 -5.49
CA SER H 9 27.39 15.50 -4.59
C SER H 9 27.70 16.84 -3.92
N ASP H 10 27.51 17.93 -4.66
CA ASP H 10 27.75 19.30 -4.14
C ASP H 10 26.52 19.88 -3.41
N GLY H 11 25.50 19.05 -3.15
CA GLY H 11 24.39 19.39 -2.28
C GLY H 11 23.18 20.08 -2.91
N HIS H 12 23.15 20.16 -4.24
CA HIS H 12 21.96 20.65 -4.92
C HIS H 12 20.84 19.61 -4.82
N GLU H 13 19.65 20.09 -4.44
CA GLU H 13 18.45 19.27 -4.31
C GLU H 13 17.53 19.51 -5.50
N PHE H 14 17.30 18.46 -6.27
CA PHE H 14 16.45 18.49 -7.45
C PHE H 14 15.17 17.74 -7.14
N ILE H 15 14.03 18.41 -7.29
CA ILE H 15 12.74 17.81 -6.97
C ILE H 15 11.94 17.60 -8.26
N VAL H 16 11.89 16.36 -8.73
CA VAL H 16 11.21 15.99 -9.98
C VAL H 16 9.95 15.16 -9.67
N LYS H 17 9.02 15.09 -10.62
CA LYS H 17 7.83 14.25 -10.45
C LYS H 17 8.26 12.79 -10.31
N ARG H 18 7.56 12.05 -9.45
CA ARG H 18 7.79 10.60 -9.30
C ARG H 18 7.75 9.87 -10.64
N GLU H 19 6.62 9.92 -11.34
CA GLU H 19 6.48 9.24 -12.63
C GLU H 19 7.68 9.49 -13.54
N HIS H 20 8.22 10.72 -13.48
CA HIS H 20 9.33 11.09 -14.34
C HIS H 20 10.63 10.41 -13.91
N ALA H 21 10.84 10.36 -12.61
CA ALA H 21 12.02 9.68 -12.07
C ALA H 21 11.95 8.18 -12.30
N LEU H 22 10.74 7.62 -12.37
CA LEU H 22 10.58 6.18 -12.64
C LEU H 22 10.99 5.73 -14.06
N THR H 23 11.31 6.71 -14.90
CA THR H 23 11.95 6.49 -16.18
C THR H 23 13.26 5.72 -16.06
N SER H 24 14.01 6.00 -15.00
CA SER H 24 15.25 5.29 -14.72
C SER H 24 14.90 4.04 -13.92
N GLY H 25 15.34 2.89 -14.43
CA GLY H 25 15.19 1.64 -13.71
C GLY H 25 15.92 1.67 -12.37
N THR H 26 17.14 2.20 -12.39
CA THR H 26 17.96 2.27 -11.18
C THR H 26 17.25 3.08 -10.11
N ILE H 27 16.74 4.26 -10.49
CA ILE H 27 16.04 5.12 -9.54
C ILE H 27 14.74 4.46 -9.07
N LYS H 28 14.02 3.79 -9.96
CA LYS H 28 12.82 3.08 -9.55
C LYS H 28 13.13 2.02 -8.50
N ALA H 29 14.29 1.38 -8.63
CA ALA H 29 14.76 0.43 -7.64
C ALA H 29 15.14 1.15 -6.34
N MET H 30 15.94 2.21 -6.43
CA MET H 30 16.33 3.03 -5.26
C MET H 30 15.12 3.39 -4.41
N LEU H 31 14.02 3.76 -5.05
CA LEU H 31 12.79 4.11 -4.34
C LEU H 31 12.03 2.90 -3.81
N SER H 32 12.36 1.70 -4.28
CA SER H 32 11.79 0.46 -3.73
C SER H 32 12.69 -0.20 -2.68
N GLY H 33 13.34 0.61 -1.83
CA GLY H 33 14.14 0.08 -0.71
C GLY H 33 15.45 -0.56 -1.14
N THR H 42 12.28 5.36 0.78
CA THR H 42 12.39 6.79 1.04
C THR H 42 12.15 7.59 -0.24
N ASN H 43 11.60 8.79 -0.10
CA ASN H 43 11.32 9.67 -1.25
C ASN H 43 12.50 10.55 -1.65
N GLU H 44 13.67 10.29 -1.07
CA GLU H 44 14.90 11.02 -1.38
C GLU H 44 15.97 10.05 -1.85
N VAL H 45 16.91 10.54 -2.67
CA VAL H 45 18.06 9.75 -3.12
C VAL H 45 19.31 10.62 -3.20
N ASN H 46 20.43 10.09 -2.73
CA ASN H 46 21.68 10.83 -2.63
C ASN H 46 22.74 10.30 -3.59
N PHE H 47 23.30 11.18 -4.41
CA PHE H 47 24.29 10.80 -5.42
C PHE H 47 25.64 11.44 -5.10
N ARG H 48 26.36 10.85 -4.15
CA ARG H 48 27.67 11.36 -3.73
C ARG H 48 28.75 11.49 -4.84
N GLU H 49 28.52 10.92 -6.02
CA GLU H 49 29.46 11.07 -7.14
C GLU H 49 28.90 11.84 -8.32
N ILE H 50 27.69 12.39 -8.21
CA ILE H 50 27.10 13.06 -9.35
C ILE H 50 26.91 14.52 -9.00
N PRO H 51 27.80 15.37 -9.53
CA PRO H 51 27.74 16.79 -9.29
C PRO H 51 26.51 17.43 -9.95
N SER H 52 26.17 18.64 -9.51
CA SER H 52 24.94 19.32 -9.91
C SER H 52 24.87 19.61 -11.41
N HIS H 53 26.02 19.90 -12.03
CA HIS H 53 26.00 20.18 -13.46
C HIS H 53 25.71 18.94 -14.29
N VAL H 54 25.89 17.76 -13.70
CA VAL H 54 25.48 16.51 -14.35
C VAL H 54 24.04 16.18 -13.98
N LEU H 55 23.72 16.27 -12.68
CA LEU H 55 22.43 15.77 -12.20
C LEU H 55 21.26 16.56 -12.77
N SER H 56 21.46 17.87 -12.91
CA SER H 56 20.41 18.75 -13.44
C SER H 56 20.00 18.34 -14.84
N LYS H 57 21.00 17.99 -15.63
CA LYS H 57 20.81 17.54 -17.00
C LYS H 57 20.06 16.21 -17.04
N VAL H 58 20.40 15.31 -16.12
CA VAL H 58 19.66 14.05 -15.98
C VAL H 58 18.17 14.31 -15.79
N CYS H 59 17.82 15.25 -14.91
CA CYS H 59 16.40 15.62 -14.72
C CYS H 59 15.76 16.21 -15.99
N MET H 60 16.54 16.92 -16.79
CA MET H 60 16.02 17.44 -18.03
C MET H 60 15.68 16.25 -18.94
N TYR H 61 16.55 15.25 -18.98
CA TYR H 61 16.30 14.06 -19.78
C TYR H 61 14.99 13.37 -19.40
N PHE H 62 14.71 13.22 -18.11
CA PHE H 62 13.44 12.65 -17.66
C PHE H 62 12.27 13.39 -18.29
N THR H 63 12.32 14.71 -18.24
CA THR H 63 11.23 15.51 -18.79
C THR H 63 11.13 15.30 -20.29
N TYR H 64 12.28 15.35 -20.95
CA TYR H 64 12.38 15.13 -22.39
C TYR H 64 11.82 13.75 -22.76
N LYS H 65 12.26 12.72 -22.07
CA LYS H 65 11.80 11.38 -22.40
C LYS H 65 10.27 11.17 -22.26
N VAL H 66 9.69 11.71 -21.20
CA VAL H 66 8.27 11.49 -20.95
C VAL H 66 7.44 12.24 -21.98
N ARG H 67 7.84 13.46 -22.29
CA ARG H 67 7.12 14.29 -23.26
C ARG H 67 7.10 13.66 -24.64
N TYR H 68 8.26 13.20 -25.10
CA TYR H 68 8.43 12.79 -26.49
C TYR H 68 8.30 11.29 -26.79
N THR H 69 8.30 10.44 -25.77
CA THR H 69 8.07 9.01 -25.96
C THR H 69 6.63 8.79 -26.42
N ASN H 70 6.45 7.98 -27.47
CA ASN H 70 5.12 7.70 -28.02
C ASN H 70 4.39 8.99 -28.39
N SER H 71 4.98 9.77 -29.30
CA SER H 71 4.42 11.06 -29.71
C SER H 71 4.61 11.31 -31.20
N SER H 72 3.66 12.03 -31.79
CA SER H 72 3.67 12.30 -33.23
C SER H 72 4.48 13.55 -33.53
N THR H 73 4.33 14.58 -32.70
CA THR H 73 5.07 15.83 -32.87
C THR H 73 6.57 15.56 -32.99
N GLU H 74 7.19 16.14 -34.01
CA GLU H 74 8.60 15.94 -34.33
C GLU H 74 9.47 16.11 -33.09
N ILE H 75 10.43 15.20 -32.93
CA ILE H 75 11.22 15.09 -31.71
C ILE H 75 12.52 15.85 -31.92
N PRO H 76 12.86 16.78 -31.01
CA PRO H 76 14.10 17.50 -31.19
C PRO H 76 15.24 16.79 -30.50
N GLU H 77 16.46 17.24 -30.77
CA GLU H 77 17.64 16.64 -30.21
C GLU H 77 17.73 16.94 -28.72
N PHE H 78 18.27 15.98 -27.97
CA PHE H 78 18.61 16.22 -26.58
C PHE H 78 20.01 16.81 -26.54
N PRO H 79 20.14 18.06 -26.05
CA PRO H 79 21.43 18.74 -26.10
C PRO H 79 22.34 18.39 -24.93
N ILE H 80 23.63 18.29 -25.21
CA ILE H 80 24.64 18.01 -24.20
C ILE H 80 25.91 18.77 -24.54
N ALA H 81 26.31 19.66 -23.63
CA ALA H 81 27.49 20.50 -23.84
C ALA H 81 28.76 19.66 -23.77
N PRO H 82 29.76 19.98 -24.62
CA PRO H 82 30.97 19.17 -24.61
C PRO H 82 31.63 19.13 -23.23
N GLU H 83 31.50 20.22 -22.47
CA GLU H 83 32.15 20.32 -21.17
C GLU H 83 31.65 19.25 -20.18
N ILE H 84 30.42 18.77 -20.36
CA ILE H 84 29.81 17.84 -19.42
C ILE H 84 29.60 16.43 -19.97
N ALA H 85 29.86 16.23 -21.26
CA ALA H 85 29.56 14.95 -21.89
C ALA H 85 30.15 13.75 -21.13
N LEU H 86 31.43 13.84 -20.78
CA LEU H 86 32.12 12.73 -20.11
C LEU H 86 31.43 12.30 -18.83
N GLU H 87 31.17 13.28 -17.97
CA GLU H 87 30.56 13.02 -16.68
C GLU H 87 29.12 12.53 -16.80
N LEU H 88 28.35 13.07 -17.74
CA LEU H 88 26.98 12.58 -17.97
C LEU H 88 26.93 11.11 -18.48
N LEU H 89 27.90 10.73 -19.31
CA LEU H 89 28.04 9.33 -19.71
C LEU H 89 28.18 8.39 -18.51
N MET H 90 29.05 8.75 -17.56
CA MET H 90 29.27 7.92 -16.36
C MET H 90 27.98 7.81 -15.56
N ALA H 91 27.33 8.94 -15.35
CA ALA H 91 26.09 8.98 -14.62
C ALA H 91 25.04 8.10 -15.29
N ALA H 92 24.94 8.18 -16.63
CA ALA H 92 23.86 7.51 -17.35
C ALA H 92 23.98 5.99 -17.33
N ASN H 93 25.22 5.51 -17.27
CA ASN H 93 25.45 4.09 -17.06
C ASN H 93 24.76 3.62 -15.76
N PHE H 94 25.10 4.27 -14.66
CA PHE H 94 24.65 3.87 -13.32
C PHE H 94 23.13 3.94 -13.15
N LEU H 95 22.52 4.97 -13.72
CA LEU H 95 21.08 5.17 -13.58
C LEU H 95 20.20 4.28 -14.49
N ASP H 96 20.79 3.70 -15.53
CA ASP H 96 20.00 3.04 -16.58
C ASP H 96 19.04 4.07 -17.21
N CYS H 97 19.44 5.35 -17.23
CA CYS H 97 18.67 6.43 -17.87
C CYS H 97 18.74 6.13 -19.39
N VAL I 11 17.46 -13.39 -44.92
CA VAL I 11 16.04 -13.26 -44.47
C VAL I 11 15.53 -11.82 -44.60
N LEU I 12 16.22 -10.86 -43.97
CA LEU I 12 15.92 -9.43 -44.21
C LEU I 12 16.46 -8.98 -45.56
N ARG I 13 15.58 -8.98 -46.56
CA ARG I 13 15.92 -8.57 -47.92
C ARG I 13 14.71 -8.06 -48.65
N SER I 14 14.93 -7.23 -49.66
CA SER I 14 13.83 -6.79 -50.51
C SER I 14 13.35 -7.94 -51.35
N VAL I 15 12.03 -7.96 -51.57
CA VAL I 15 11.42 -8.88 -52.55
C VAL I 15 11.54 -8.22 -53.92
N ASN I 16 11.90 -8.99 -54.93
CA ASN I 16 12.00 -8.44 -56.28
C ASN I 16 10.63 -8.48 -56.98
N SER I 17 9.72 -7.63 -56.50
CA SER I 17 8.33 -7.65 -56.96
C SER I 17 8.17 -6.99 -58.33
N ARG I 18 9.05 -6.03 -58.64
CA ARG I 18 8.94 -5.25 -59.87
C ARG I 18 7.60 -4.52 -59.98
N GLU I 19 7.01 -4.18 -58.84
CA GLU I 19 5.79 -3.41 -58.80
C GLU I 19 6.13 -2.04 -58.30
N PRO I 20 6.05 -1.02 -59.16
CA PRO I 20 6.40 0.33 -58.70
C PRO I 20 5.55 0.78 -57.49
N SER I 21 6.23 1.42 -56.53
CA SER I 21 5.57 2.07 -55.42
C SER I 21 6.28 3.40 -55.23
N GLN I 22 5.51 4.48 -55.26
CA GLN I 22 6.01 5.84 -55.13
C GLN I 22 5.97 6.29 -53.66
N VAL I 23 7.08 6.86 -53.19
CA VAL I 23 7.28 7.14 -51.78
C VAL I 23 7.78 8.56 -51.60
N ILE I 24 7.40 9.20 -50.50
CA ILE I 24 8.02 10.45 -50.07
C ILE I 24 8.89 10.19 -48.86
N PHE I 25 10.19 10.39 -48.99
CA PHE I 25 11.11 10.30 -47.86
C PHE I 25 11.11 11.67 -47.22
N ASN I 27 12.37 13.91 -44.10
CA ASN I 27 13.32 13.93 -43.00
C ASN I 27 12.87 14.92 -41.92
N ARG I 28 12.10 14.42 -40.95
CA ARG I 28 11.63 15.21 -39.80
C ARG I 28 12.59 15.00 -38.63
N SER I 29 13.88 15.14 -38.89
CA SER I 29 14.91 14.97 -37.90
C SER I 29 15.91 16.08 -38.11
N PRO I 30 16.78 16.33 -37.11
CA PRO I 30 17.85 17.29 -37.23
C PRO I 30 19.15 16.69 -37.80
N ARG I 31 19.10 15.41 -38.19
CA ARG I 31 20.24 14.74 -38.79
C ARG I 31 20.22 14.76 -40.30
N VAL I 32 21.40 14.73 -40.90
CA VAL I 32 21.55 14.43 -42.30
C VAL I 32 21.29 12.93 -42.39
N VAL I 33 20.32 12.53 -43.19
CA VAL I 33 19.85 11.16 -43.27
C VAL I 33 20.40 10.40 -44.47
N LEU I 34 20.88 9.20 -44.19
CA LEU I 34 21.29 8.26 -45.21
C LEU I 34 20.20 7.23 -45.33
N PRO I 35 19.47 7.22 -46.45
CA PRO I 35 18.57 6.12 -46.73
C PRO I 35 19.35 4.87 -47.15
N VAL I 36 18.91 3.70 -46.69
CA VAL I 36 19.63 2.46 -46.93
C VAL I 36 18.62 1.44 -47.42
N TRP I 37 18.83 0.93 -48.63
CA TRP I 37 17.95 -0.06 -49.25
C TRP I 37 18.55 -1.46 -49.07
N LEU I 38 17.75 -2.39 -48.57
CA LEU I 38 18.21 -3.76 -48.49
C LEU I 38 18.00 -4.37 -49.86
N ASN I 39 19.07 -4.84 -50.49
CA ASN I 39 18.93 -5.38 -51.83
C ASN I 39 18.45 -6.84 -51.76
N PHE I 40 18.41 -7.51 -52.90
CA PHE I 40 17.80 -8.84 -53.01
C PHE I 40 18.59 -9.97 -52.33
N ASP I 41 19.87 -9.70 -52.05
CA ASP I 41 20.68 -10.57 -51.18
C ASP I 41 20.73 -10.12 -49.72
N GLY I 42 19.94 -9.11 -49.34
CA GLY I 42 19.96 -8.59 -47.97
C GLY I 42 21.12 -7.64 -47.67
N GLU I 43 21.91 -7.29 -48.68
CA GLU I 43 23.05 -6.41 -48.50
C GLU I 43 22.61 -4.94 -48.50
N PRO I 44 23.03 -4.15 -47.51
CA PRO I 44 22.57 -2.76 -47.43
C PRO I 44 23.16 -1.87 -48.50
N GLN I 45 22.33 -1.06 -49.14
CA GLN I 45 22.77 -0.23 -50.25
C GLN I 45 22.44 1.24 -49.99
N PRO I 46 23.47 2.05 -49.74
CA PRO I 46 23.24 3.45 -49.44
C PRO I 46 22.73 4.29 -50.61
N TYR I 47 21.80 5.21 -50.34
CA TYR I 47 21.24 6.09 -51.36
C TYR I 47 21.62 7.53 -51.02
N PRO I 48 21.28 8.51 -51.89
CA PRO I 48 21.64 9.90 -51.61
C PRO I 48 21.12 10.45 -50.27
N THR I 49 21.93 11.28 -49.62
CA THR I 49 21.56 11.81 -48.33
C THR I 49 20.47 12.87 -48.41
N LEU I 50 19.76 13.05 -47.30
CA LEU I 50 18.69 14.02 -47.16
C LEU I 50 19.04 15.00 -46.07
N PRO I 51 19.22 16.28 -46.41
CA PRO I 51 19.45 17.25 -45.34
C PRO I 51 18.27 17.33 -44.40
N PRO I 52 18.50 17.75 -43.15
CA PRO I 52 17.42 17.90 -42.18
C PRO I 52 16.31 18.80 -42.69
N GLY I 53 15.07 18.41 -42.41
CA GLY I 53 13.91 19.21 -42.77
C GLY I 53 13.48 19.15 -44.22
N THR I 54 14.07 18.25 -45.00
CA THR I 54 13.75 18.14 -46.42
C THR I 54 13.06 16.83 -46.70
N GLY I 55 12.36 16.80 -47.83
CA GLY I 55 11.66 15.62 -48.29
C GLY I 55 11.89 15.39 -49.78
N ARG I 56 11.82 14.12 -50.21
CA ARG I 56 11.96 13.80 -51.64
C ARG I 56 11.00 12.73 -52.09
N ARG I 57 10.45 12.94 -53.27
CA ARG I 57 9.65 11.92 -53.94
C ARG I 57 10.60 11.00 -54.69
N ILE I 58 10.58 9.71 -54.35
CA ILE I 58 11.50 8.74 -54.89
C ILE I 58 10.75 7.51 -55.41
N HIS I 59 11.34 6.83 -56.39
CA HIS I 59 10.73 5.62 -56.99
C HIS I 59 11.28 4.35 -56.33
N SER I 60 10.38 3.57 -55.74
CA SER I 60 10.74 2.27 -55.16
C SER I 60 9.72 1.23 -55.62
N TYR I 61 9.64 0.10 -54.91
CA TYR I 61 8.80 -1.02 -55.33
C TYR I 61 8.20 -1.69 -54.13
N ARG I 62 7.09 -2.35 -54.35
CA ARG I 62 6.38 -2.99 -53.27
C ARG I 62 7.20 -4.15 -52.69
N GLY I 63 7.22 -4.26 -51.36
CA GLY I 63 7.98 -5.31 -50.72
C GLY I 63 9.47 -5.05 -50.59
N HIS I 64 9.94 -3.89 -51.06
CA HIS I 64 11.32 -3.49 -50.79
C HIS I 64 11.50 -3.03 -49.34
N LEU I 65 12.68 -3.26 -48.78
CA LEU I 65 12.96 -2.89 -47.40
C LEU I 65 13.94 -1.73 -47.33
N TRP I 66 13.62 -0.75 -46.49
CA TRP I 66 14.44 0.43 -46.27
C TRP I 66 14.67 0.65 -44.78
N LEU I 67 15.81 1.23 -44.46
CA LEU I 67 16.02 1.79 -43.14
C LEU I 67 16.81 3.08 -43.27
N PHE I 68 16.94 3.81 -42.15
CA PHE I 68 17.49 5.16 -42.22
C PHE I 68 18.44 5.47 -41.07
N ARG I 69 19.51 6.18 -41.38
CA ARG I 69 20.56 6.45 -40.42
C ARG I 69 21.06 7.87 -40.53
N ASP I 70 21.71 8.34 -39.47
CA ASP I 70 22.59 9.50 -39.56
C ASP I 70 23.71 9.20 -40.53
N ALA I 71 23.82 10.03 -41.57
CA ALA I 71 24.79 9.79 -42.63
C ALA I 71 26.23 9.84 -42.13
N GLY I 72 26.48 10.63 -41.08
CA GLY I 72 27.83 10.82 -40.59
C GLY I 72 28.26 9.82 -39.51
N THR I 73 27.36 9.48 -38.60
CA THR I 73 27.66 8.63 -37.44
C THR I 73 27.03 7.24 -37.50
N HIS I 74 26.14 7.02 -38.46
CA HIS I 74 25.32 5.80 -38.55
C HIS I 74 24.40 5.55 -37.37
N ASP I 75 24.19 6.55 -36.51
CA ASP I 75 23.17 6.43 -35.48
C ASP I 75 21.84 6.04 -36.14
N GLY I 76 21.08 5.16 -35.48
CA GLY I 76 19.82 4.68 -36.01
C GLY I 76 18.74 5.74 -35.90
N LEU I 77 17.83 5.73 -36.88
CA LEU I 77 16.69 6.63 -36.88
C LEU I 77 15.43 5.81 -37.06
N LEU I 78 14.27 6.42 -36.85
CA LEU I 78 13.02 5.70 -36.98
C LEU I 78 12.35 6.14 -38.27
N VAL I 79 11.48 5.28 -38.81
CA VAL I 79 10.70 5.62 -39.98
C VAL I 79 9.29 5.16 -39.74
N ASN I 80 8.34 6.10 -39.80
CA ASN I 80 6.99 5.85 -39.34
C ASN I 80 6.95 5.12 -38.00
N GLN I 81 7.76 5.60 -37.06
CA GLN I 81 7.79 5.08 -35.68
C GLN I 81 8.37 3.69 -35.51
N THR I 82 8.96 3.11 -36.55
CA THR I 82 9.57 1.80 -36.43
C THR I 82 10.92 1.74 -37.17
N GLU I 83 11.50 0.55 -37.29
CA GLU I 83 12.87 0.37 -37.78
C GLU I 83 12.96 0.25 -39.29
N LEU I 84 12.09 -0.59 -39.84
CA LEU I 84 12.05 -0.84 -41.25
C LEU I 84 10.84 -0.16 -41.91
N PHE I 85 11.01 0.29 -43.14
CA PHE I 85 9.94 0.82 -43.97
C PHE I 85 9.82 -0.06 -45.22
N VAL I 86 8.61 -0.55 -45.48
CA VAL I 86 8.32 -1.36 -46.64
C VAL I 86 7.24 -0.65 -47.46
N PRO I 87 7.59 -0.16 -48.66
CA PRO I 87 6.56 0.46 -49.50
C PRO I 87 5.44 -0.52 -49.83
N SER I 88 4.23 -0.01 -49.80
CA SER I 88 3.05 -0.79 -50.08
C SER I 88 2.48 -0.29 -51.40
N LEU I 89 1.37 -0.86 -51.79
CA LEU I 89 0.59 -0.43 -52.93
C LEU I 89 0.16 1.04 -52.81
N ASN I 90 0.40 1.85 -53.84
CA ASN I 90 -0.18 3.20 -53.92
C ASN I 90 -1.67 3.12 -54.24
N VAL I 91 -2.50 3.77 -53.41
CA VAL I 91 -3.92 3.84 -53.72
C VAL I 91 -4.28 5.20 -54.33
N ASP I 92 -4.83 5.15 -55.54
CA ASP I 92 -5.35 6.33 -56.22
C ASP I 92 -4.28 7.41 -56.39
N GLY I 93 -3.09 7.00 -56.82
CA GLY I 93 -2.00 7.92 -57.06
C GLY I 93 -1.39 8.58 -55.82
N GLN I 94 -1.74 8.12 -54.62
CA GLN I 94 -1.13 8.66 -53.41
C GLN I 94 0.20 8.00 -53.16
N PRO I 95 1.27 8.80 -53.03
CA PRO I 95 2.53 8.21 -52.62
C PRO I 95 2.51 7.84 -51.14
N ILE I 96 3.38 6.93 -50.73
CA ILE I 96 3.44 6.52 -49.33
C ILE I 96 4.39 7.43 -48.60
N PHE I 97 3.99 7.91 -47.44
CA PHE I 97 4.89 8.75 -46.66
C PHE I 97 5.81 7.89 -45.80
N ALA I 98 7.11 8.16 -45.88
CA ALA I 98 8.08 7.61 -44.95
C ALA I 98 8.62 8.76 -44.10
N ASN I 99 8.05 8.91 -42.90
CA ASN I 99 8.44 9.99 -42.00
C ASN I 99 9.61 9.57 -41.19
N ILE I 100 10.72 10.28 -41.36
CA ILE I 100 11.95 9.91 -40.72
C ILE I 100 12.19 10.81 -39.53
N THR I 101 12.27 10.22 -38.32
CA THR I 101 12.42 10.96 -37.05
C THR I 101 13.53 10.45 -36.17
N LEU I 102 13.94 11.28 -35.22
CA LEU I 102 14.82 10.85 -34.16
C LEU I 102 14.05 9.95 -33.25
N PRO I 103 14.69 8.86 -32.81
CA PRO I 103 14.15 8.15 -31.67
C PRO I 103 14.43 8.91 -30.39
N VAL I 104 13.70 8.55 -29.34
CA VAL I 104 14.08 8.94 -28.00
C VAL I 104 15.22 8.01 -27.59
N TYR I 105 16.46 8.42 -27.87
CA TYR I 105 17.61 7.65 -27.43
C TYR I 105 17.67 7.58 -25.92
N THR I 106 18.24 6.51 -25.40
CA THR I 106 18.57 6.47 -24.00
C THR I 106 19.57 7.60 -23.77
N LEU I 107 19.60 8.12 -22.54
CA LEU I 107 20.56 9.16 -22.17
C LEU I 107 21.97 8.66 -22.38
N LYS I 108 22.18 7.41 -22.01
CA LYS I 108 23.47 6.75 -22.17
C LYS I 108 23.91 6.72 -23.63
N GLU I 109 22.99 6.35 -24.50
CA GLU I 109 23.34 6.25 -25.90
C GLU I 109 23.61 7.64 -26.47
N ARG I 110 22.79 8.59 -26.08
CA ARG I 110 23.01 9.96 -26.48
C ARG I 110 24.35 10.50 -25.97
N CYS I 111 24.70 10.22 -24.71
CA CYS I 111 26.01 10.59 -24.21
C CYS I 111 27.11 9.95 -25.04
N LEU I 112 26.98 8.67 -25.35
CA LEU I 112 27.97 7.98 -26.19
C LEU I 112 28.17 8.69 -27.52
N GLN I 113 27.07 9.16 -28.12
CA GLN I 113 27.11 9.86 -29.41
C GLN I 113 27.91 11.15 -29.33
N VAL I 114 27.71 11.90 -28.26
CA VAL I 114 28.35 13.20 -28.14
C VAL I 114 29.85 13.07 -27.93
N VAL I 115 30.24 12.08 -27.12
CA VAL I 115 31.64 11.88 -26.78
C VAL I 115 32.40 11.41 -28.02
N ARG I 116 31.81 10.52 -28.79
CA ARG I 116 32.40 10.09 -30.07
C ARG I 116 32.65 11.27 -31.04
N SER I 117 31.73 12.24 -31.05
CA SER I 117 31.86 13.45 -31.88
C SER I 117 33.00 14.37 -31.45
N LEU I 118 33.38 14.33 -30.18
CA LEU I 118 34.42 15.21 -29.66
C LEU I 118 35.82 14.57 -29.68
N VAL I 119 35.90 13.24 -29.54
CA VAL I 119 37.18 12.55 -29.40
C VAL I 119 37.50 11.73 -30.65
N LYS I 120 38.75 11.78 -31.08
CA LYS I 120 39.21 10.96 -32.20
C LYS I 120 39.41 9.52 -31.70
N PRO I 121 39.14 8.52 -32.56
CA PRO I 121 39.22 7.13 -32.09
C PRO I 121 40.58 6.65 -31.57
N GLU I 122 41.67 7.38 -31.86
CA GLU I 122 42.99 7.01 -31.34
C GLU I 122 43.12 7.40 -29.86
N ASN I 123 42.31 8.37 -29.44
CA ASN I 123 42.42 8.96 -28.11
C ASN I 123 41.29 8.58 -27.14
N TYR I 124 40.39 7.70 -27.57
CA TYR I 124 39.37 7.18 -26.66
C TYR I 124 40.04 6.62 -25.42
N ARG I 125 41.13 5.89 -25.62
CA ARG I 125 41.85 5.23 -24.52
C ARG I 125 42.56 6.21 -23.58
N ARG I 126 42.86 7.42 -24.06
CA ARG I 126 43.46 8.46 -23.23
C ARG I 126 42.44 9.17 -22.30
N LEU I 127 41.16 8.88 -22.47
CA LEU I 127 40.10 9.47 -21.63
C LEU I 127 40.04 8.85 -20.25
N ASP I 128 39.92 9.69 -19.22
CA ASP I 128 39.84 9.22 -17.85
C ASP I 128 38.42 8.78 -17.49
N ILE I 129 38.13 7.53 -17.84
CA ILE I 129 36.81 6.92 -17.67
C ILE I 129 37.00 5.42 -17.52
N VAL I 130 36.02 4.73 -16.97
CA VAL I 130 36.13 3.26 -16.80
C VAL I 130 36.31 2.51 -18.13
N ARG I 131 36.99 1.38 -18.07
CA ARG I 131 37.34 0.59 -19.27
C ARG I 131 36.15 0.04 -20.07
N SER I 132 35.06 -0.35 -19.42
CA SER I 132 33.85 -0.83 -20.13
C SER I 132 33.29 0.25 -21.08
N LEU I 133 33.32 1.50 -20.63
CA LEU I 133 32.93 2.61 -21.48
C LEU I 133 33.82 2.75 -22.72
N TYR I 134 35.11 2.38 -22.63
CA TYR I 134 35.96 2.36 -23.84
C TYR I 134 35.34 1.43 -24.90
N GLU I 135 34.85 0.28 -24.45
CA GLU I 135 34.20 -0.71 -25.31
C GLU I 135 32.91 -0.19 -25.92
N ASP I 136 32.10 0.48 -25.09
CA ASP I 136 30.84 1.04 -25.56
C ASP I 136 31.12 2.08 -26.64
N LEU I 137 32.14 2.91 -26.42
CA LEU I 137 32.54 3.94 -27.39
C LEU I 137 33.01 3.36 -28.74
N GLU I 138 33.82 2.31 -28.68
CA GLU I 138 34.31 1.63 -29.89
C GLU I 138 33.19 0.94 -30.66
N ASP I 139 32.12 0.55 -29.98
CA ASP I 139 31.02 -0.18 -30.60
C ASP I 139 30.08 0.76 -31.39
N HIS I 140 30.65 1.42 -32.41
CA HIS I 140 29.93 2.38 -33.23
C HIS I 140 28.67 1.79 -33.79
N PRO I 141 27.60 2.59 -33.88
CA PRO I 141 26.41 2.08 -34.54
C PRO I 141 26.75 1.56 -35.94
N ASN I 142 26.05 0.51 -36.34
CA ASN I 142 26.49 -0.29 -37.47
C ASN I 142 25.27 -0.97 -38.04
N VAL I 143 24.99 -0.70 -39.30
CA VAL I 143 23.82 -1.25 -39.97
C VAL I 143 23.87 -2.77 -40.00
N GLN I 144 25.01 -3.33 -40.43
CA GLN I 144 25.14 -4.79 -40.52
C GLN I 144 24.82 -5.43 -39.18
N LYS I 145 25.31 -4.83 -38.09
CA LYS I 145 25.04 -5.35 -36.74
C LYS I 145 23.55 -5.31 -36.43
N ASP I 146 22.89 -4.20 -36.75
CA ASP I 146 21.47 -4.06 -36.45
C ASP I 146 20.65 -5.08 -37.21
N LEU I 147 21.02 -5.34 -38.46
CA LEU I 147 20.34 -6.35 -39.25
C LEU I 147 20.46 -7.71 -38.57
N GLU I 148 21.65 -8.01 -38.03
CA GLU I 148 21.87 -9.23 -37.25
C GLU I 148 20.89 -9.27 -36.06
N ARG I 149 20.82 -8.19 -35.29
CA ARG I 149 19.91 -8.12 -34.13
C ARG I 149 18.46 -8.30 -34.54
N LEU I 150 18.01 -7.52 -35.51
CA LEU I 150 16.63 -7.56 -35.96
C LEU I 150 16.21 -8.97 -36.36
N THR I 151 17.11 -9.68 -37.03
CA THR I 151 16.86 -11.04 -37.51
C THR I 151 16.58 -12.01 -36.34
N GLN I 152 17.42 -11.98 -35.31
CA GLN I 152 17.28 -12.87 -34.16
C GLN I 152 15.91 -12.70 -33.47
N GLU I 153 15.55 -11.45 -33.17
CA GLU I 153 14.27 -11.13 -32.53
C GLU I 153 13.09 -11.42 -33.44
N MET J 1 -45.77 10.71 -18.26
CA MET J 1 -44.33 10.43 -18.49
C MET J 1 -43.64 10.20 -17.14
N ASP J 2 -42.71 9.26 -17.11
CA ASP J 2 -42.00 8.92 -15.89
C ASP J 2 -40.71 9.74 -15.80
N VAL J 3 -40.39 10.23 -14.60
CA VAL J 3 -39.09 10.84 -14.31
C VAL J 3 -38.43 9.99 -13.24
N PHE J 4 -37.11 9.88 -13.34
CA PHE J 4 -36.33 9.00 -12.47
C PHE J 4 -35.39 9.87 -11.68
N LEU J 5 -35.43 9.68 -10.36
CA LEU J 5 -34.83 10.61 -9.42
C LEU J 5 -33.93 9.96 -8.40
N MET J 6 -33.00 10.77 -7.90
CA MET J 6 -32.28 10.49 -6.67
C MET J 6 -32.64 11.60 -5.68
N ILE J 7 -33.22 11.24 -4.55
CA ILE J 7 -33.49 12.21 -3.51
C ILE J 7 -32.38 12.09 -2.46
N ARG J 8 -31.63 13.17 -2.25
CA ARG J 8 -30.39 13.09 -1.52
C ARG J 8 -30.26 14.08 -0.34
N ARG J 9 -29.76 13.55 0.77
CA ARG J 9 -29.50 14.35 1.96
C ARG J 9 -28.34 13.71 2.66
N HIS J 10 -27.34 14.52 2.99
CA HIS J 10 -26.16 14.06 3.70
C HIS J 10 -25.65 12.77 2.99
N LYS J 11 -25.64 11.63 3.66
CA LYS J 11 -25.15 10.39 3.07
C LYS J 11 -26.25 9.42 2.68
N THR J 12 -27.46 9.95 2.52
CA THR J 12 -28.65 9.19 2.21
C THR J 12 -29.06 9.48 0.77
N THR J 13 -29.29 8.43 -0.03
CA THR J 13 -29.81 8.62 -1.39
C THR J 13 -30.99 7.68 -1.69
N ILE J 14 -32.15 8.26 -2.00
CA ILE J 14 -33.32 7.49 -2.33
C ILE J 14 -33.50 7.47 -3.85
N PHE J 15 -33.52 6.27 -4.44
CA PHE J 15 -33.83 6.05 -5.85
C PHE J 15 -35.34 5.85 -6.01
N THR J 16 -36.00 6.70 -6.77
CA THR J 16 -37.42 6.50 -6.99
C THR J 16 -37.81 7.16 -8.29
N ASP J 17 -38.96 6.78 -8.81
CA ASP J 17 -39.53 7.42 -10.00
C ASP J 17 -40.88 8.06 -9.66
N ALA J 18 -41.33 8.94 -10.53
CA ALA J 18 -42.62 9.61 -10.38
C ALA J 18 -43.04 10.10 -11.74
N LYS J 19 -44.25 10.63 -11.83
CA LYS J 19 -44.74 11.22 -13.07
C LYS J 19 -44.37 12.69 -13.18
N GLU J 20 -44.09 13.15 -14.39
CA GLU J 20 -43.93 14.58 -14.64
C GLU J 20 -45.08 15.38 -14.07
N SER J 21 -46.30 14.83 -14.15
CA SER J 21 -47.49 15.53 -13.68
C SER J 21 -47.65 15.45 -12.17
N SER J 22 -46.93 14.55 -11.51
CA SER J 22 -47.05 14.43 -10.06
C SER J 22 -46.45 15.67 -9.39
N THR J 23 -46.76 15.89 -8.12
CA THR J 23 -46.36 17.10 -7.45
C THR J 23 -45.20 16.89 -6.48
N VAL J 24 -44.57 18.01 -6.14
CA VAL J 24 -43.52 18.04 -5.13
C VAL J 24 -44.02 17.43 -3.83
N PHE J 25 -45.25 17.77 -3.43
CA PHE J 25 -45.83 17.21 -2.22
C PHE J 25 -45.88 15.69 -2.26
N GLU J 26 -46.25 15.13 -3.41
CA GLU J 26 -46.40 13.67 -3.54
C GLU J 26 -45.06 12.98 -3.40
N LEU J 27 -44.02 13.68 -3.82
CA LEU J 27 -42.64 13.26 -3.59
C LEU J 27 -42.30 13.24 -2.09
N LYS J 28 -42.75 14.25 -1.35
CA LYS J 28 -42.55 14.29 0.10
C LYS J 28 -43.23 13.14 0.83
N ARG J 29 -44.36 12.66 0.32
CA ARG J 29 -45.02 11.49 0.87
C ARG J 29 -44.18 10.23 0.70
N ILE J 30 -43.51 10.12 -0.44
CA ILE J 30 -42.61 9.01 -0.69
C ILE J 30 -41.47 9.07 0.32
N VAL J 31 -40.87 10.24 0.50
CA VAL J 31 -39.82 10.39 1.51
C VAL J 31 -40.32 10.01 2.89
N GLU J 32 -41.55 10.43 3.23
CA GLU J 32 -42.12 10.16 4.55
C GLU J 32 -42.15 8.65 4.82
N GLY J 33 -42.64 7.90 3.84
CA GLY J 33 -42.76 6.45 3.96
C GLY J 33 -41.41 5.83 4.27
N ILE J 34 -40.35 6.39 3.70
CA ILE J 34 -39.04 5.79 3.81
C ILE J 34 -38.32 6.31 5.05
N LEU J 35 -38.21 7.63 5.17
CA LEU J 35 -37.41 8.23 6.25
C LEU J 35 -38.21 8.67 7.48
N LYS J 36 -39.51 8.41 7.46
CA LYS J 36 -40.38 8.60 8.63
C LYS J 36 -40.43 10.03 9.14
N ARG J 37 -40.50 10.98 8.20
CA ARG J 37 -40.66 12.39 8.52
C ARG J 37 -41.79 12.98 7.69
N PRO J 38 -42.73 13.70 8.33
CA PRO J 38 -43.86 14.24 7.56
C PRO J 38 -43.44 15.35 6.59
N PRO J 39 -44.25 15.59 5.54
CA PRO J 39 -43.94 16.61 4.54
C PRO J 39 -43.58 17.98 5.10
N ASP J 40 -44.25 18.44 6.15
CA ASP J 40 -43.99 19.78 6.70
C ASP J 40 -42.66 19.86 7.44
N GLU J 41 -41.98 18.73 7.61
CA GLU J 41 -40.64 18.71 8.20
C GLU J 41 -39.57 18.53 7.13
N GLN J 42 -39.97 18.62 5.85
CA GLN J 42 -39.05 18.44 4.71
C GLN J 42 -38.98 19.67 3.82
N ARG J 43 -37.78 19.97 3.34
CA ARG J 43 -37.65 20.85 2.20
C ARG J 43 -37.00 20.07 1.06
N LEU J 44 -37.53 20.23 -0.15
CA LEU J 44 -36.94 19.66 -1.34
C LEU J 44 -36.41 20.77 -2.23
N TYR J 45 -35.31 20.47 -2.92
CA TYR J 45 -34.60 21.45 -3.71
C TYR J 45 -34.29 20.90 -5.08
N LYS J 46 -34.35 21.75 -6.09
CA LYS J 46 -33.66 21.51 -7.34
C LYS J 46 -32.49 22.46 -7.33
N ASP J 47 -31.28 21.90 -7.23
CA ASP J 47 -30.08 22.67 -6.93
C ASP J 47 -30.30 23.48 -5.64
N ASP J 48 -30.25 24.81 -5.69
CA ASP J 48 -30.46 25.63 -4.48
C ASP J 48 -31.89 26.17 -4.40
N GLN J 49 -32.70 25.88 -5.42
CA GLN J 49 -34.05 26.37 -5.46
C GLN J 49 -35.02 25.49 -4.65
N LEU J 50 -35.65 26.12 -3.66
CA LEU J 50 -36.64 25.48 -2.84
C LEU J 50 -37.87 25.17 -3.68
N LEU J 51 -38.34 23.94 -3.62
CA LEU J 51 -39.49 23.53 -4.43
C LEU J 51 -40.80 23.70 -3.66
N ASP J 52 -41.76 24.41 -4.28
CA ASP J 52 -43.13 24.54 -3.76
C ASP J 52 -43.97 23.27 -3.88
N ASP J 53 -44.64 22.88 -2.79
CA ASP J 53 -45.50 21.67 -2.75
C ASP J 53 -46.46 21.54 -3.92
N GLY J 54 -47.08 22.65 -4.33
CA GLY J 54 -48.14 22.63 -5.32
C GLY J 54 -47.69 22.46 -6.76
N LYS J 55 -46.39 22.55 -6.99
CA LYS J 55 -45.85 22.49 -8.35
C LYS J 55 -45.62 21.09 -8.82
N THR J 56 -45.76 20.90 -10.14
CA THR J 56 -45.47 19.62 -10.74
C THR J 56 -43.97 19.50 -10.99
N LEU J 57 -43.52 18.26 -11.02
CA LEU J 57 -42.12 17.97 -11.25
C LEU J 57 -41.69 18.52 -12.61
N GLY J 58 -42.56 18.40 -13.62
CA GLY J 58 -42.34 18.98 -14.93
C GLY J 58 -42.15 20.47 -14.90
N GLU J 59 -43.02 21.17 -14.17
CA GLU J 59 -42.91 22.63 -14.03
C GLU J 59 -41.57 23.00 -13.41
N GLY J 61 -38.86 21.43 -13.83
CA GLY J 61 -37.75 21.10 -14.72
C GLY J 61 -37.28 19.65 -14.73
N PHE J 62 -38.00 18.78 -14.02
CA PHE J 62 -37.72 17.36 -14.06
C PHE J 62 -38.52 16.72 -15.18
N THR J 63 -37.87 16.47 -16.30
CA THR J 63 -38.56 15.92 -17.47
C THR J 63 -38.01 14.58 -17.84
N SER J 64 -38.85 13.78 -18.49
CA SER J 64 -38.53 12.40 -18.81
C SER J 64 -37.20 12.28 -19.53
N GLN J 65 -36.84 13.26 -20.35
CA GLN J 65 -35.60 13.15 -21.14
C GLN J 65 -34.38 13.69 -20.45
N THR J 66 -34.56 14.27 -19.26
CA THR J 66 -33.42 14.68 -18.44
C THR J 66 -33.29 13.84 -17.18
N ALA J 67 -34.40 13.41 -16.60
CA ALA J 67 -34.39 12.52 -15.45
C ALA J 67 -34.58 11.06 -15.90
N ARG J 68 -33.51 10.49 -16.44
CA ARG J 68 -33.58 9.20 -17.14
C ARG J 68 -33.26 8.04 -16.16
N PRO J 69 -33.81 6.85 -16.41
CA PRO J 69 -33.56 5.73 -15.48
C PRO J 69 -32.08 5.49 -15.23
N GLN J 70 -31.27 5.51 -16.29
CA GLN J 70 -29.83 5.29 -16.17
C GLN J 70 -29.01 6.51 -15.80
N ALA J 71 -29.65 7.66 -15.66
CA ALA J 71 -28.97 8.92 -15.30
C ALA J 71 -29.99 9.77 -14.58
N PRO J 72 -30.38 9.36 -13.38
CA PRO J 72 -31.47 10.01 -12.67
C PRO J 72 -31.15 11.46 -12.28
N ALA J 73 -32.18 12.31 -12.19
CA ALA J 73 -31.97 13.70 -11.77
C ALA J 73 -31.93 13.77 -10.25
N THR J 74 -31.18 14.73 -9.71
CA THR J 74 -31.05 14.88 -8.26
C THR J 74 -32.04 15.90 -7.67
N VAL J 75 -32.74 15.46 -6.62
CA VAL J 75 -33.56 16.32 -5.79
C VAL J 75 -32.94 16.40 -4.39
N GLY J 76 -32.69 17.62 -3.91
CA GLY J 76 -32.04 17.79 -2.60
C GLY J 76 -33.07 17.77 -1.52
N LEU J 77 -32.65 17.34 -0.32
CA LEU J 77 -33.56 17.21 0.83
C LEU J 77 -32.92 17.75 2.10
N ALA J 78 -33.70 18.50 2.86
CA ALA J 78 -33.29 19.00 4.18
C ALA J 78 -34.44 18.80 5.14
N PHE J 79 -34.12 18.41 6.37
CA PHE J 79 -35.11 18.20 7.42
C PHE J 79 -35.17 19.35 8.42
N ARG J 80 -36.29 19.43 9.12
CA ARG J 80 -36.39 20.30 10.28
C ARG J 80 -35.77 19.59 11.46
N ALA J 81 -35.09 20.36 12.31
CA ALA J 81 -34.55 19.83 13.55
C ALA J 81 -34.67 20.88 14.65
N ASP J 82 -35.65 20.70 15.53
CA ASP J 82 -35.95 21.62 16.63
C ASP J 82 -36.23 23.07 16.19
N ASP J 83 -37.35 23.30 15.51
CA ASP J 83 -37.81 24.65 15.11
C ASP J 83 -37.28 25.09 13.74
N THR J 84 -35.96 25.03 13.57
CA THR J 84 -35.34 25.54 12.34
C THR J 84 -34.88 24.39 11.43
N PHE J 85 -34.96 24.63 10.14
CA PHE J 85 -34.49 23.67 9.15
C PHE J 85 -32.98 23.72 9.06
N GLU J 86 -32.37 22.54 9.05
CA GLU J 86 -30.96 22.41 8.70
C GLU J 86 -30.71 22.96 7.30
N ALA J 87 -29.46 23.30 7.02
CA ALA J 87 -29.07 23.71 5.69
C ALA J 87 -29.06 22.48 4.76
N LEU J 88 -29.23 22.71 3.47
CA LEU J 88 -29.11 21.71 2.45
C LEU J 88 -27.69 21.18 2.43
N ILE J 90 -25.45 17.74 0.81
CA ILE J 90 -25.38 16.48 0.09
C ILE J 90 -23.92 16.07 0.01
N GLU J 91 -23.58 14.97 0.65
CA GLU J 91 -22.20 14.46 0.61
C GLU J 91 -21.92 13.88 -0.76
N PRO J 92 -20.82 14.32 -1.41
CA PRO J 92 -20.49 13.74 -2.70
C PRO J 92 -20.19 12.24 -2.57
N PHE J 93 -20.36 11.49 -3.66
CA PHE J 93 -19.90 10.10 -3.65
C PHE J 93 -18.37 10.09 -3.64
N SER J 94 -17.79 8.93 -3.35
CA SER J 94 -16.36 8.75 -3.37
C SER J 94 -15.76 9.05 -4.76
N SER J 95 -14.48 9.39 -4.79
CA SER J 95 -13.75 9.68 -6.02
C SER J 95 -13.14 8.42 -6.59
N PRO J 96 -13.36 8.16 -7.88
CA PRO J 96 -12.67 7.02 -8.47
C PRO J 96 -11.18 7.24 -8.46
N PRO J 97 -10.40 6.16 -8.48
CA PRO J 97 -8.95 6.27 -8.54
C PRO J 97 -8.48 6.74 -9.92
N GLU J 98 -7.18 7.01 -10.05
CA GLU J 98 -6.61 7.33 -11.34
C GLU J 98 -6.77 6.11 -12.24
N LEU J 99 -7.04 6.33 -13.52
CA LEU J 99 -7.04 5.24 -14.49
C LEU J 99 -5.68 4.56 -14.47
N PRO J 100 -5.66 3.21 -14.40
CA PRO J 100 -4.37 2.52 -14.52
C PRO J 100 -3.67 2.84 -15.86
N ASP J 101 -2.38 2.51 -15.96
CA ASP J 101 -1.60 2.82 -17.15
C ASP J 101 -2.37 2.42 -18.40
N VAL J 102 -2.67 1.13 -18.47
CA VAL J 102 -3.32 0.54 -19.64
C VAL J 102 -4.61 1.26 -20.11
N MET J 103 -5.46 1.69 -19.18
CA MET J 103 -6.76 2.27 -19.54
C MET J 103 -6.67 3.74 -19.98
N MET K 1 -45.34 0.41 -1.16
CA MET K 1 -44.06 0.20 -1.88
C MET K 1 -42.95 -0.16 -0.90
N MET K 2 -42.36 -1.34 -1.09
CA MET K 2 -41.26 -1.78 -0.23
C MET K 2 -39.91 -1.33 -0.77
N TYR K 3 -39.02 -1.00 0.16
CA TYR K 3 -37.70 -0.46 -0.13
C TYR K 3 -36.67 -1.25 0.67
N VAL K 4 -35.43 -1.28 0.18
CA VAL K 4 -34.31 -1.88 0.92
C VAL K 4 -33.14 -0.90 0.90
N LYS K 5 -32.26 -1.04 1.87
CA LYS K 5 -31.10 -0.17 1.98
C LYS K 5 -29.81 -0.91 1.68
N LEU K 6 -29.02 -0.35 0.77
CA LEU K 6 -27.74 -0.86 0.40
C LEU K 6 -26.66 0.16 0.81
N ILE K 7 -25.68 -0.30 1.59
CA ILE K 7 -24.71 0.60 2.18
C ILE K 7 -23.34 0.38 1.55
N SER K 8 -22.76 1.45 1.03
CA SER K 8 -21.46 1.39 0.39
C SER K 8 -20.39 1.30 1.45
N SER K 9 -19.15 1.07 1.02
CA SER K 9 -18.03 0.95 1.94
C SER K 9 -17.74 2.27 2.66
N ASP K 10 -17.98 3.38 1.97
CA ASP K 10 -17.76 4.72 2.52
C ASP K 10 -18.98 5.28 3.26
N GLY K 11 -19.95 4.42 3.55
CA GLY K 11 -21.07 4.79 4.41
C GLY K 11 -22.27 5.43 3.71
N HIS K 12 -22.25 5.54 2.38
CA HIS K 12 -23.43 6.07 1.70
C HIS K 12 -24.56 5.04 1.76
N GLU K 13 -25.76 5.52 2.06
CA GLU K 13 -26.92 4.67 2.21
C GLU K 13 -27.86 4.89 1.04
N PHE K 14 -28.00 3.85 0.22
CA PHE K 14 -28.81 3.88 -1.00
C PHE K 14 -30.09 3.14 -0.74
N ILE K 15 -31.22 3.83 -0.93
CA ILE K 15 -32.54 3.25 -0.68
C ILE K 15 -33.24 3.05 -2.02
N VAL K 16 -33.54 1.79 -2.33
CA VAL K 16 -34.09 1.40 -3.63
C VAL K 16 -35.29 0.49 -3.41
N LYS K 17 -36.18 0.43 -4.39
CA LYS K 17 -37.34 -0.46 -4.30
C LYS K 17 -36.88 -1.91 -4.22
N ARG K 18 -37.53 -2.68 -3.35
CA ARG K 18 -37.22 -4.09 -3.21
C ARG K 18 -37.24 -4.76 -4.57
N GLU K 19 -38.33 -4.60 -5.30
CA GLU K 19 -38.46 -5.19 -6.63
C GLU K 19 -37.19 -4.98 -7.47
N HIS K 20 -36.63 -3.77 -7.41
CA HIS K 20 -35.47 -3.42 -8.24
C HIS K 20 -34.23 -4.12 -7.73
N ALA K 21 -34.04 -4.12 -6.42
CA ALA K 21 -32.90 -4.77 -5.80
C ALA K 21 -32.88 -6.26 -6.11
N LEU K 22 -34.06 -6.87 -6.25
CA LEU K 22 -34.17 -8.30 -6.52
C LEU K 22 -33.68 -8.72 -7.91
N THR K 23 -33.46 -7.74 -8.77
CA THR K 23 -32.67 -7.88 -10.00
C THR K 23 -31.36 -8.64 -9.79
N SER K 24 -30.69 -8.39 -8.67
CA SER K 24 -29.45 -9.09 -8.38
C SER K 24 -29.78 -10.36 -7.66
N GLY K 25 -29.39 -11.48 -8.28
CA GLY K 25 -29.58 -12.79 -7.69
C GLY K 25 -28.93 -12.83 -6.32
N THR K 26 -27.77 -12.17 -6.19
CA THR K 26 -27.05 -12.12 -4.93
C THR K 26 -27.80 -11.37 -3.84
N ILE K 27 -28.30 -10.19 -4.18
CA ILE K 27 -29.08 -9.42 -3.19
C ILE K 27 -30.35 -10.17 -2.84
N LYS K 28 -30.98 -10.82 -3.80
CA LYS K 28 -32.17 -11.61 -3.49
C LYS K 28 -31.93 -12.66 -2.39
N ALA K 29 -30.83 -13.39 -2.51
CA ALA K 29 -30.46 -14.36 -1.48
C ALA K 29 -30.05 -13.65 -0.17
N MET K 30 -29.33 -12.54 -0.28
CA MET K 30 -28.85 -11.78 0.90
C MET K 30 -29.97 -11.30 1.80
N LEU K 31 -31.16 -11.11 1.24
CA LEU K 31 -32.34 -10.70 1.99
C LEU K 31 -33.13 -11.90 2.51
N SER K 32 -33.16 -12.99 1.74
CA SER K 32 -33.88 -14.22 2.12
C SER K 32 -33.03 -15.13 2.99
N THR K 42 -34.48 -9.26 7.25
CA THR K 42 -33.41 -8.37 6.82
C THR K 42 -33.86 -7.41 5.71
N ASN K 43 -33.76 -6.09 5.97
CA ASN K 43 -34.06 -5.04 4.96
C ASN K 43 -32.83 -4.25 4.50
N GLU K 44 -31.66 -4.58 5.03
CA GLU K 44 -30.45 -3.82 4.79
C GLU K 44 -29.36 -4.77 4.33
N VAL K 45 -28.49 -4.28 3.47
CA VAL K 45 -27.31 -5.02 3.08
C VAL K 45 -26.10 -4.09 3.09
N ASN K 46 -25.00 -4.58 3.64
CA ASN K 46 -23.78 -3.80 3.74
C ASN K 46 -22.75 -4.33 2.77
N PHE K 47 -22.14 -3.47 1.97
CA PHE K 47 -21.12 -3.87 1.00
C PHE K 47 -19.80 -3.21 1.30
N ARG K 48 -19.00 -3.85 2.16
CA ARG K 48 -17.79 -3.24 2.69
C ARG K 48 -16.67 -3.01 1.69
N GLU K 49 -16.77 -3.53 0.48
CA GLU K 49 -15.76 -3.22 -0.53
C GLU K 49 -16.36 -2.67 -1.80
N ILE K 50 -17.57 -2.10 -1.72
CA ILE K 50 -18.14 -1.39 -2.87
C ILE K 50 -18.31 0.08 -2.47
N PRO K 51 -17.44 0.97 -2.98
CA PRO K 51 -17.57 2.37 -2.71
C PRO K 51 -18.78 3.00 -3.40
N SER K 52 -19.16 4.19 -2.96
CA SER K 52 -20.40 4.85 -3.39
C SER K 52 -20.43 5.19 -4.88
N HIS K 53 -19.27 5.53 -5.45
CA HIS K 53 -19.23 5.85 -6.88
C HIS K 53 -19.52 4.64 -7.77
N VAL K 54 -19.41 3.43 -7.21
CA VAL K 54 -19.76 2.18 -7.89
C VAL K 54 -21.20 1.81 -7.53
N LEU K 55 -21.52 1.80 -6.25
CA LEU K 55 -22.84 1.33 -5.84
C LEU K 55 -24.00 2.20 -6.32
N SER K 56 -23.76 3.49 -6.50
CA SER K 56 -24.81 4.35 -7.03
C SER K 56 -25.10 3.94 -8.46
N LYS K 57 -24.05 3.58 -9.19
CA LYS K 57 -24.21 3.09 -10.57
C LYS K 57 -24.95 1.77 -10.63
N VAL K 58 -24.66 0.86 -9.70
CA VAL K 58 -25.41 -0.39 -9.59
C VAL K 58 -26.91 -0.10 -9.43
N CYS K 59 -27.25 0.83 -8.54
CA CYS K 59 -28.65 1.21 -8.36
C CYS K 59 -29.24 1.77 -9.67
N MET K 60 -28.49 2.60 -10.37
CA MET K 60 -29.00 3.16 -11.63
C MET K 60 -29.27 2.04 -12.64
N TYR K 61 -28.41 1.01 -12.65
CA TYR K 61 -28.59 -0.16 -13.52
C TYR K 61 -29.88 -0.87 -13.22
N PHE K 62 -30.16 -1.12 -11.94
CA PHE K 62 -31.43 -1.70 -11.53
C PHE K 62 -32.59 -0.97 -12.19
N THR K 63 -32.61 0.35 -12.04
CA THR K 63 -33.69 1.17 -12.54
C THR K 63 -33.82 0.95 -14.04
N TYR K 64 -32.69 1.05 -14.73
CA TYR K 64 -32.58 0.83 -16.18
C TYR K 64 -33.10 -0.55 -16.58
N LYS K 65 -32.67 -1.57 -15.86
CA LYS K 65 -33.09 -2.92 -16.16
C LYS K 65 -34.59 -3.12 -16.03
N VAL K 66 -35.18 -2.62 -14.95
CA VAL K 66 -36.61 -2.81 -14.76
C VAL K 66 -37.42 -2.01 -15.78
N ARG K 67 -36.99 -0.79 -16.09
CA ARG K 67 -37.69 0.04 -17.04
C ARG K 67 -37.66 -0.55 -18.44
N TYR K 68 -36.49 -1.04 -18.85
CA TYR K 68 -36.31 -1.49 -20.24
C TYR K 68 -36.48 -3.00 -20.50
N THR K 69 -36.59 -3.82 -19.47
CA THR K 69 -36.83 -5.25 -19.70
C THR K 69 -38.20 -5.45 -20.35
N ASN K 70 -38.24 -6.29 -21.39
CA ASN K 70 -39.42 -6.46 -22.26
C ASN K 70 -40.27 -5.20 -22.40
N SER K 71 -39.71 -4.18 -23.06
CA SER K 71 -40.42 -2.93 -23.31
C SER K 71 -40.35 -2.58 -24.80
N SER K 72 -41.37 -1.87 -25.28
CA SER K 72 -41.49 -1.49 -26.70
C SER K 72 -40.56 -0.34 -27.08
N THR K 73 -40.48 0.68 -26.23
CA THR K 73 -39.65 1.88 -26.52
C THR K 73 -38.17 1.51 -26.58
N GLU K 74 -37.51 2.11 -27.58
CA GLU K 74 -36.13 1.81 -27.95
C GLU K 74 -35.21 1.94 -26.75
N ILE K 75 -34.35 0.95 -26.60
CA ILE K 75 -33.51 0.83 -25.43
C ILE K 75 -32.28 1.66 -25.68
N PRO K 76 -31.91 2.56 -24.75
CA PRO K 76 -30.67 3.29 -24.92
C PRO K 76 -29.55 2.55 -24.24
N GLU K 77 -28.33 3.02 -24.46
CA GLU K 77 -27.14 2.39 -23.91
C GLU K 77 -27.06 2.71 -22.43
N PHE K 78 -26.53 1.78 -21.65
CA PHE K 78 -26.23 2.01 -20.25
C PHE K 78 -24.81 2.56 -20.16
N PRO K 79 -24.67 3.84 -19.76
CA PRO K 79 -23.37 4.48 -19.85
C PRO K 79 -22.52 4.13 -18.66
N ILE K 80 -21.23 3.93 -18.91
CA ILE K 80 -20.28 3.64 -17.86
C ILE K 80 -19.00 4.43 -18.13
N ALA K 81 -18.63 5.32 -17.22
CA ALA K 81 -17.42 6.13 -17.41
C ALA K 81 -16.19 5.25 -17.24
N PRO K 82 -15.15 5.51 -18.03
CA PRO K 82 -13.96 4.65 -18.00
C PRO K 82 -13.33 4.55 -16.61
N GLU K 83 -13.43 5.62 -15.85
CA GLU K 83 -12.80 5.72 -14.52
C GLU K 83 -13.38 4.71 -13.54
N ILE K 84 -14.63 4.34 -13.71
CA ILE K 84 -15.30 3.44 -12.77
C ILE K 84 -15.52 2.03 -13.34
N ALA K 85 -15.14 1.80 -14.60
CA ALA K 85 -15.51 0.55 -15.28
C ALA K 85 -14.96 -0.70 -14.58
N LEU K 86 -13.72 -0.64 -14.14
CA LEU K 86 -13.10 -1.79 -13.49
C LEU K 86 -13.78 -2.21 -12.18
N GLU K 87 -14.00 -1.24 -11.30
CA GLU K 87 -14.64 -1.55 -10.03
C GLU K 87 -16.08 -1.98 -10.24
N LEU K 88 -16.74 -1.38 -11.21
CA LEU K 88 -18.09 -1.80 -11.51
C LEU K 88 -18.13 -3.25 -12.03
N LEU K 89 -17.14 -3.67 -12.81
CA LEU K 89 -17.07 -5.05 -13.28
C LEU K 89 -17.05 -6.02 -12.06
N MET K 90 -16.19 -5.71 -11.09
CA MET K 90 -16.07 -6.53 -9.88
C MET K 90 -17.41 -6.57 -9.12
N ALA K 91 -18.07 -5.45 -8.96
CA ALA K 91 -19.32 -5.46 -8.21
C ALA K 91 -20.37 -6.30 -8.95
N ALA K 92 -20.41 -6.16 -10.27
CA ALA K 92 -21.40 -6.84 -11.09
C ALA K 92 -21.22 -8.37 -11.02
N ASN K 93 -19.96 -8.79 -11.01
CA ASN K 93 -19.65 -10.19 -10.78
C ASN K 93 -20.21 -10.71 -9.44
N PHE K 94 -19.91 -9.99 -8.36
CA PHE K 94 -20.31 -10.41 -7.03
C PHE K 94 -21.84 -10.47 -6.94
N LEU K 95 -22.50 -9.43 -7.46
CA LEU K 95 -23.96 -9.30 -7.35
C LEU K 95 -24.78 -10.15 -8.34
N ASP K 96 -24.11 -10.87 -9.24
CA ASP K 96 -24.81 -11.65 -10.28
C ASP K 96 -25.92 -10.82 -10.92
N CYS K 97 -25.55 -9.67 -11.49
CA CYS K 97 -26.54 -8.82 -12.17
C CYS K 97 -26.01 -8.29 -13.49
N VAL L 11 -26.69 -27.50 -39.10
CA VAL L 11 -28.13 -27.50 -38.70
C VAL L 11 -28.73 -26.10 -38.86
N LEU L 12 -28.09 -25.10 -38.26
CA LEU L 12 -28.50 -23.70 -38.47
C LEU L 12 -27.96 -23.18 -39.79
N ARG L 13 -28.83 -23.13 -40.78
CA ARG L 13 -28.43 -22.69 -42.10
C ARG L 13 -29.66 -22.16 -42.83
N SER L 14 -29.42 -21.37 -43.86
CA SER L 14 -30.51 -20.92 -44.67
C SER L 14 -30.98 -22.09 -45.55
N VAL L 15 -32.27 -22.11 -45.82
CA VAL L 15 -32.85 -23.00 -46.80
C VAL L 15 -32.81 -22.31 -48.16
N ASN L 16 -32.36 -23.03 -49.18
CA ASN L 16 -32.32 -22.47 -50.53
C ASN L 16 -33.70 -22.53 -51.22
N SER L 17 -34.62 -21.70 -50.75
CA SER L 17 -36.00 -21.66 -51.23
C SER L 17 -36.16 -20.96 -52.58
N ARG L 18 -35.28 -19.98 -52.85
CA ARG L 18 -35.43 -19.10 -54.01
C ARG L 18 -36.80 -18.43 -54.08
N GLU L 19 -37.46 -18.27 -52.94
CA GLU L 19 -38.72 -17.56 -52.86
C GLU L 19 -38.48 -16.19 -52.24
N PRO L 20 -38.53 -15.12 -53.05
CA PRO L 20 -38.20 -13.78 -52.57
C PRO L 20 -39.01 -13.31 -51.37
N SER L 21 -38.34 -12.63 -50.46
CA SER L 21 -38.97 -11.91 -49.39
C SER L 21 -38.22 -10.59 -49.28
N GLN L 22 -38.99 -9.50 -49.32
CA GLN L 22 -38.50 -8.12 -49.15
C GLN L 22 -38.56 -7.79 -47.65
N VAL L 23 -37.49 -7.17 -47.15
CA VAL L 23 -37.33 -6.95 -45.74
C VAL L 23 -36.79 -5.55 -45.53
N ILE L 24 -37.15 -4.93 -44.43
CA ILE L 24 -36.51 -3.68 -44.00
C ILE L 24 -35.65 -4.01 -42.78
N PHE L 25 -34.35 -3.85 -42.89
CA PHE L 25 -33.47 -3.88 -41.73
C PHE L 25 -33.53 -2.50 -41.11
N ASN L 27 -32.32 -0.23 -37.93
CA ASN L 27 -31.39 -0.20 -36.81
C ASN L 27 -31.85 0.80 -35.72
N ARG L 28 -32.54 0.28 -34.73
CA ARG L 28 -33.04 1.05 -33.62
C ARG L 28 -32.13 0.82 -32.42
N SER L 29 -30.83 0.88 -32.67
CA SER L 29 -29.82 0.73 -31.65
C SER L 29 -28.86 1.89 -31.86
N PRO L 30 -27.97 2.13 -30.89
CA PRO L 30 -26.92 3.13 -31.02
C PRO L 30 -25.63 2.59 -31.60
N ARG L 31 -25.59 1.30 -31.92
CA ARG L 31 -24.39 0.68 -32.50
C ARG L 31 -24.45 0.66 -34.01
N VAL L 32 -23.27 0.63 -34.63
CA VAL L 32 -23.12 0.30 -36.04
C VAL L 32 -23.41 -1.20 -36.14
N VAL L 33 -24.43 -1.55 -36.94
CA VAL L 33 -24.89 -2.91 -37.01
C VAL L 33 -24.30 -3.69 -38.21
N LEU L 34 -23.81 -4.89 -37.93
CA LEU L 34 -23.37 -5.83 -38.94
C LEU L 34 -24.43 -6.90 -39.15
N PRO L 35 -25.17 -6.85 -40.28
CA PRO L 35 -26.04 -7.97 -40.58
C PRO L 35 -25.21 -9.19 -41.02
N VAL L 36 -25.59 -10.36 -40.53
CA VAL L 36 -24.88 -11.61 -40.85
C VAL L 36 -25.87 -12.61 -41.40
N TRP L 37 -25.71 -13.00 -42.67
CA TRP L 37 -26.55 -14.01 -43.29
C TRP L 37 -25.93 -15.38 -43.08
N LEU L 38 -26.71 -16.34 -42.59
CA LEU L 38 -26.22 -17.72 -42.51
C LEU L 38 -26.41 -18.37 -43.87
N ASN L 39 -25.32 -18.84 -44.48
CA ASN L 39 -25.42 -19.39 -45.83
C ASN L 39 -25.93 -20.81 -45.82
N PHE L 40 -25.92 -21.46 -46.98
CA PHE L 40 -26.54 -22.78 -47.13
C PHE L 40 -25.77 -23.88 -46.41
N ASP L 41 -24.50 -23.63 -46.09
CA ASP L 41 -23.70 -24.50 -45.24
C ASP L 41 -23.72 -24.11 -43.75
N GLY L 42 -24.44 -23.06 -43.38
CA GLY L 42 -24.43 -22.59 -41.99
C GLY L 42 -23.26 -21.67 -41.65
N GLU L 43 -22.52 -21.23 -42.66
CA GLU L 43 -21.40 -20.32 -42.46
C GLU L 43 -21.89 -18.86 -42.42
N PRO L 44 -21.48 -18.09 -41.40
CA PRO L 44 -21.91 -16.69 -41.34
C PRO L 44 -21.30 -15.83 -42.42
N GLN L 45 -22.13 -15.04 -43.08
CA GLN L 45 -21.70 -14.18 -44.16
C GLN L 45 -22.05 -12.72 -43.83
N PRO L 46 -21.04 -11.88 -43.57
CA PRO L 46 -21.31 -10.47 -43.28
C PRO L 46 -21.86 -9.70 -44.47
N TYR L 47 -22.76 -8.74 -44.21
CA TYR L 47 -23.29 -7.89 -45.28
C TYR L 47 -22.95 -6.44 -44.88
N PRO L 48 -23.25 -5.45 -45.73
CA PRO L 48 -22.94 -4.06 -45.38
C PRO L 48 -23.49 -3.58 -44.04
N THR L 49 -22.74 -2.73 -43.36
CA THR L 49 -23.13 -2.28 -42.03
C THR L 49 -24.21 -1.21 -42.14
N LEU L 50 -24.96 -1.04 -41.06
CA LEU L 50 -26.01 -0.01 -40.96
C LEU L 50 -25.65 0.96 -39.85
N PRO L 51 -25.51 2.25 -40.15
CA PRO L 51 -25.28 3.22 -39.08
C PRO L 51 -26.44 3.29 -38.09
N PRO L 52 -26.18 3.74 -36.86
CA PRO L 52 -27.26 3.91 -35.87
C PRO L 52 -28.43 4.75 -36.41
N GLY L 53 -29.66 4.32 -36.15
CA GLY L 53 -30.85 5.04 -36.56
C GLY L 53 -31.26 4.95 -38.04
N THR L 54 -30.55 4.16 -38.84
CA THR L 54 -30.84 4.05 -40.27
C THR L 54 -31.56 2.73 -40.55
N GLY L 55 -32.27 2.72 -41.67
CA GLY L 55 -32.96 1.53 -42.12
C GLY L 55 -32.69 1.31 -43.60
N ARG L 56 -32.79 0.06 -44.04
CA ARG L 56 -32.61 -0.26 -45.44
C ARG L 56 -33.58 -1.33 -45.89
N ARG L 57 -34.09 -1.16 -47.09
CA ARG L 57 -34.93 -2.17 -47.71
C ARG L 57 -34.00 -3.07 -48.49
N ILE L 58 -34.04 -4.36 -48.22
CA ILE L 58 -33.12 -5.33 -48.82
C ILE L 58 -33.87 -6.54 -49.35
N HIS L 59 -33.22 -7.22 -50.30
CA HIS L 59 -33.78 -8.41 -50.93
C HIS L 59 -33.27 -9.69 -50.28
N SER L 60 -34.18 -10.50 -49.75
CA SER L 60 -33.83 -11.79 -49.18
C SER L 60 -34.81 -12.84 -49.65
N TYR L 61 -34.91 -13.93 -48.90
CA TYR L 61 -35.66 -15.10 -49.35
C TYR L 61 -36.30 -15.78 -48.15
N ARG L 62 -37.43 -16.44 -48.42
CA ARG L 62 -38.14 -17.16 -47.40
C ARG L 62 -37.25 -18.25 -46.85
N GLY L 63 -37.28 -18.41 -45.53
CA GLY L 63 -36.52 -19.45 -44.88
C GLY L 63 -35.04 -19.17 -44.75
N HIS L 64 -34.61 -17.96 -45.08
CA HIS L 64 -33.21 -17.60 -44.83
C HIS L 64 -33.03 -17.18 -43.38
N LEU L 65 -31.80 -17.29 -42.86
CA LEU L 65 -31.55 -16.94 -41.46
C LEU L 65 -30.57 -15.79 -41.34
N TRP L 66 -30.85 -14.86 -40.42
CA TRP L 66 -30.03 -13.68 -40.23
C TRP L 66 -29.83 -13.44 -38.76
N LEU L 67 -28.69 -12.84 -38.43
CA LEU L 67 -28.51 -12.32 -37.11
C LEU L 67 -27.74 -11.02 -37.21
N PHE L 68 -27.68 -10.28 -36.11
CA PHE L 68 -27.18 -8.92 -36.14
C PHE L 68 -26.25 -8.66 -34.97
N ARG L 69 -25.13 -8.01 -35.25
CA ARG L 69 -24.07 -7.75 -34.28
C ARG L 69 -23.54 -6.34 -34.38
N ASP L 70 -22.88 -5.89 -33.32
CA ASP L 70 -22.08 -4.68 -33.37
C ASP L 70 -20.91 -4.95 -34.33
N ALA L 71 -20.77 -4.10 -35.34
CA ALA L 71 -19.79 -4.30 -36.40
C ALA L 71 -18.37 -4.13 -35.91
N GLY L 72 -18.17 -3.32 -34.87
CA GLY L 72 -16.83 -3.12 -34.32
C GLY L 72 -16.42 -4.14 -33.24
N THR L 73 -17.34 -4.53 -32.38
CA THR L 73 -17.00 -5.41 -31.24
C THR L 73 -17.61 -6.82 -31.32
N HIS L 74 -18.55 -7.03 -32.24
CA HIS L 74 -19.31 -8.28 -32.34
C HIS L 74 -20.25 -8.59 -31.18
N ASP L 75 -20.53 -7.61 -30.32
CA ASP L 75 -21.56 -7.79 -29.30
C ASP L 75 -22.86 -8.20 -29.96
N GLY L 76 -23.61 -9.06 -29.30
CA GLY L 76 -24.87 -9.57 -29.83
C GLY L 76 -25.97 -8.55 -29.75
N LEU L 77 -26.83 -8.51 -30.77
CA LEU L 77 -27.98 -7.62 -30.79
C LEU L 77 -29.24 -8.43 -31.00
N LEU L 78 -30.40 -7.80 -30.75
CA LEU L 78 -31.68 -8.47 -30.89
C LEU L 78 -32.31 -8.01 -32.18
N VAL L 79 -33.09 -8.89 -32.80
CA VAL L 79 -33.87 -8.52 -33.97
C VAL L 79 -35.28 -9.05 -33.71
N ASN L 80 -36.25 -8.16 -33.76
CA ASN L 80 -37.60 -8.46 -33.31
C ASN L 80 -37.62 -9.22 -31.98
N GLN L 81 -36.80 -8.77 -31.03
CA GLN L 81 -36.75 -9.28 -29.62
C GLN L 81 -36.12 -10.65 -29.44
N THR L 82 -35.56 -11.20 -30.50
CA THR L 82 -34.96 -12.54 -30.43
C THR L 82 -33.65 -12.54 -31.22
N GLU L 83 -33.00 -13.68 -31.30
CA GLU L 83 -31.63 -13.73 -31.85
C GLU L 83 -31.56 -13.92 -33.34
N LEU L 84 -32.48 -14.70 -33.87
CA LEU L 84 -32.53 -14.99 -35.29
C LEU L 84 -33.73 -14.33 -35.97
N PHE L 85 -33.54 -13.96 -37.22
CA PHE L 85 -34.60 -13.41 -38.03
C PHE L 85 -34.70 -14.24 -39.31
N VAL L 86 -35.91 -14.72 -39.60
CA VAL L 86 -36.21 -15.52 -40.78
C VAL L 86 -37.25 -14.75 -41.63
N PRO L 87 -36.84 -14.29 -42.82
CA PRO L 87 -37.83 -13.61 -43.65
C PRO L 87 -38.96 -14.54 -44.04
N SER L 88 -40.15 -14.00 -44.18
CA SER L 88 -41.33 -14.80 -44.43
C SER L 88 -42.04 -14.28 -45.69
N LEU L 89 -43.16 -14.91 -46.03
CA LEU L 89 -43.99 -14.50 -47.16
C LEU L 89 -44.53 -13.07 -46.97
N ASN L 90 -44.31 -12.20 -47.97
CA ASN L 90 -44.83 -10.82 -47.95
C ASN L 90 -46.34 -10.76 -48.15
N VAL L 91 -47.04 -10.11 -47.22
CA VAL L 91 -48.50 -10.15 -47.18
C VAL L 91 -49.15 -9.46 -48.40
N ASP L 92 -48.89 -8.17 -48.63
CA ASP L 92 -49.49 -7.47 -49.79
C ASP L 92 -48.55 -6.41 -50.37
N GLY L 93 -47.41 -6.86 -50.91
CA GLY L 93 -46.32 -5.96 -51.30
C GLY L 93 -45.74 -5.25 -50.07
N GLN L 94 -46.01 -5.81 -48.90
CA GLN L 94 -45.67 -5.20 -47.64
C GLN L 94 -44.39 -5.88 -47.15
N PRO L 95 -43.32 -5.10 -46.97
CA PRO L 95 -42.09 -5.70 -46.51
C PRO L 95 -42.19 -6.13 -45.03
N ILE L 96 -41.33 -7.07 -44.66
CA ILE L 96 -41.21 -7.57 -43.30
C ILE L 96 -40.21 -6.71 -42.55
N PHE L 97 -40.60 -6.16 -41.42
CA PHE L 97 -39.67 -5.36 -40.62
C PHE L 97 -38.78 -6.21 -39.74
N ALA L 98 -37.49 -5.98 -39.86
CA ALA L 98 -36.52 -6.54 -38.93
C ALA L 98 -36.00 -5.41 -38.05
N ASN L 99 -36.57 -5.28 -36.86
CA ASN L 99 -36.17 -4.21 -35.94
C ASN L 99 -35.05 -4.66 -35.05
N ILE L 100 -33.90 -4.02 -35.25
CA ILE L 100 -32.68 -4.39 -34.54
C ILE L 100 -32.50 -3.44 -33.37
N THR L 101 -32.34 -3.99 -32.16
CA THR L 101 -32.26 -3.23 -30.90
C THR L 101 -31.11 -3.70 -30.06
N LEU L 102 -30.69 -2.85 -29.10
CA LEU L 102 -29.83 -3.31 -28.02
C LEU L 102 -30.60 -4.24 -27.12
N PRO L 103 -29.96 -5.33 -26.68
CA PRO L 103 -30.49 -6.06 -25.56
C PRO L 103 -30.27 -5.24 -24.30
N VAL L 104 -31.04 -5.55 -23.27
CA VAL L 104 -30.69 -5.15 -21.93
C VAL L 104 -29.58 -6.08 -21.47
N TYR L 105 -28.32 -5.73 -21.73
CA TYR L 105 -27.22 -6.54 -21.24
C TYR L 105 -27.22 -6.65 -19.73
N THR L 106 -26.60 -7.71 -19.20
CA THR L 106 -26.32 -7.76 -17.77
C THR L 106 -25.32 -6.64 -17.49
N LEU L 107 -25.32 -6.14 -16.27
CA LEU L 107 -24.32 -5.16 -15.87
C LEU L 107 -22.92 -5.70 -16.12
N LYS L 108 -22.73 -6.99 -15.79
CA LYS L 108 -21.43 -7.64 -15.97
C LYS L 108 -20.99 -7.59 -17.44
N GLU L 109 -21.88 -7.99 -18.35
CA GLU L 109 -21.53 -8.03 -19.75
C GLU L 109 -21.20 -6.64 -20.27
N ARG L 110 -22.02 -5.68 -19.89
CA ARG L 110 -21.79 -4.27 -20.23
C ARG L 110 -20.45 -3.74 -19.69
N CYS L 111 -20.13 -4.04 -18.43
CA CYS L 111 -18.82 -3.73 -17.90
C CYS L 111 -17.71 -4.41 -18.71
N LEU L 112 -17.85 -5.68 -19.06
CA LEU L 112 -16.82 -6.34 -19.85
C LEU L 112 -16.62 -5.62 -21.17
N GLN L 113 -17.73 -5.14 -21.75
CA GLN L 113 -17.68 -4.42 -23.02
C GLN L 113 -16.85 -3.18 -22.89
N VAL L 114 -17.06 -2.44 -21.82
CA VAL L 114 -16.39 -1.15 -21.68
C VAL L 114 -14.91 -1.39 -21.39
N VAL L 115 -14.62 -2.36 -20.53
CA VAL L 115 -13.24 -2.66 -20.18
C VAL L 115 -12.50 -3.16 -21.43
N ARG L 116 -13.14 -4.03 -22.22
CA ARG L 116 -12.51 -4.50 -23.47
C ARG L 116 -12.18 -3.35 -24.41
N SER L 117 -12.98 -2.28 -24.34
CA SER L 117 -12.78 -1.11 -25.21
C SER L 117 -11.64 -0.20 -24.71
N LEU L 118 -11.05 -0.53 -23.57
CA LEU L 118 -10.00 0.28 -22.97
C LEU L 118 -8.71 -0.50 -22.66
N VAL L 119 -8.80 -1.84 -22.52
CA VAL L 119 -7.63 -2.65 -22.16
C VAL L 119 -7.29 -3.69 -23.23
N LYS L 120 -6.06 -3.63 -23.72
CA LYS L 120 -5.64 -4.49 -24.79
C LYS L 120 -5.38 -5.90 -24.24
N PRO L 121 -5.72 -6.94 -25.03
CA PRO L 121 -5.75 -8.34 -24.57
C PRO L 121 -4.48 -8.84 -23.88
N GLU L 122 -3.34 -8.26 -24.24
CA GLU L 122 -2.09 -8.52 -23.54
C GLU L 122 -2.17 -8.22 -22.03
N ASN L 123 -3.05 -7.28 -21.65
CA ASN L 123 -3.09 -6.71 -20.29
C ASN L 123 -4.19 -7.21 -19.35
N TYR L 124 -5.13 -8.01 -19.84
CA TYR L 124 -6.26 -8.48 -19.03
C TYR L 124 -5.79 -9.14 -17.74
N ARG L 125 -4.91 -10.13 -17.92
CA ARG L 125 -4.32 -10.88 -16.82
C ARG L 125 -3.59 -9.93 -15.85
N ARG L 126 -3.23 -8.74 -16.33
CA ARG L 126 -2.53 -7.75 -15.53
C ARG L 126 -3.42 -7.02 -14.48
N LEU L 127 -4.75 -7.16 -14.57
CA LEU L 127 -5.72 -6.41 -13.75
C LEU L 127 -5.96 -6.99 -12.35
N ASP L 128 -6.07 -6.11 -11.35
CA ASP L 128 -6.26 -6.56 -9.97
C ASP L 128 -7.73 -6.91 -9.74
N ILE L 129 -8.13 -8.03 -10.35
CA ILE L 129 -9.46 -8.58 -10.17
C ILE L 129 -9.39 -10.11 -10.09
N VAL L 130 -10.47 -10.66 -9.54
CA VAL L 130 -10.74 -12.11 -9.41
C VAL L 130 -10.37 -12.87 -10.72
N ARG L 131 -9.59 -13.94 -10.60
CA ARG L 131 -8.96 -14.55 -11.80
C ARG L 131 -10.00 -14.94 -12.86
N SER L 132 -11.15 -15.42 -12.40
CA SER L 132 -12.25 -15.86 -13.29
C SER L 132 -12.74 -14.80 -14.24
N LEU L 133 -12.65 -13.51 -13.85
CA LEU L 133 -13.00 -12.42 -14.76
C LEU L 133 -12.01 -12.28 -15.95
N TYR L 134 -10.80 -12.81 -15.81
CA TYR L 134 -9.84 -12.88 -16.93
C TYR L 134 -10.39 -13.72 -18.08
N GLU L 135 -10.83 -14.93 -17.79
CA GLU L 135 -11.59 -15.75 -18.74
C GLU L 135 -12.79 -15.00 -19.31
N ASP L 136 -13.54 -14.29 -18.47
CA ASP L 136 -14.76 -13.65 -18.96
C ASP L 136 -14.39 -12.59 -20.00
N LEU L 137 -13.35 -11.79 -19.71
CA LEU L 137 -12.83 -10.79 -20.65
C LEU L 137 -12.37 -11.41 -21.96
N GLU L 138 -11.58 -12.48 -21.89
CA GLU L 138 -11.03 -13.11 -23.09
C GLU L 138 -12.08 -13.75 -23.96
N ASP L 139 -13.20 -14.13 -23.36
CA ASP L 139 -14.29 -14.75 -24.09
C ASP L 139 -15.04 -13.67 -24.90
N HIS L 140 -14.37 -13.10 -25.89
CA HIS L 140 -14.93 -12.10 -26.79
C HIS L 140 -16.17 -12.60 -27.50
N PRO L 141 -17.17 -11.72 -27.67
CA PRO L 141 -18.35 -12.14 -28.42
C PRO L 141 -17.94 -12.57 -29.81
N ASN L 142 -18.60 -13.59 -30.34
CA ASN L 142 -18.08 -14.37 -31.47
C ASN L 142 -19.27 -15.08 -32.06
N VAL L 143 -19.54 -14.79 -33.32
CA VAL L 143 -20.72 -15.33 -33.98
C VAL L 143 -20.65 -16.86 -34.01
N GLN L 144 -19.48 -17.41 -34.33
CA GLN L 144 -19.30 -18.86 -34.41
C GLN L 144 -19.65 -19.53 -33.06
N LYS L 145 -19.13 -19.01 -31.95
CA LYS L 145 -19.46 -19.56 -30.62
C LYS L 145 -20.96 -19.50 -30.32
N ASP L 146 -21.62 -18.41 -30.70
CA ASP L 146 -23.05 -18.27 -30.48
C ASP L 146 -23.87 -19.24 -31.30
N LEU L 147 -23.44 -19.50 -32.53
CA LEU L 147 -24.12 -20.46 -33.38
C LEU L 147 -24.02 -21.85 -32.76
N GLU L 148 -22.87 -22.15 -32.15
CA GLU L 148 -22.71 -23.42 -31.44
C GLU L 148 -23.72 -23.51 -30.30
N ARG L 149 -23.82 -22.47 -29.49
CA ARG L 149 -24.82 -22.43 -28.41
C ARG L 149 -26.25 -22.59 -28.90
N LEU L 150 -26.64 -21.77 -29.87
CA LEU L 150 -28.01 -21.82 -30.41
C LEU L 150 -28.32 -23.22 -30.95
N THR L 151 -27.31 -23.89 -31.51
CA THR L 151 -27.48 -25.26 -31.99
C THR L 151 -27.72 -26.26 -30.85
N GLN L 152 -27.09 -26.08 -29.70
CA GLN L 152 -27.45 -26.85 -28.49
C GLN L 152 -28.84 -26.38 -27.96
N GLU L 153 -29.88 -26.78 -28.70
CA GLU L 153 -31.24 -26.28 -28.43
C GLU L 153 -32.23 -26.88 -29.43
#